data_2L76
#
_entry.id   2L76
#
_entity_poly.entity_id   1
_entity_poly.type   'polypeptide(L)'
_entity_poly.pdbx_seq_one_letter_code
;QGQEDEVVLVEGPTLPETPRLFPLKIRCRADLVRLPLRMSEPLQSVVDHMATHLGVSPSRILLLFGETELSPTATPRTLK
LGVADIIDCVVLTSS
;
_entity_poly.pdbx_strand_id   A
#
# COMPACT_ATOMS: atom_id res chain seq x y z
N GLN A 1 13.61 -5.88 -27.99
CA GLN A 1 12.76 -6.98 -27.48
C GLN A 1 12.36 -6.70 -26.03
N GLY A 2 11.13 -6.17 -25.85
CA GLY A 2 10.60 -5.84 -24.53
C GLY A 2 9.50 -4.79 -24.61
N GLN A 3 8.35 -5.18 -25.20
CA GLN A 3 7.16 -4.32 -25.32
C GLN A 3 6.37 -4.39 -24.00
N GLU A 4 6.81 -3.59 -23.02
CA GLU A 4 6.24 -3.58 -21.66
C GLU A 4 5.26 -2.42 -21.50
N ASP A 5 3.95 -2.70 -21.69
CA ASP A 5 2.86 -1.72 -21.48
C ASP A 5 1.51 -2.44 -21.60
N GLU A 6 0.45 -1.78 -21.10
CA GLU A 6 -0.92 -2.30 -21.12
C GLU A 6 -1.87 -1.14 -21.50
N VAL A 7 -2.57 -1.29 -22.64
CA VAL A 7 -3.47 -0.26 -23.18
C VAL A 7 -4.81 -0.23 -22.41
N VAL A 8 -4.79 0.46 -21.24
CA VAL A 8 -5.98 0.64 -20.39
C VAL A 8 -6.74 1.91 -20.85
N LEU A 9 -7.22 1.83 -22.10
CA LEU A 9 -7.94 2.91 -22.79
C LEU A 9 -8.48 2.34 -24.11
N VAL A 10 -9.67 2.85 -24.55
CA VAL A 10 -10.38 2.37 -25.76
C VAL A 10 -10.74 0.87 -25.59
N GLU A 11 -11.93 0.63 -24.97
CA GLU A 11 -12.41 -0.69 -24.52
C GLU A 11 -11.63 -1.17 -23.27
N GLY A 12 -12.36 -1.78 -22.32
CA GLY A 12 -11.77 -2.39 -21.12
C GLY A 12 -12.04 -3.89 -21.08
N PRO A 13 -11.20 -4.74 -21.75
CA PRO A 13 -11.43 -6.21 -21.83
C PRO A 13 -11.04 -6.95 -20.53
N THR A 14 -11.34 -8.26 -20.48
CA THR A 14 -10.94 -9.13 -19.37
C THR A 14 -9.44 -9.43 -19.48
N LEU A 15 -8.64 -8.81 -18.60
CA LEU A 15 -7.18 -9.03 -18.52
C LEU A 15 -6.90 -9.94 -17.31
N PRO A 16 -6.74 -11.30 -17.51
CA PRO A 16 -6.40 -12.25 -16.41
C PRO A 16 -5.00 -12.00 -15.85
N GLU A 17 -4.10 -11.44 -16.71
CA GLU A 17 -2.77 -10.99 -16.30
C GLU A 17 -2.91 -9.75 -15.41
N THR A 18 -2.69 -9.95 -14.10
CA THR A 18 -2.62 -8.86 -13.13
C THR A 18 -1.30 -8.06 -13.30
N PRO A 19 -1.25 -6.78 -12.82
CA PRO A 19 0.03 -5.99 -12.76
C PRO A 19 1.08 -6.68 -11.87
N ARG A 20 2.33 -6.21 -11.92
CA ARG A 20 3.41 -6.77 -11.11
C ARG A 20 3.39 -6.10 -9.72
N LEU A 21 2.65 -6.74 -8.81
CA LEU A 21 2.59 -6.35 -7.38
C LEU A 21 3.81 -6.94 -6.65
N PHE A 22 3.99 -6.55 -5.37
CA PHE A 22 5.04 -7.09 -4.50
C PHE A 22 4.53 -7.09 -3.05
N PRO A 23 5.03 -8.02 -2.16
CA PRO A 23 4.69 -8.00 -0.72
C PRO A 23 5.34 -6.79 0.00
N LEU A 24 4.55 -5.69 0.10
CA LEU A 24 4.92 -4.48 0.86
C LEU A 24 5.12 -4.89 2.34
N LYS A 25 6.28 -4.53 2.90
CA LYS A 25 6.63 -4.87 4.28
C LYS A 25 6.20 -3.73 5.23
N ILE A 26 5.10 -3.95 5.97
CA ILE A 26 4.62 -3.03 7.00
C ILE A 26 5.02 -3.60 8.38
N ARG A 27 5.33 -2.72 9.33
CA ARG A 27 5.57 -3.12 10.72
C ARG A 27 4.39 -2.69 11.59
N CYS A 28 3.74 -3.69 12.20
CA CYS A 28 2.68 -3.50 13.20
C CYS A 28 3.30 -3.03 14.54
N ARG A 29 2.58 -3.23 15.67
CA ARG A 29 3.06 -2.82 17.02
C ARG A 29 4.34 -3.60 17.44
N ALA A 30 4.46 -4.87 16.97
CA ALA A 30 5.57 -5.77 17.37
C ALA A 30 5.77 -6.94 16.38
N ASP A 31 5.31 -6.76 15.12
CA ASP A 31 5.29 -7.86 14.12
C ASP A 31 5.39 -7.30 12.69
N LEU A 32 5.75 -8.15 11.71
CA LEU A 32 5.81 -7.78 10.28
C LEU A 32 4.65 -8.42 9.50
N VAL A 33 3.94 -7.58 8.73
CA VAL A 33 2.86 -7.99 7.82
C VAL A 33 3.29 -7.67 6.37
N ARG A 34 3.01 -8.59 5.43
CA ARG A 34 3.22 -8.37 3.98
C ARG A 34 1.88 -8.42 3.25
N LEU A 35 1.58 -7.42 2.40
CA LEU A 35 0.38 -7.45 1.53
C LEU A 35 0.78 -7.17 0.06
N PRO A 36 0.10 -7.82 -0.95
CA PRO A 36 0.39 -7.57 -2.38
C PRO A 36 -0.12 -6.19 -2.81
N LEU A 37 0.82 -5.33 -3.23
CA LEU A 37 0.56 -3.92 -3.57
C LEU A 37 1.46 -3.49 -4.75
N ARG A 38 0.94 -2.57 -5.57
CA ARG A 38 1.66 -1.97 -6.72
C ARG A 38 2.49 -0.76 -6.24
N MET A 39 3.61 -0.45 -6.93
CA MET A 39 4.43 0.73 -6.58
C MET A 39 3.63 2.03 -6.88
N SER A 40 2.78 1.93 -7.91
CA SER A 40 1.86 3.01 -8.35
C SER A 40 0.63 3.14 -7.42
N GLU A 41 0.35 2.08 -6.65
CA GLU A 41 -0.76 2.06 -5.65
C GLU A 41 -0.37 2.99 -4.48
N PRO A 42 -1.25 3.97 -4.07
CA PRO A 42 -0.99 4.81 -2.88
C PRO A 42 -1.00 3.98 -1.59
N LEU A 43 -0.42 4.53 -0.51
CA LEU A 43 -0.32 3.84 0.80
C LEU A 43 -1.69 3.59 1.42
N GLN A 44 -2.76 4.20 0.87
CA GLN A 44 -4.14 3.99 1.33
C GLN A 44 -4.51 2.49 1.39
N SER A 45 -3.85 1.68 0.54
CA SER A 45 -3.95 0.22 0.55
C SER A 45 -3.47 -0.37 1.91
N VAL A 46 -2.22 -0.05 2.30
CA VAL A 46 -1.62 -0.55 3.56
C VAL A 46 -2.31 0.09 4.78
N VAL A 47 -2.79 1.34 4.60
CA VAL A 47 -3.49 2.11 5.64
C VAL A 47 -4.81 1.42 6.03
N ASP A 48 -5.62 1.12 5.00
CA ASP A 48 -6.94 0.48 5.15
C ASP A 48 -6.80 -0.92 5.78
N HIS A 49 -5.80 -1.67 5.30
CA HIS A 49 -5.54 -3.05 5.72
C HIS A 49 -5.07 -3.11 7.18
N MET A 50 -4.13 -2.22 7.53
CA MET A 50 -3.59 -2.12 8.91
C MET A 50 -4.64 -1.60 9.88
N ALA A 51 -5.54 -0.72 9.38
CA ALA A 51 -6.66 -0.17 10.17
C ALA A 51 -7.64 -1.28 10.58
N THR A 52 -7.94 -2.16 9.62
CA THR A 52 -8.81 -3.33 9.82
C THR A 52 -8.13 -4.37 10.75
N HIS A 53 -6.79 -4.42 10.67
CA HIS A 53 -5.95 -5.33 11.47
C HIS A 53 -5.86 -4.88 12.95
N LEU A 54 -5.76 -3.56 13.16
CA LEU A 54 -5.60 -2.94 14.50
C LEU A 54 -6.95 -2.54 15.10
N GLY A 55 -8.03 -2.63 14.29
CA GLY A 55 -9.40 -2.31 14.73
C GLY A 55 -9.68 -0.81 14.85
N VAL A 56 -8.86 -0.01 14.15
CA VAL A 56 -8.94 1.47 14.17
C VAL A 56 -9.40 2.02 12.81
N SER A 57 -9.57 3.35 12.73
CA SER A 57 -9.92 4.04 11.48
C SER A 57 -8.65 4.24 10.61
N PRO A 58 -8.76 4.13 9.23
CA PRO A 58 -7.64 4.45 8.30
C PRO A 58 -7.06 5.88 8.53
N SER A 59 -7.89 6.82 9.02
CA SER A 59 -7.47 8.21 9.27
C SER A 59 -6.39 8.29 10.38
N ARG A 60 -6.41 7.31 11.30
CA ARG A 60 -5.51 7.27 12.46
C ARG A 60 -4.13 6.67 12.10
N ILE A 61 -4.07 5.92 10.97
CA ILE A 61 -2.84 5.23 10.53
C ILE A 61 -1.84 6.23 9.89
N LEU A 62 -0.61 6.24 10.41
CA LEU A 62 0.50 7.04 9.88
C LEU A 62 1.69 6.10 9.62
N LEU A 63 2.16 6.02 8.36
CA LEU A 63 3.33 5.21 8.00
C LEU A 63 4.59 6.04 8.23
N LEU A 64 5.60 5.43 8.85
CA LEU A 64 6.85 6.09 9.23
C LEU A 64 8.05 5.19 8.90
N PHE A 65 8.80 5.55 7.85
CA PHE A 65 10.04 4.83 7.48
C PHE A 65 11.21 5.42 8.27
N GLY A 66 11.54 4.80 9.40
CA GLY A 66 12.64 5.21 10.25
C GLY A 66 12.32 6.47 11.04
N GLU A 67 12.44 7.65 10.37
CA GLU A 67 12.21 8.97 10.99
C GLU A 67 11.38 9.89 10.08
N THR A 68 11.07 9.44 8.84
CA THR A 68 10.32 10.27 7.86
C THR A 68 8.80 10.04 8.01
N GLU A 69 8.02 11.09 7.71
CA GLU A 69 6.56 11.06 7.85
C GLU A 69 5.94 10.81 6.47
N LEU A 70 5.34 9.62 6.30
CA LEU A 70 4.64 9.23 5.05
C LEU A 70 3.14 9.52 5.17
N SER A 71 2.43 9.47 4.04
CA SER A 71 0.98 9.78 3.98
C SER A 71 0.23 8.70 3.15
N PRO A 72 -1.11 8.48 3.38
CA PRO A 72 -1.92 7.50 2.58
C PRO A 72 -1.93 7.80 1.06
N THR A 73 -1.75 9.08 0.73
CA THR A 73 -1.75 9.56 -0.67
C THR A 73 -0.39 9.26 -1.36
N ALA A 74 0.69 9.21 -0.57
CA ALA A 74 2.07 8.94 -1.04
C ALA A 74 2.19 7.50 -1.58
N THR A 75 2.98 7.30 -2.66
CA THR A 75 3.15 6.00 -3.33
C THR A 75 4.55 5.42 -3.05
N PRO A 76 4.64 4.08 -2.72
CA PRO A 76 5.91 3.33 -2.56
C PRO A 76 6.93 3.53 -3.70
N ARG A 77 6.45 3.93 -4.89
CA ARG A 77 7.30 4.27 -6.05
C ARG A 77 8.27 5.43 -5.71
N THR A 78 7.68 6.61 -5.40
CA THR A 78 8.47 7.82 -5.08
C THR A 78 9.20 7.67 -3.73
N LEU A 79 8.60 6.89 -2.82
CA LEU A 79 9.15 6.66 -1.48
C LEU A 79 10.28 5.62 -1.49
N LYS A 80 10.37 4.82 -2.59
CA LYS A 80 11.36 3.74 -2.76
C LYS A 80 11.15 2.61 -1.69
N LEU A 81 9.88 2.30 -1.40
CA LEU A 81 9.50 1.19 -0.49
C LEU A 81 9.60 -0.16 -1.23
N GLY A 82 9.65 -1.25 -0.46
CA GLY A 82 9.89 -2.57 -1.02
C GLY A 82 9.58 -3.69 -0.05
N VAL A 83 10.14 -4.88 -0.34
CA VAL A 83 9.97 -6.10 0.47
C VAL A 83 10.86 -6.06 1.72
N ALA A 84 12.03 -5.40 1.61
CA ALA A 84 12.99 -5.24 2.73
C ALA A 84 12.83 -3.85 3.37
N ASP A 85 12.19 -2.92 2.64
CA ASP A 85 12.02 -1.53 3.08
C ASP A 85 10.72 -1.45 3.91
N ILE A 86 10.89 -1.26 5.24
CA ILE A 86 9.80 -1.46 6.23
C ILE A 86 9.24 -0.13 6.74
N ILE A 87 7.90 0.00 6.80
CA ILE A 87 7.22 1.23 7.26
C ILE A 87 6.35 0.97 8.50
N ASP A 88 6.57 1.76 9.55
CA ASP A 88 5.86 1.63 10.85
C ASP A 88 4.43 2.19 10.77
N CYS A 89 3.45 1.31 10.95
CA CYS A 89 2.04 1.68 11.04
C CYS A 89 1.71 2.13 12.49
N VAL A 90 1.70 3.45 12.71
CA VAL A 90 1.48 4.05 14.04
C VAL A 90 0.10 4.71 14.10
N VAL A 91 -0.71 4.31 15.10
CA VAL A 91 -2.05 4.88 15.33
C VAL A 91 -1.93 6.15 16.19
N LEU A 92 -2.20 7.32 15.58
CA LEU A 92 -2.18 8.62 16.28
C LEU A 92 -3.61 9.10 16.59
N THR A 93 -3.68 10.15 17.42
CA THR A 93 -4.91 10.88 17.74
C THR A 93 -5.19 11.92 16.63
N SER A 94 -5.63 11.44 15.46
CA SER A 94 -5.89 12.28 14.28
C SER A 94 -7.21 13.07 14.47
N SER A 95 -7.08 14.31 14.97
CA SER A 95 -8.20 15.21 15.29
C SER A 95 -7.82 16.66 14.91
N GLN A 1 13.24 -11.71 -14.75
CA GLN A 1 12.57 -12.77 -15.53
C GLN A 1 12.19 -12.24 -16.91
N GLY A 2 12.60 -12.97 -17.98
CA GLY A 2 12.39 -12.52 -19.36
C GLY A 2 13.36 -11.40 -19.74
N GLN A 3 14.65 -11.78 -19.86
CA GLN A 3 15.75 -10.84 -20.22
C GLN A 3 15.52 -10.22 -21.63
N GLU A 4 14.88 -11.00 -22.50
CA GLU A 4 14.46 -10.56 -23.84
C GLU A 4 12.92 -10.51 -23.87
N ASP A 5 12.38 -9.42 -23.31
CA ASP A 5 10.92 -9.16 -23.29
C ASP A 5 10.61 -8.02 -24.27
N GLU A 6 10.22 -8.40 -25.50
CA GLU A 6 9.85 -7.43 -26.56
C GLU A 6 8.38 -7.03 -26.42
N VAL A 7 8.12 -5.71 -26.56
CA VAL A 7 6.78 -5.12 -26.35
C VAL A 7 5.82 -5.48 -27.51
N VAL A 8 4.92 -6.44 -27.22
CA VAL A 8 3.87 -6.89 -28.15
C VAL A 8 2.52 -6.90 -27.41
N LEU A 9 1.52 -6.19 -27.98
CA LEU A 9 0.15 -6.13 -27.44
C LEU A 9 -0.76 -5.61 -28.56
N VAL A 10 -1.08 -6.51 -29.51
CA VAL A 10 -1.95 -6.20 -30.65
C VAL A 10 -3.26 -7.00 -30.51
N GLU A 11 -4.38 -6.27 -30.33
CA GLU A 11 -5.75 -6.83 -30.25
C GLU A 11 -5.98 -7.68 -28.99
N GLY A 12 -7.07 -7.38 -28.25
CA GLY A 12 -7.45 -8.14 -27.05
C GLY A 12 -7.86 -7.21 -25.91
N PRO A 13 -9.20 -6.98 -25.69
CA PRO A 13 -9.70 -6.18 -24.54
C PRO A 13 -9.41 -6.90 -23.20
N THR A 14 -9.12 -6.09 -22.15
CA THR A 14 -8.67 -6.57 -20.82
C THR A 14 -7.21 -7.05 -20.86
N LEU A 15 -6.49 -6.82 -19.75
CA LEU A 15 -5.12 -7.36 -19.55
C LEU A 15 -5.22 -8.63 -18.67
N PRO A 16 -5.21 -9.87 -19.30
CA PRO A 16 -5.29 -11.16 -18.56
C PRO A 16 -4.07 -11.41 -17.63
N GLU A 17 -3.04 -10.58 -17.78
CA GLU A 17 -1.84 -10.57 -16.93
C GLU A 17 -2.22 -10.15 -15.49
N THR A 18 -1.83 -10.96 -14.51
CA THR A 18 -1.92 -10.58 -13.10
C THR A 18 -0.95 -9.41 -12.80
N PRO A 19 -1.46 -8.23 -12.30
CA PRO A 19 -0.58 -7.09 -11.91
C PRO A 19 0.39 -7.55 -10.82
N ARG A 20 1.68 -7.65 -11.16
CA ARG A 20 2.69 -8.30 -10.32
C ARG A 20 3.00 -7.43 -9.09
N LEU A 21 2.28 -7.70 -7.99
CA LEU A 21 2.44 -6.98 -6.72
C LEU A 21 3.70 -7.48 -6.00
N PHE A 22 4.29 -6.63 -5.16
CA PHE A 22 5.41 -7.02 -4.28
C PHE A 22 4.92 -6.95 -2.81
N PRO A 23 5.47 -7.82 -1.90
CA PRO A 23 5.14 -7.76 -0.45
C PRO A 23 5.70 -6.48 0.22
N LEU A 24 4.84 -5.45 0.35
CA LEU A 24 5.14 -4.24 1.12
C LEU A 24 5.18 -4.65 2.60
N LYS A 25 6.33 -4.46 3.26
CA LYS A 25 6.51 -4.85 4.66
C LYS A 25 6.28 -3.65 5.60
N ILE A 26 5.16 -3.72 6.33
CA ILE A 26 4.75 -2.75 7.34
C ILE A 26 5.08 -3.33 8.72
N ARG A 27 5.50 -2.48 9.66
CA ARG A 27 5.82 -2.88 11.03
C ARG A 27 4.71 -2.41 11.97
N CYS A 28 3.78 -3.32 12.26
CA CYS A 28 2.75 -3.15 13.29
C CYS A 28 3.39 -3.25 14.69
N ARG A 29 2.55 -3.09 15.72
CA ARG A 29 2.97 -3.21 17.12
C ARG A 29 3.55 -4.62 17.44
N ALA A 30 3.06 -5.66 16.74
CA ALA A 30 3.48 -7.06 16.99
C ALA A 30 3.46 -7.91 15.70
N ASP A 31 3.37 -7.25 14.51
CA ASP A 31 3.22 -7.95 13.21
C ASP A 31 4.12 -7.30 12.15
N LEU A 32 4.91 -8.13 11.44
CA LEU A 32 5.57 -7.71 10.18
C LEU A 32 4.69 -8.16 9.01
N VAL A 33 3.79 -7.26 8.60
CA VAL A 33 2.78 -7.53 7.55
C VAL A 33 3.43 -7.32 6.18
N ARG A 34 3.40 -8.35 5.34
CA ARG A 34 3.98 -8.28 3.98
C ARG A 34 2.85 -8.44 2.96
N LEU A 35 2.04 -7.39 2.76
CA LEU A 35 0.83 -7.48 1.92
C LEU A 35 1.17 -7.24 0.44
N PRO A 36 0.44 -7.90 -0.53
CA PRO A 36 0.64 -7.65 -1.97
C PRO A 36 0.13 -6.24 -2.36
N LEU A 37 1.06 -5.40 -2.85
CA LEU A 37 0.78 -4.01 -3.24
C LEU A 37 1.60 -3.63 -4.50
N ARG A 38 1.02 -2.74 -5.33
CA ARG A 38 1.70 -2.17 -6.52
C ARG A 38 2.27 -0.78 -6.15
N MET A 39 3.46 -0.42 -6.70
CA MET A 39 4.14 0.85 -6.37
C MET A 39 3.29 2.08 -6.75
N SER A 40 2.61 1.98 -7.90
CA SER A 40 1.72 3.04 -8.42
C SER A 40 0.47 3.21 -7.53
N GLU A 41 0.10 2.13 -6.82
CA GLU A 41 -0.99 2.15 -5.83
C GLU A 41 -0.45 2.82 -4.55
N PRO A 42 -1.11 3.89 -4.01
CA PRO A 42 -0.61 4.62 -2.81
C PRO A 42 -0.62 3.78 -1.52
N LEU A 43 -0.07 4.37 -0.45
CA LEU A 43 0.01 3.74 0.87
C LEU A 43 -1.39 3.54 1.48
N GLN A 44 -2.43 4.16 0.90
CA GLN A 44 -3.82 4.00 1.36
C GLN A 44 -4.25 2.50 1.36
N SER A 45 -3.56 1.69 0.54
CA SER A 45 -3.73 0.24 0.49
C SER A 45 -3.21 -0.43 1.79
N VAL A 46 -1.97 -0.05 2.23
CA VAL A 46 -1.39 -0.58 3.49
C VAL A 46 -2.16 -0.01 4.69
N VAL A 47 -2.60 1.25 4.56
CA VAL A 47 -3.37 1.97 5.58
C VAL A 47 -4.72 1.29 5.84
N ASP A 48 -5.39 0.89 4.75
CA ASP A 48 -6.71 0.24 4.79
C ASP A 48 -6.61 -1.11 5.52
N HIS A 49 -5.56 -1.88 5.15
CA HIS A 49 -5.26 -3.20 5.74
C HIS A 49 -4.95 -3.07 7.24
N MET A 50 -4.03 -2.14 7.58
CA MET A 50 -3.52 -1.96 8.96
C MET A 50 -4.62 -1.42 9.87
N ALA A 51 -5.51 -0.59 9.31
CA ALA A 51 -6.66 -0.04 10.02
C ALA A 51 -7.64 -1.15 10.40
N THR A 52 -7.95 -2.03 9.44
CA THR A 52 -8.84 -3.19 9.64
C THR A 52 -8.21 -4.20 10.64
N HIS A 53 -6.88 -4.36 10.54
CA HIS A 53 -6.09 -5.29 11.38
C HIS A 53 -6.07 -4.83 12.86
N LEU A 54 -5.98 -3.51 13.05
CA LEU A 54 -5.92 -2.88 14.40
C LEU A 54 -7.31 -2.41 14.86
N GLY A 55 -8.32 -2.55 13.97
CA GLY A 55 -9.72 -2.19 14.27
C GLY A 55 -9.98 -0.69 14.36
N VAL A 56 -9.00 0.10 13.87
CA VAL A 56 -9.05 1.57 13.89
C VAL A 56 -9.44 2.12 12.50
N SER A 57 -9.66 3.44 12.41
CA SER A 57 -10.00 4.12 11.17
C SER A 57 -8.72 4.35 10.32
N PRO A 58 -8.82 4.41 8.93
CA PRO A 58 -7.67 4.68 8.04
C PRO A 58 -6.94 6.00 8.36
N SER A 59 -7.67 6.99 8.91
CA SER A 59 -7.09 8.31 9.26
C SER A 59 -6.12 8.20 10.46
N ARG A 60 -6.22 7.10 11.22
CA ARG A 60 -5.46 6.91 12.46
C ARG A 60 -4.10 6.21 12.20
N ILE A 61 -3.92 5.66 10.99
CA ILE A 61 -2.68 4.95 10.60
C ILE A 61 -1.65 5.96 10.03
N LEU A 62 -0.51 6.09 10.73
CA LEU A 62 0.62 6.91 10.28
C LEU A 62 1.82 6.00 9.96
N LEU A 63 2.29 6.03 8.71
CA LEU A 63 3.47 5.26 8.27
C LEU A 63 4.72 6.12 8.44
N LEU A 64 5.79 5.51 8.97
CA LEU A 64 7.07 6.20 9.25
C LEU A 64 8.24 5.34 8.75
N PHE A 65 8.88 5.76 7.64
CA PHE A 65 9.99 5.01 7.03
C PHE A 65 11.30 5.41 7.71
N GLY A 66 11.65 4.68 8.78
CA GLY A 66 12.86 4.94 9.57
C GLY A 66 12.78 6.29 10.27
N GLU A 67 13.25 7.35 9.56
CA GLU A 67 13.21 8.74 10.03
C GLU A 67 12.61 9.63 8.95
N THR A 68 11.29 9.47 8.73
CA THR A 68 10.49 10.37 7.88
C THR A 68 8.99 10.04 8.07
N GLU A 69 8.14 11.07 7.89
CA GLU A 69 6.67 10.91 7.99
C GLU A 69 6.10 10.63 6.60
N LEU A 70 5.20 9.63 6.52
CA LEU A 70 4.55 9.24 5.26
C LEU A 70 3.02 9.46 5.34
N SER A 71 2.42 9.75 4.17
CA SER A 71 0.97 9.98 4.04
C SER A 71 0.30 8.79 3.31
N PRO A 72 -1.02 8.47 3.61
CA PRO A 72 -1.81 7.46 2.86
C PRO A 72 -1.87 7.75 1.34
N THR A 73 -2.02 9.04 0.99
CA THR A 73 -2.14 9.48 -0.41
C THR A 73 -0.79 9.46 -1.15
N ALA A 74 0.32 9.43 -0.39
CA ALA A 74 1.68 9.27 -0.95
C ALA A 74 1.89 7.82 -1.41
N THR A 75 2.60 7.63 -2.53
CA THR A 75 2.81 6.30 -3.12
C THR A 75 4.19 5.74 -2.71
N PRO A 76 4.31 4.39 -2.53
CA PRO A 76 5.62 3.72 -2.38
C PRO A 76 6.51 3.88 -3.63
N ARG A 77 5.90 4.32 -4.76
CA ARG A 77 6.62 4.67 -5.99
C ARG A 77 7.60 5.84 -5.73
N THR A 78 7.05 6.99 -5.26
CA THR A 78 7.86 8.20 -5.00
C THR A 78 8.85 8.00 -3.83
N LEU A 79 8.44 7.16 -2.85
CA LEU A 79 9.27 6.82 -1.69
C LEU A 79 10.33 5.76 -2.05
N LYS A 80 10.06 5.04 -3.16
CA LYS A 80 10.85 3.90 -3.64
C LYS A 80 11.01 2.82 -2.55
N LEU A 81 9.87 2.25 -2.15
CA LEU A 81 9.79 1.18 -1.15
C LEU A 81 9.90 -0.19 -1.83
N GLY A 82 10.05 -1.25 -1.02
CA GLY A 82 10.35 -2.58 -1.51
C GLY A 82 10.06 -3.65 -0.47
N VAL A 83 10.66 -4.83 -0.69
CA VAL A 83 10.46 -6.02 0.16
C VAL A 83 11.22 -5.93 1.50
N ALA A 84 12.24 -5.05 1.54
CA ALA A 84 13.10 -4.83 2.73
C ALA A 84 12.86 -3.44 3.33
N ASP A 85 12.26 -2.51 2.55
CA ASP A 85 11.94 -1.15 3.05
C ASP A 85 10.70 -1.23 3.98
N ILE A 86 10.97 -1.21 5.29
CA ILE A 86 9.93 -1.36 6.33
C ILE A 86 9.43 0.01 6.81
N ILE A 87 8.10 0.16 6.92
CA ILE A 87 7.45 1.41 7.37
C ILE A 87 6.58 1.14 8.62
N ASP A 88 6.81 1.94 9.68
CA ASP A 88 6.16 1.78 10.99
C ASP A 88 4.69 2.23 10.96
N CYS A 89 3.77 1.35 11.41
CA CYS A 89 2.34 1.64 11.55
C CYS A 89 2.04 2.11 12.98
N VAL A 90 2.06 3.44 13.19
CA VAL A 90 1.74 4.08 14.48
C VAL A 90 0.29 4.61 14.44
N VAL A 91 -0.54 4.15 15.38
CA VAL A 91 -1.94 4.60 15.50
C VAL A 91 -2.01 5.85 16.41
N LEU A 92 -2.38 6.98 15.79
CA LEU A 92 -2.69 8.24 16.48
C LEU A 92 -4.20 8.43 16.51
N THR A 93 -4.70 9.28 17.43
CA THR A 93 -6.13 9.62 17.50
C THR A 93 -6.46 10.66 16.41
N SER A 94 -6.81 10.13 15.20
CA SER A 94 -7.11 10.92 13.97
C SER A 94 -5.83 11.53 13.33
N SER A 95 -5.89 11.85 12.03
CA SER A 95 -4.81 12.56 11.32
C SER A 95 -5.11 14.07 11.31
N GLN A 1 4.97 0.43 -31.80
CA GLN A 1 4.51 0.87 -33.12
C GLN A 1 3.19 1.62 -32.97
N GLY A 2 3.18 2.92 -33.37
CA GLY A 2 1.99 3.77 -33.33
C GLY A 2 1.12 3.61 -34.57
N GLN A 3 0.69 2.37 -34.83
CA GLN A 3 -0.09 2.00 -36.03
C GLN A 3 -1.61 2.22 -35.85
N GLU A 4 -2.00 2.85 -34.73
CA GLU A 4 -3.42 3.08 -34.39
C GLU A 4 -4.00 4.21 -35.28
N ASP A 5 -4.39 3.82 -36.50
CA ASP A 5 -4.99 4.73 -37.51
C ASP A 5 -6.23 4.05 -38.07
N GLU A 6 -7.26 3.96 -37.21
CA GLU A 6 -8.49 3.21 -37.48
C GLU A 6 -9.54 3.61 -36.42
N VAL A 7 -10.83 3.42 -36.74
CA VAL A 7 -11.96 3.71 -35.82
C VAL A 7 -12.20 2.54 -34.83
N VAL A 8 -11.10 1.99 -34.29
CA VAL A 8 -11.09 0.83 -33.39
C VAL A 8 -11.47 1.27 -31.95
N LEU A 9 -12.78 1.21 -31.66
CA LEU A 9 -13.33 1.62 -30.36
C LEU A 9 -13.24 0.44 -29.37
N VAL A 10 -12.04 0.32 -28.75
CA VAL A 10 -11.77 -0.65 -27.67
C VAL A 10 -10.41 -0.30 -27.00
N GLU A 11 -10.41 -0.21 -25.66
CA GLU A 11 -9.22 0.10 -24.84
C GLU A 11 -9.31 -0.65 -23.51
N GLY A 12 -8.23 -1.38 -23.17
CA GLY A 12 -8.18 -2.23 -21.97
C GLY A 12 -9.32 -3.25 -21.94
N PRO A 13 -9.37 -4.23 -22.92
CA PRO A 13 -10.46 -5.23 -23.01
C PRO A 13 -10.27 -6.33 -21.94
N THR A 14 -10.53 -5.95 -20.67
CA THR A 14 -10.15 -6.71 -19.46
C THR A 14 -8.60 -6.68 -19.28
N LEU A 15 -8.11 -6.87 -18.03
CA LEU A 15 -6.66 -7.01 -17.76
C LEU A 15 -6.35 -8.47 -17.39
N PRO A 16 -5.96 -9.34 -18.41
CA PRO A 16 -5.42 -10.70 -18.12
C PRO A 16 -4.01 -10.63 -17.49
N GLU A 17 -3.38 -9.44 -17.66
CA GLU A 17 -2.07 -9.10 -17.12
C GLU A 17 -2.27 -8.02 -16.04
N THR A 18 -2.18 -8.42 -14.77
CA THR A 18 -2.26 -7.48 -13.62
C THR A 18 -0.90 -6.79 -13.39
N PRO A 19 -0.90 -5.49 -12.96
CA PRO A 19 0.35 -4.78 -12.57
C PRO A 19 0.98 -5.46 -11.33
N ARG A 20 2.22 -5.99 -11.53
CA ARG A 20 2.88 -6.94 -10.61
C ARG A 20 3.00 -6.38 -9.18
N LEU A 21 2.49 -7.17 -8.22
CA LEU A 21 2.40 -6.79 -6.81
C LEU A 21 3.51 -7.48 -6.00
N PHE A 22 4.22 -6.69 -5.20
CA PHE A 22 5.27 -7.19 -4.30
C PHE A 22 4.76 -7.14 -2.83
N PRO A 23 5.20 -8.08 -1.93
CA PRO A 23 4.87 -8.02 -0.50
C PRO A 23 5.49 -6.77 0.18
N LEU A 24 4.67 -5.70 0.29
CA LEU A 24 5.04 -4.47 1.02
C LEU A 24 5.22 -4.86 2.51
N LYS A 25 6.36 -4.44 3.08
CA LYS A 25 6.73 -4.75 4.47
C LYS A 25 6.29 -3.62 5.41
N ILE A 26 5.24 -3.89 6.20
CA ILE A 26 4.74 -2.98 7.22
C ILE A 26 5.14 -3.54 8.59
N ARG A 27 5.70 -2.70 9.47
CA ARG A 27 5.95 -3.07 10.88
C ARG A 27 4.74 -2.66 11.71
N CYS A 28 3.99 -3.65 12.21
CA CYS A 28 2.79 -3.40 13.03
C CYS A 28 3.21 -2.96 14.46
N ARG A 29 2.24 -2.96 15.39
CA ARG A 29 2.47 -2.73 16.82
C ARG A 29 3.55 -3.69 17.42
N ALA A 30 3.72 -4.89 16.82
CA ALA A 30 4.67 -5.89 17.32
C ALA A 30 5.40 -6.59 16.16
N ASP A 31 4.65 -7.30 15.31
CA ASP A 31 5.21 -8.20 14.26
C ASP A 31 5.03 -7.60 12.85
N LEU A 32 5.79 -8.13 11.87
CA LEU A 32 5.75 -7.66 10.47
C LEU A 32 4.53 -8.21 9.71
N VAL A 33 3.77 -7.29 9.09
CA VAL A 33 2.68 -7.62 8.16
C VAL A 33 3.22 -7.46 6.72
N ARG A 34 2.84 -8.37 5.84
CA ARG A 34 3.22 -8.34 4.41
C ARG A 34 1.97 -8.47 3.56
N LEU A 35 1.70 -7.49 2.67
CA LEU A 35 0.54 -7.55 1.76
C LEU A 35 0.96 -7.24 0.31
N PRO A 36 0.41 -7.97 -0.72
CA PRO A 36 0.76 -7.75 -2.14
C PRO A 36 0.17 -6.41 -2.63
N LEU A 37 1.05 -5.42 -2.84
CA LEU A 37 0.68 -4.05 -3.23
C LEU A 37 1.43 -3.64 -4.52
N ARG A 38 0.80 -2.74 -5.28
CA ARG A 38 1.34 -2.22 -6.56
C ARG A 38 2.20 -0.96 -6.29
N MET A 39 3.18 -0.67 -7.16
CA MET A 39 4.03 0.53 -7.02
C MET A 39 3.22 1.81 -7.22
N SER A 40 2.35 1.82 -8.25
CA SER A 40 1.45 2.95 -8.57
C SER A 40 0.32 3.10 -7.52
N GLU A 41 0.05 2.02 -6.77
CA GLU A 41 -0.93 2.01 -5.67
C GLU A 41 -0.42 2.95 -4.55
N PRO A 42 -1.23 3.96 -4.09
CA PRO A 42 -0.86 4.77 -2.91
C PRO A 42 -0.81 3.92 -1.62
N LEU A 43 -0.26 4.49 -0.54
CA LEU A 43 -0.12 3.80 0.75
C LEU A 43 -1.49 3.49 1.35
N GLN A 44 -2.56 4.13 0.86
CA GLN A 44 -3.94 3.91 1.33
C GLN A 44 -4.33 2.40 1.32
N SER A 45 -3.64 1.60 0.49
CA SER A 45 -3.72 0.12 0.53
C SER A 45 -3.29 -0.41 1.91
N VAL A 46 -2.03 -0.12 2.32
CA VAL A 46 -1.47 -0.58 3.61
C VAL A 46 -2.15 0.14 4.79
N VAL A 47 -2.60 1.39 4.56
CA VAL A 47 -3.23 2.22 5.58
C VAL A 47 -4.58 1.62 5.99
N ASP A 48 -5.42 1.32 4.97
CA ASP A 48 -6.77 0.76 5.16
C ASP A 48 -6.70 -0.69 5.65
N HIS A 49 -5.72 -1.45 5.13
CA HIS A 49 -5.54 -2.88 5.46
C HIS A 49 -5.15 -3.04 6.94
N MET A 50 -4.12 -2.27 7.35
CA MET A 50 -3.62 -2.27 8.74
C MET A 50 -4.70 -1.75 9.71
N ALA A 51 -5.46 -0.75 9.26
CA ALA A 51 -6.55 -0.15 10.04
C ALA A 51 -7.64 -1.18 10.37
N THR A 52 -8.13 -1.89 9.34
CA THR A 52 -9.18 -2.91 9.49
C THR A 52 -8.66 -4.14 10.29
N HIS A 53 -7.35 -4.41 10.15
CA HIS A 53 -6.68 -5.52 10.88
C HIS A 53 -6.53 -5.21 12.38
N LEU A 54 -6.30 -3.93 12.71
CA LEU A 54 -6.08 -3.45 14.10
C LEU A 54 -7.37 -2.92 14.73
N GLY A 55 -8.42 -2.74 13.91
CA GLY A 55 -9.74 -2.27 14.37
C GLY A 55 -9.82 -0.75 14.56
N VAL A 56 -8.85 -0.03 13.97
CA VAL A 56 -8.77 1.46 14.03
C VAL A 56 -9.09 2.07 12.66
N SER A 57 -9.19 3.42 12.60
CA SER A 57 -9.50 4.14 11.36
C SER A 57 -8.24 4.28 10.48
N PRO A 58 -8.38 4.29 9.10
CA PRO A 58 -7.26 4.62 8.18
C PRO A 58 -6.70 6.04 8.40
N SER A 59 -7.52 6.94 8.99
CA SER A 59 -7.09 8.31 9.35
C SER A 59 -6.08 8.30 10.51
N ARG A 60 -6.01 7.16 11.22
CA ARG A 60 -5.20 6.99 12.43
C ARG A 60 -3.91 6.19 12.14
N ILE A 61 -3.85 5.51 10.98
CA ILE A 61 -2.64 4.77 10.55
C ILE A 61 -1.65 5.73 9.86
N LEU A 62 -0.52 6.00 10.53
CA LEU A 62 0.54 6.88 10.01
C LEU A 62 1.81 6.05 9.76
N LEU A 63 2.23 5.93 8.50
CA LEU A 63 3.42 5.15 8.12
C LEU A 63 4.66 6.04 8.22
N LEU A 64 5.64 5.59 9.01
CA LEU A 64 6.91 6.30 9.24
C LEU A 64 8.06 5.28 9.11
N PHE A 65 8.87 5.36 8.03
CA PHE A 65 10.05 4.49 7.89
C PHE A 65 11.16 5.02 8.82
N GLY A 66 11.12 4.55 10.08
CA GLY A 66 12.08 4.94 11.11
C GLY A 66 11.91 6.41 11.50
N GLU A 67 12.56 7.30 10.74
CA GLU A 67 12.48 8.76 10.93
C GLU A 67 12.23 9.43 9.55
N THR A 68 10.99 9.32 9.08
CA THR A 68 10.49 10.03 7.89
C THR A 68 8.95 10.08 7.96
N GLU A 69 8.34 11.10 7.37
CA GLU A 69 6.88 11.31 7.43
C GLU A 69 6.24 10.90 6.09
N LEU A 70 5.40 9.84 6.11
CA LEU A 70 4.71 9.33 4.90
C LEU A 70 3.18 9.45 5.09
N SER A 71 2.48 9.78 4.00
CA SER A 71 1.01 9.96 4.00
C SER A 71 0.30 8.80 3.23
N PRO A 72 -1.04 8.56 3.46
CA PRO A 72 -1.85 7.58 2.67
C PRO A 72 -1.84 7.90 1.15
N THR A 73 -1.76 9.21 0.86
CA THR A 73 -1.75 9.74 -0.52
C THR A 73 -0.44 9.42 -1.25
N ALA A 74 0.66 9.31 -0.48
CA ALA A 74 2.00 9.00 -0.99
C ALA A 74 2.06 7.57 -1.55
N THR A 75 2.73 7.38 -2.70
CA THR A 75 2.88 6.05 -3.32
C THR A 75 4.28 5.49 -2.97
N PRO A 76 4.40 4.15 -2.68
CA PRO A 76 5.71 3.47 -2.51
C PRO A 76 6.64 3.64 -3.73
N ARG A 77 6.07 4.04 -4.88
CA ARG A 77 6.83 4.40 -6.09
C ARG A 77 7.64 5.69 -5.85
N THR A 78 6.95 6.78 -5.45
CA THR A 78 7.59 8.10 -5.23
C THR A 78 8.48 8.09 -3.97
N LEU A 79 8.20 7.15 -3.05
CA LEU A 79 8.98 6.96 -1.82
C LEU A 79 10.13 5.95 -2.03
N LYS A 80 10.02 5.17 -3.13
CA LYS A 80 11.01 4.14 -3.53
C LYS A 80 11.05 2.96 -2.50
N LEU A 81 9.91 2.67 -1.86
CA LEU A 81 9.76 1.56 -0.88
C LEU A 81 9.86 0.18 -1.57
N GLY A 82 9.91 -0.89 -0.76
CA GLY A 82 10.06 -2.25 -1.28
C GLY A 82 9.80 -3.31 -0.22
N VAL A 83 10.23 -4.54 -0.53
CA VAL A 83 10.07 -5.73 0.35
C VAL A 83 11.03 -5.67 1.56
N ALA A 84 12.19 -5.02 1.37
CA ALA A 84 13.22 -4.86 2.41
C ALA A 84 12.97 -3.60 3.25
N ASP A 85 12.27 -2.61 2.64
CA ASP A 85 11.90 -1.35 3.32
C ASP A 85 10.71 -1.63 4.26
N ILE A 86 10.83 -1.18 5.53
CA ILE A 86 9.86 -1.52 6.59
C ILE A 86 9.24 -0.24 7.18
N ILE A 87 8.05 0.13 6.76
CA ILE A 87 7.36 1.33 7.25
C ILE A 87 6.53 1.02 8.53
N ASP A 88 6.78 1.81 9.59
CA ASP A 88 6.16 1.60 10.91
C ASP A 88 4.71 2.14 10.93
N CYS A 89 3.76 1.24 11.18
CA CYS A 89 2.33 1.55 11.31
C CYS A 89 2.05 2.14 12.71
N VAL A 90 2.14 3.47 12.81
CA VAL A 90 1.94 4.20 14.08
C VAL A 90 0.48 4.67 14.18
N VAL A 91 -0.29 4.07 15.10
CA VAL A 91 -1.69 4.42 15.32
C VAL A 91 -1.79 5.67 16.21
N LEU A 92 -1.91 6.83 15.55
CA LEU A 92 -2.22 8.12 16.17
C LEU A 92 -3.72 8.41 16.00
N THR A 93 -4.10 9.70 15.85
CA THR A 93 -5.47 10.11 15.50
C THR A 93 -5.43 11.45 14.73
N SER A 94 -6.45 11.71 13.90
CA SER A 94 -6.50 12.89 13.01
C SER A 94 -7.90 13.56 13.07
N SER A 95 -7.92 14.89 12.99
CA SER A 95 -9.16 15.69 13.02
C SER A 95 -8.88 17.06 12.36
N GLN A 1 -10.84 -20.74 -13.46
CA GLN A 1 -11.82 -20.17 -14.42
C GLN A 1 -11.19 -20.14 -15.83
N GLY A 2 -10.21 -19.25 -16.01
CA GLY A 2 -9.53 -19.08 -17.30
C GLY A 2 -8.46 -20.13 -17.52
N GLN A 3 -8.86 -21.26 -18.12
CA GLN A 3 -7.93 -22.33 -18.54
C GLN A 3 -6.98 -21.84 -19.64
N GLU A 4 -7.42 -20.78 -20.37
CA GLU A 4 -6.58 -20.08 -21.35
C GLU A 4 -5.43 -19.35 -20.61
N ASP A 5 -4.20 -19.80 -20.86
CA ASP A 5 -2.98 -19.19 -20.30
C ASP A 5 -2.53 -18.00 -21.16
N GLU A 6 -2.89 -18.03 -22.47
CA GLU A 6 -2.49 -17.03 -23.47
C GLU A 6 -2.79 -15.57 -23.03
N VAL A 7 -1.74 -14.71 -23.04
CA VAL A 7 -1.87 -13.29 -22.64
C VAL A 7 -2.68 -12.51 -23.71
N VAL A 8 -3.83 -11.95 -23.30
CA VAL A 8 -4.71 -11.16 -24.17
C VAL A 8 -4.49 -9.67 -23.88
N LEU A 9 -3.26 -9.19 -24.20
CA LEU A 9 -2.86 -7.80 -23.99
C LEU A 9 -3.48 -6.92 -25.09
N VAL A 10 -4.71 -6.44 -24.84
CA VAL A 10 -5.45 -5.53 -25.74
C VAL A 10 -6.19 -4.49 -24.87
N GLU A 11 -5.65 -3.27 -24.82
CA GLU A 11 -6.18 -2.17 -24.00
C GLU A 11 -7.49 -1.63 -24.63
N GLY A 12 -8.62 -2.21 -24.17
CA GLY A 12 -9.94 -1.89 -24.70
C GLY A 12 -11.04 -2.59 -23.89
N PRO A 13 -11.16 -3.96 -24.00
CA PRO A 13 -12.10 -4.77 -23.16
C PRO A 13 -11.54 -4.98 -21.74
N THR A 14 -12.00 -6.05 -21.03
CA THR A 14 -11.48 -6.39 -19.69
C THR A 14 -9.98 -6.75 -19.78
N LEU A 15 -9.19 -6.21 -18.83
CA LEU A 15 -7.75 -6.47 -18.74
C LEU A 15 -7.44 -7.35 -17.50
N PRO A 16 -7.46 -8.72 -17.65
CA PRO A 16 -7.28 -9.67 -16.53
C PRO A 16 -5.82 -9.77 -16.02
N GLU A 17 -4.84 -9.48 -16.90
CA GLU A 17 -3.41 -9.53 -16.55
C GLU A 17 -3.05 -8.29 -15.67
N THR A 18 -3.07 -8.50 -14.36
CA THR A 18 -2.80 -7.46 -13.36
C THR A 18 -1.28 -7.18 -13.29
N PRO A 19 -0.83 -5.86 -13.29
CA PRO A 19 0.60 -5.48 -13.08
C PRO A 19 1.16 -6.08 -11.77
N ARG A 20 2.47 -6.41 -11.80
CA ARG A 20 3.17 -7.16 -10.74
C ARG A 20 3.16 -6.42 -9.38
N LEU A 21 2.35 -6.93 -8.42
CA LEU A 21 2.30 -6.43 -7.04
C LEU A 21 3.40 -7.12 -6.20
N PHE A 22 4.06 -6.36 -5.33
CA PHE A 22 5.09 -6.91 -4.42
C PHE A 22 4.55 -6.90 -2.97
N PRO A 23 4.93 -7.91 -2.11
CA PRO A 23 4.62 -7.88 -0.66
C PRO A 23 5.31 -6.70 0.06
N LEU A 24 4.54 -5.61 0.27
CA LEU A 24 4.95 -4.46 1.09
C LEU A 24 5.19 -4.95 2.52
N LYS A 25 6.34 -4.60 3.10
CA LYS A 25 6.70 -4.95 4.47
C LYS A 25 6.30 -3.81 5.43
N ILE A 26 5.22 -4.02 6.16
CA ILE A 26 4.73 -3.06 7.18
C ILE A 26 5.22 -3.53 8.57
N ARG A 27 5.75 -2.59 9.36
CA ARG A 27 6.08 -2.80 10.77
C ARG A 27 4.81 -2.54 11.60
N CYS A 28 4.19 -3.61 12.12
CA CYS A 28 3.09 -3.51 13.09
C CYS A 28 3.67 -3.11 14.47
N ARG A 29 2.78 -2.90 15.46
CA ARG A 29 3.15 -2.48 16.84
C ARG A 29 4.25 -3.36 17.47
N ALA A 30 4.23 -4.68 17.17
CA ALA A 30 5.23 -5.65 17.66
C ALA A 30 5.31 -6.89 16.75
N ASP A 31 4.90 -6.73 15.49
CA ASP A 31 4.95 -7.82 14.46
C ASP A 31 5.21 -7.18 13.08
N LEU A 32 5.30 -7.99 12.03
CA LEU A 32 5.43 -7.52 10.62
C LEU A 32 4.26 -8.05 9.79
N VAL A 33 3.57 -7.12 9.11
CA VAL A 33 2.48 -7.44 8.17
C VAL A 33 3.04 -7.37 6.75
N ARG A 34 2.60 -8.29 5.87
CA ARG A 34 3.01 -8.33 4.46
C ARG A 34 1.76 -8.39 3.60
N LEU A 35 1.58 -7.43 2.67
CA LEU A 35 0.41 -7.43 1.74
C LEU A 35 0.86 -7.13 0.29
N PRO A 36 0.23 -7.78 -0.75
CA PRO A 36 0.53 -7.49 -2.16
C PRO A 36 -0.04 -6.10 -2.56
N LEU A 37 0.85 -5.21 -2.99
CA LEU A 37 0.50 -3.82 -3.36
C LEU A 37 1.33 -3.38 -4.58
N ARG A 38 0.71 -2.53 -5.44
CA ARG A 38 1.35 -1.95 -6.63
C ARG A 38 2.23 -0.76 -6.17
N MET A 39 3.36 -0.48 -6.86
CA MET A 39 4.19 0.71 -6.58
C MET A 39 3.41 1.99 -6.94
N SER A 40 2.56 1.87 -7.98
CA SER A 40 1.68 2.94 -8.48
C SER A 40 0.52 3.24 -7.51
N GLU A 41 0.10 2.20 -6.77
CA GLU A 41 -0.97 2.28 -5.75
C GLU A 41 -0.48 3.17 -4.59
N PRO A 42 -1.28 4.20 -4.13
CA PRO A 42 -0.91 5.00 -2.95
C PRO A 42 -0.90 4.15 -1.66
N LEU A 43 -0.33 4.70 -0.58
CA LEU A 43 -0.19 3.98 0.70
C LEU A 43 -1.55 3.69 1.35
N GLN A 44 -2.66 4.29 0.85
CA GLN A 44 -4.02 4.07 1.37
C GLN A 44 -4.40 2.56 1.34
N SER A 45 -3.72 1.77 0.48
CA SER A 45 -3.80 0.31 0.47
C SER A 45 -3.34 -0.26 1.84
N VAL A 46 -2.09 0.06 2.26
CA VAL A 46 -1.51 -0.43 3.53
C VAL A 46 -2.16 0.26 4.75
N VAL A 47 -2.64 1.50 4.56
CA VAL A 47 -3.28 2.31 5.62
C VAL A 47 -4.62 1.68 6.03
N ASP A 48 -5.46 1.38 5.04
CA ASP A 48 -6.80 0.79 5.24
C ASP A 48 -6.69 -0.68 5.72
N HIS A 49 -5.69 -1.40 5.19
CA HIS A 49 -5.45 -2.82 5.52
C HIS A 49 -5.04 -2.95 6.99
N MET A 50 -4.06 -2.12 7.40
CA MET A 50 -3.53 -2.09 8.78
C MET A 50 -4.60 -1.55 9.75
N ALA A 51 -5.48 -0.69 9.24
CA ALA A 51 -6.63 -0.16 10.00
C ALA A 51 -7.55 -1.31 10.43
N THR A 52 -7.92 -2.16 9.46
CA THR A 52 -8.80 -3.32 9.71
C THR A 52 -8.06 -4.41 10.53
N HIS A 53 -6.74 -4.50 10.33
CA HIS A 53 -5.86 -5.46 11.02
C HIS A 53 -5.73 -5.11 12.53
N LEU A 54 -5.71 -3.80 12.83
CA LEU A 54 -5.57 -3.26 14.21
C LEU A 54 -6.94 -2.80 14.77
N GLY A 55 -8.00 -2.88 13.92
CA GLY A 55 -9.39 -2.61 14.32
C GLY A 55 -9.73 -1.12 14.44
N VAL A 56 -8.84 -0.25 13.94
CA VAL A 56 -8.98 1.23 13.99
C VAL A 56 -9.36 1.81 12.62
N SER A 57 -9.46 3.15 12.54
CA SER A 57 -9.74 3.87 11.30
C SER A 57 -8.45 4.09 10.48
N PRO A 58 -8.54 4.11 9.11
CA PRO A 58 -7.40 4.47 8.22
C PRO A 58 -6.84 5.88 8.55
N SER A 59 -7.73 6.77 9.01
CA SER A 59 -7.37 8.17 9.35
C SER A 59 -6.49 8.25 10.62
N ARG A 60 -6.39 7.11 11.35
CA ARG A 60 -5.55 6.97 12.55
C ARG A 60 -4.18 6.35 12.20
N ILE A 61 -4.13 5.59 11.09
CA ILE A 61 -2.90 4.90 10.65
C ILE A 61 -1.93 5.89 9.96
N LEU A 62 -0.70 5.99 10.49
CA LEU A 62 0.36 6.85 9.96
C LEU A 62 1.62 6.00 9.71
N LEU A 63 2.03 5.88 8.43
CA LEU A 63 3.25 5.14 8.06
C LEU A 63 4.46 6.06 8.18
N LEU A 64 5.54 5.53 8.79
CA LEU A 64 6.78 6.28 9.09
C LEU A 64 7.99 5.43 8.66
N PHE A 65 8.76 5.89 7.67
CA PHE A 65 10.00 5.21 7.28
C PHE A 65 11.13 5.69 8.22
N GLY A 66 11.26 4.98 9.36
CA GLY A 66 12.26 5.27 10.37
C GLY A 66 11.89 6.51 11.18
N GLU A 67 12.20 7.68 10.61
CA GLU A 67 11.93 9.00 11.22
C GLU A 67 10.96 9.82 10.35
N THR A 68 11.04 9.61 9.01
CA THR A 68 10.32 10.46 8.04
C THR A 68 8.82 10.12 8.05
N GLU A 69 8.00 11.17 7.91
CA GLU A 69 6.54 11.04 8.00
C GLU A 69 5.95 10.84 6.61
N LEU A 70 5.33 9.68 6.37
CA LEU A 70 4.70 9.36 5.08
C LEU A 70 3.20 9.70 5.12
N SER A 71 2.57 9.75 3.94
CA SER A 71 1.14 10.09 3.79
C SER A 71 0.41 8.95 3.04
N PRO A 72 -0.91 8.67 3.36
CA PRO A 72 -1.73 7.69 2.60
C PRO A 72 -1.79 7.97 1.09
N THR A 73 -1.67 9.25 0.73
CA THR A 73 -1.69 9.72 -0.66
C THR A 73 -0.35 9.42 -1.38
N ALA A 74 0.76 9.40 -0.61
CA ALA A 74 2.11 9.13 -1.15
C ALA A 74 2.20 7.68 -1.68
N THR A 75 2.95 7.48 -2.79
CA THR A 75 3.08 6.16 -3.42
C THR A 75 4.43 5.51 -3.02
N PRO A 76 4.46 4.16 -2.77
CA PRO A 76 5.72 3.39 -2.57
C PRO A 76 6.73 3.53 -3.73
N ARG A 77 6.25 4.00 -4.90
CA ARG A 77 7.12 4.27 -6.05
C ARG A 77 8.07 5.46 -5.76
N THR A 78 7.48 6.61 -5.37
CA THR A 78 8.23 7.86 -5.10
C THR A 78 9.06 7.75 -3.79
N LEU A 79 8.66 6.83 -2.90
CA LEU A 79 9.38 6.55 -1.63
C LEU A 79 10.45 5.46 -1.85
N LYS A 80 10.31 4.70 -2.94
CA LYS A 80 11.16 3.53 -3.29
C LYS A 80 11.15 2.48 -2.13
N LEU A 81 9.93 2.08 -1.73
CA LEU A 81 9.69 1.01 -0.75
C LEU A 81 9.83 -0.36 -1.45
N GLY A 82 9.95 -1.43 -0.65
CA GLY A 82 10.22 -2.76 -1.18
C GLY A 82 9.86 -3.87 -0.21
N VAL A 83 10.18 -5.11 -0.62
CA VAL A 83 9.97 -6.33 0.19
C VAL A 83 10.96 -6.37 1.38
N ALA A 84 12.14 -5.74 1.19
CA ALA A 84 13.20 -5.65 2.19
C ALA A 84 13.26 -4.23 2.78
N ASP A 85 12.20 -3.43 2.57
CA ASP A 85 12.09 -2.06 3.11
C ASP A 85 10.80 -1.98 3.93
N ILE A 86 10.93 -1.57 5.20
CA ILE A 86 9.83 -1.63 6.19
C ILE A 86 9.39 -0.22 6.60
N ILE A 87 8.08 -0.05 6.88
CA ILE A 87 7.49 1.25 7.32
C ILE A 87 6.56 1.05 8.54
N ASP A 88 6.78 1.88 9.57
CA ASP A 88 6.10 1.79 10.89
C ASP A 88 4.65 2.30 10.83
N CYS A 89 3.69 1.37 11.04
CA CYS A 89 2.26 1.67 11.17
C CYS A 89 1.93 2.11 12.61
N VAL A 90 1.86 3.43 12.82
CA VAL A 90 1.57 4.04 14.13
C VAL A 90 0.11 4.51 14.16
N VAL A 91 -0.67 4.00 15.14
CA VAL A 91 -2.06 4.40 15.37
C VAL A 91 -2.09 5.66 16.26
N LEU A 92 -2.32 6.82 15.64
CA LEU A 92 -2.56 8.08 16.34
C LEU A 92 -3.99 8.11 16.88
N THR A 93 -4.11 7.95 18.20
CA THR A 93 -5.39 7.98 18.90
C THR A 93 -5.79 9.44 19.18
N SER A 94 -6.37 10.08 18.14
CA SER A 94 -6.79 11.50 18.14
C SER A 94 -5.59 12.44 18.41
N SER A 95 -4.83 12.73 17.35
CA SER A 95 -3.66 13.63 17.41
C SER A 95 -4.12 15.10 17.25
N GLN A 1 -10.37 26.84 -28.35
CA GLN A 1 -11.73 27.16 -27.86
C GLN A 1 -12.70 26.01 -28.16
N GLY A 2 -13.77 25.89 -27.35
CA GLY A 2 -14.75 24.81 -27.46
C GLY A 2 -14.30 23.55 -26.71
N GLN A 3 -15.24 22.65 -26.42
CA GLN A 3 -14.95 21.38 -25.71
C GLN A 3 -15.58 20.20 -26.48
N GLU A 4 -14.72 19.39 -27.12
CA GLU A 4 -15.11 18.21 -27.93
C GLU A 4 -14.38 16.95 -27.40
N ASP A 5 -14.11 16.92 -26.08
CA ASP A 5 -13.29 15.85 -25.43
C ASP A 5 -13.96 14.48 -25.53
N GLU A 6 -15.28 14.50 -25.79
CA GLU A 6 -16.12 13.30 -25.98
C GLU A 6 -15.52 12.39 -27.08
N VAL A 7 -14.89 11.28 -26.63
CA VAL A 7 -14.28 10.27 -27.53
C VAL A 7 -14.91 8.88 -27.25
N VAL A 8 -15.58 8.30 -28.26
CA VAL A 8 -16.18 6.95 -28.18
C VAL A 8 -15.08 5.88 -28.33
N LEU A 9 -13.99 6.26 -29.03
CA LEU A 9 -12.80 5.43 -29.17
C LEU A 9 -12.00 5.44 -27.85
N VAL A 10 -12.28 4.44 -27.01
CA VAL A 10 -11.59 4.23 -25.74
C VAL A 10 -11.51 2.71 -25.49
N GLU A 11 -10.32 2.24 -25.10
CA GLU A 11 -10.06 0.80 -24.89
C GLU A 11 -9.68 0.53 -23.42
N GLY A 12 -9.52 -0.76 -23.13
CA GLY A 12 -9.28 -1.25 -21.78
C GLY A 12 -9.70 -2.71 -21.68
N PRO A 13 -8.84 -3.66 -22.15
CA PRO A 13 -9.18 -5.11 -22.19
C PRO A 13 -9.24 -5.74 -20.78
N THR A 14 -9.94 -6.88 -20.68
CA THR A 14 -10.08 -7.65 -19.43
C THR A 14 -8.68 -8.06 -18.89
N LEU A 15 -8.51 -7.97 -17.57
CA LEU A 15 -7.27 -8.36 -16.87
C LEU A 15 -7.53 -9.65 -16.06
N PRO A 16 -7.41 -10.87 -16.69
CA PRO A 16 -7.56 -12.15 -15.96
C PRO A 16 -6.33 -12.46 -15.09
N GLU A 17 -5.20 -11.80 -15.42
CA GLU A 17 -3.96 -11.85 -14.64
C GLU A 17 -3.96 -10.72 -13.62
N THR A 18 -3.55 -11.04 -12.38
CA THR A 18 -3.37 -10.06 -11.32
C THR A 18 -2.20 -9.10 -11.67
N PRO A 19 -2.28 -7.81 -11.22
CA PRO A 19 -1.23 -6.79 -11.52
C PRO A 19 0.13 -7.11 -10.88
N ARG A 20 1.16 -6.32 -11.27
CA ARG A 20 2.51 -6.43 -10.70
C ARG A 20 2.55 -5.78 -9.30
N LEU A 21 2.09 -6.56 -8.32
CA LEU A 21 2.07 -6.16 -6.90
C LEU A 21 3.05 -7.03 -6.09
N PHE A 22 3.58 -6.46 -5.03
CA PHE A 22 4.65 -7.06 -4.20
C PHE A 22 4.23 -6.96 -2.72
N PRO A 23 4.66 -7.93 -1.84
CA PRO A 23 4.43 -7.83 -0.38
C PRO A 23 5.23 -6.65 0.25
N LEU A 24 4.55 -5.49 0.34
CA LEU A 24 5.04 -4.31 1.09
C LEU A 24 5.16 -4.72 2.56
N LYS A 25 6.33 -4.50 3.17
CA LYS A 25 6.57 -4.85 4.58
C LYS A 25 6.22 -3.66 5.52
N ILE A 26 5.14 -3.84 6.29
CA ILE A 26 4.68 -2.88 7.28
C ILE A 26 5.01 -3.44 8.69
N ARG A 27 5.57 -2.58 9.53
CA ARG A 27 5.94 -2.91 10.91
C ARG A 27 4.88 -2.40 11.87
N CYS A 28 4.02 -3.32 12.32
CA CYS A 28 3.02 -3.07 13.36
C CYS A 28 3.72 -2.90 14.73
N ARG A 29 2.93 -2.61 15.78
CA ARG A 29 3.38 -2.41 17.17
C ARG A 29 4.44 -3.45 17.63
N ALA A 30 4.23 -4.73 17.24
CA ALA A 30 5.19 -5.84 17.50
C ALA A 30 5.08 -6.93 16.41
N ASP A 31 4.26 -6.68 15.38
CA ASP A 31 3.93 -7.66 14.31
C ASP A 31 4.46 -7.15 12.97
N LEU A 32 4.64 -8.08 12.01
CA LEU A 32 5.06 -7.76 10.63
C LEU A 32 3.97 -8.26 9.65
N VAL A 33 3.36 -7.31 8.91
CA VAL A 33 2.44 -7.60 7.79
C VAL A 33 3.19 -7.40 6.47
N ARG A 34 2.98 -8.31 5.52
CA ARG A 34 3.51 -8.21 4.15
C ARG A 34 2.35 -8.40 3.16
N LEU A 35 1.76 -7.27 2.67
CA LEU A 35 0.54 -7.32 1.83
C LEU A 35 0.86 -6.93 0.38
N PRO A 36 0.22 -7.60 -0.65
CA PRO A 36 0.50 -7.35 -2.08
C PRO A 36 -0.03 -5.96 -2.54
N LEU A 37 0.82 -4.94 -2.35
CA LEU A 37 0.54 -3.54 -2.72
C LEU A 37 1.15 -3.24 -4.11
N ARG A 38 0.47 -2.41 -4.90
CA ARG A 38 0.91 -1.99 -6.26
C ARG A 38 1.78 -0.71 -6.17
N MET A 39 2.82 -0.60 -7.02
CA MET A 39 3.73 0.58 -7.04
C MET A 39 2.98 1.87 -7.44
N SER A 40 1.98 1.72 -8.33
CA SER A 40 1.14 2.83 -8.81
C SER A 40 -0.07 3.08 -7.87
N GLU A 41 -0.18 2.26 -6.82
CA GLU A 41 -1.18 2.43 -5.75
C GLU A 41 -0.57 3.29 -4.65
N PRO A 42 -1.30 4.32 -4.11
CA PRO A 42 -0.85 5.05 -2.90
C PRO A 42 -0.78 4.13 -1.67
N LEU A 43 -0.20 4.66 -0.58
CA LEU A 43 -0.02 3.90 0.67
C LEU A 43 -1.35 3.59 1.34
N GLN A 44 -2.45 4.23 0.88
CA GLN A 44 -3.81 3.95 1.37
C GLN A 44 -4.17 2.44 1.27
N SER A 45 -3.46 1.69 0.40
CA SER A 45 -3.55 0.22 0.36
C SER A 45 -3.12 -0.41 1.71
N VAL A 46 -1.89 -0.07 2.20
CA VAL A 46 -1.40 -0.59 3.51
C VAL A 46 -2.17 0.04 4.68
N VAL A 47 -2.55 1.32 4.52
CA VAL A 47 -3.30 2.10 5.54
C VAL A 47 -4.67 1.44 5.82
N ASP A 48 -5.34 1.01 4.76
CA ASP A 48 -6.67 0.37 4.83
C ASP A 48 -6.58 -1.01 5.49
N HIS A 49 -5.61 -1.83 5.02
CA HIS A 49 -5.45 -3.23 5.44
C HIS A 49 -4.94 -3.32 6.90
N MET A 50 -4.04 -2.38 7.28
CA MET A 50 -3.48 -2.29 8.65
C MET A 50 -4.54 -1.77 9.63
N ALA A 51 -5.47 -0.94 9.12
CA ALA A 51 -6.61 -0.44 9.90
C ALA A 51 -7.52 -1.59 10.33
N THR A 52 -7.80 -2.49 9.38
CA THR A 52 -8.61 -3.70 9.62
C THR A 52 -7.84 -4.72 10.50
N HIS A 53 -6.50 -4.72 10.34
CA HIS A 53 -5.58 -5.60 11.10
C HIS A 53 -5.46 -5.18 12.58
N LEU A 54 -5.62 -3.87 12.84
CA LEU A 54 -5.48 -3.26 14.19
C LEU A 54 -6.82 -2.84 14.78
N GLY A 55 -7.89 -2.95 13.97
CA GLY A 55 -9.26 -2.64 14.41
C GLY A 55 -9.52 -1.14 14.56
N VAL A 56 -8.70 -0.33 13.87
CA VAL A 56 -8.74 1.15 13.94
C VAL A 56 -9.17 1.75 12.58
N SER A 57 -9.24 3.09 12.50
CA SER A 57 -9.57 3.82 11.27
C SER A 57 -8.33 3.94 10.37
N PRO A 58 -8.51 3.90 9.01
CA PRO A 58 -7.43 4.27 8.05
C PRO A 58 -6.94 5.71 8.27
N SER A 59 -7.84 6.58 8.77
CA SER A 59 -7.55 8.00 9.06
C SER A 59 -6.56 8.12 10.25
N ARG A 60 -6.36 7.00 11.00
CA ARG A 60 -5.50 6.95 12.18
C ARG A 60 -4.18 6.19 11.90
N ILE A 61 -4.13 5.41 10.80
CA ILE A 61 -2.89 4.70 10.40
C ILE A 61 -1.92 5.69 9.72
N LEU A 62 -0.78 5.95 10.39
CA LEU A 62 0.31 6.79 9.86
C LEU A 62 1.55 5.92 9.64
N LEU A 63 2.12 5.97 8.43
CA LEU A 63 3.37 5.24 8.11
C LEU A 63 4.56 6.17 8.28
N LEU A 64 5.60 5.66 8.96
CA LEU A 64 6.84 6.40 9.26
C LEU A 64 8.01 5.43 9.10
N PHE A 65 8.87 5.62 8.08
CA PHE A 65 10.11 4.83 7.96
C PHE A 65 11.16 5.44 8.89
N GLY A 66 11.07 5.06 10.18
CA GLY A 66 11.91 5.62 11.23
C GLY A 66 11.59 7.08 11.53
N GLU A 67 12.33 8.00 10.88
CA GLU A 67 12.23 9.45 11.13
C GLU A 67 11.29 10.16 10.14
N THR A 68 11.20 9.64 8.91
CA THR A 68 10.46 10.31 7.82
C THR A 68 8.94 10.11 7.97
N GLU A 69 8.16 11.06 7.45
CA GLU A 69 6.69 11.00 7.45
C GLU A 69 6.22 10.52 6.08
N LEU A 70 5.47 9.40 6.06
CA LEU A 70 4.93 8.82 4.81
C LEU A 70 3.40 9.02 4.78
N SER A 71 2.94 9.83 3.82
CA SER A 71 1.51 10.15 3.64
C SER A 71 0.77 8.98 2.95
N PRO A 72 -0.51 8.66 3.40
CA PRO A 72 -1.37 7.63 2.73
C PRO A 72 -1.63 7.95 1.24
N THR A 73 -1.60 9.25 0.91
CA THR A 73 -1.85 9.77 -0.43
C THR A 73 -0.65 9.52 -1.37
N ALA A 74 0.56 9.42 -0.79
CA ALA A 74 1.82 9.21 -1.53
C ALA A 74 2.01 7.72 -1.91
N THR A 75 2.79 7.47 -2.97
CA THR A 75 3.02 6.10 -3.49
C THR A 75 4.36 5.54 -2.97
N PRO A 76 4.59 4.18 -2.98
CA PRO A 76 5.89 3.57 -2.60
C PRO A 76 6.98 3.83 -3.65
N ARG A 77 6.54 4.21 -4.86
CA ARG A 77 7.40 4.43 -6.03
C ARG A 77 8.33 5.63 -5.78
N THR A 78 7.73 6.76 -5.39
CA THR A 78 8.45 8.01 -5.08
C THR A 78 9.28 7.88 -3.79
N LEU A 79 8.87 6.94 -2.90
CA LEU A 79 9.55 6.67 -1.62
C LEU A 79 10.63 5.57 -1.75
N LYS A 80 10.63 4.87 -2.91
CA LYS A 80 11.53 3.73 -3.19
C LYS A 80 11.42 2.62 -2.09
N LEU A 81 10.16 2.28 -1.74
CA LEU A 81 9.85 1.19 -0.79
C LEU A 81 9.91 -0.17 -1.53
N GLY A 82 9.94 -1.26 -0.75
CA GLY A 82 10.08 -2.60 -1.32
C GLY A 82 9.73 -3.69 -0.31
N VAL A 83 10.00 -4.95 -0.69
CA VAL A 83 9.72 -6.15 0.15
C VAL A 83 10.67 -6.19 1.37
N ALA A 84 11.85 -5.56 1.23
CA ALA A 84 12.88 -5.50 2.29
C ALA A 84 12.90 -4.11 2.97
N ASP A 85 11.86 -3.28 2.72
CA ASP A 85 11.73 -1.96 3.33
C ASP A 85 10.58 -2.02 4.35
N ILE A 86 10.87 -1.58 5.59
CA ILE A 86 10.01 -1.86 6.76
C ILE A 86 9.52 -0.55 7.41
N ILE A 87 8.27 -0.16 7.08
CA ILE A 87 7.69 1.15 7.50
C ILE A 87 6.76 1.01 8.72
N ASP A 88 7.04 1.81 9.76
CA ASP A 88 6.33 1.75 11.07
C ASP A 88 4.88 2.27 10.98
N CYS A 89 3.93 1.38 11.25
CA CYS A 89 2.49 1.71 11.33
C CYS A 89 2.13 2.19 12.75
N VAL A 90 2.06 3.51 12.91
CA VAL A 90 1.74 4.15 14.20
C VAL A 90 0.29 4.64 14.17
N VAL A 91 -0.57 4.07 15.04
CA VAL A 91 -1.97 4.49 15.16
C VAL A 91 -2.06 5.76 16.05
N LEU A 92 -2.28 6.90 15.39
CA LEU A 92 -2.54 8.19 16.05
C LEU A 92 -3.98 8.61 15.79
N THR A 93 -4.78 8.70 16.87
CA THR A 93 -6.21 9.06 16.81
C THR A 93 -6.37 10.50 16.29
N SER A 94 -6.82 10.62 15.03
CA SER A 94 -7.01 11.90 14.32
C SER A 94 -8.30 12.61 14.85
N SER A 95 -8.21 13.16 16.07
CA SER A 95 -9.34 13.78 16.77
C SER A 95 -8.87 15.14 17.40
N GLN A 1 -12.30 -7.47 -13.87
CA GLN A 1 -11.90 -8.53 -12.91
C GLN A 1 -11.08 -9.63 -13.60
N GLY A 2 -10.54 -10.55 -12.81
CA GLY A 2 -9.77 -11.69 -13.31
C GLY A 2 -10.07 -12.96 -12.51
N GLN A 3 -11.25 -13.54 -12.77
CA GLN A 3 -11.73 -14.74 -12.07
C GLN A 3 -11.20 -16.02 -12.77
N GLU A 4 -9.87 -16.26 -12.61
CA GLU A 4 -9.16 -17.42 -13.23
C GLU A 4 -9.23 -17.35 -14.77
N ASP A 5 -9.09 -16.13 -15.30
CA ASP A 5 -9.12 -15.87 -16.76
C ASP A 5 -7.72 -15.94 -17.39
N GLU A 6 -6.68 -16.22 -16.58
CA GLU A 6 -5.26 -16.17 -17.00
C GLU A 6 -4.97 -17.08 -18.23
N VAL A 7 -5.11 -16.49 -19.43
CA VAL A 7 -4.81 -17.13 -20.71
C VAL A 7 -3.58 -16.47 -21.35
N VAL A 8 -3.09 -17.06 -22.45
CA VAL A 8 -1.94 -16.51 -23.22
C VAL A 8 -2.41 -15.49 -24.29
N LEU A 9 -3.56 -14.84 -24.02
CA LEU A 9 -4.08 -13.73 -24.83
C LEU A 9 -4.38 -12.55 -23.89
N VAL A 10 -3.42 -11.61 -23.79
CA VAL A 10 -3.51 -10.45 -22.89
C VAL A 10 -3.46 -9.14 -23.71
N GLU A 11 -3.56 -7.99 -23.01
CA GLU A 11 -3.34 -6.63 -23.59
C GLU A 11 -4.33 -6.35 -24.75
N GLY A 12 -5.59 -6.00 -24.42
CA GLY A 12 -6.59 -5.67 -25.44
C GLY A 12 -8.02 -5.92 -24.97
N PRO A 13 -8.74 -6.97 -25.51
CA PRO A 13 -10.17 -7.22 -25.17
C PRO A 13 -10.36 -7.74 -23.73
N THR A 14 -9.27 -8.28 -23.18
CA THR A 14 -9.22 -8.86 -21.84
C THR A 14 -7.86 -8.53 -21.22
N LEU A 15 -7.84 -8.29 -19.90
CA LEU A 15 -6.58 -8.13 -19.12
C LEU A 15 -6.52 -9.23 -18.03
N PRO A 16 -6.15 -10.49 -18.42
CA PRO A 16 -5.99 -11.60 -17.47
C PRO A 16 -4.57 -11.65 -16.86
N GLU A 17 -3.68 -10.79 -17.39
CA GLU A 17 -2.28 -10.69 -16.93
C GLU A 17 -2.29 -10.03 -15.54
N THR A 18 -1.80 -10.77 -14.55
CA THR A 18 -1.85 -10.36 -13.14
C THR A 18 -0.88 -9.18 -12.90
N PRO A 19 -1.38 -8.01 -12.36
CA PRO A 19 -0.50 -6.85 -12.03
C PRO A 19 0.67 -7.25 -11.08
N ARG A 20 1.76 -6.50 -11.13
CA ARG A 20 2.97 -6.82 -10.37
C ARG A 20 2.92 -6.16 -8.99
N LEU A 21 2.28 -6.88 -8.05
CA LEU A 21 2.23 -6.50 -6.63
C LEU A 21 3.39 -7.19 -5.90
N PHE A 22 4.18 -6.42 -5.15
CA PHE A 22 5.24 -6.96 -4.29
C PHE A 22 4.74 -6.96 -2.82
N PRO A 23 5.22 -7.91 -1.96
CA PRO A 23 4.85 -7.91 -0.53
C PRO A 23 5.49 -6.72 0.23
N LEU A 24 4.71 -5.62 0.32
CA LEU A 24 5.08 -4.41 1.07
C LEU A 24 5.28 -4.80 2.55
N LYS A 25 6.40 -4.38 3.14
CA LYS A 25 6.73 -4.68 4.54
C LYS A 25 6.25 -3.53 5.46
N ILE A 26 5.19 -3.80 6.22
CA ILE A 26 4.65 -2.87 7.22
C ILE A 26 5.03 -3.40 8.61
N ARG A 27 5.55 -2.51 9.48
CA ARG A 27 5.81 -2.86 10.88
C ARG A 27 4.53 -2.63 11.69
N CYS A 28 3.85 -3.73 12.04
CA CYS A 28 2.65 -3.71 12.90
C CYS A 28 3.05 -3.32 14.34
N ARG A 29 2.04 -3.18 15.22
CA ARG A 29 2.23 -2.70 16.61
C ARG A 29 3.22 -3.58 17.42
N ALA A 30 3.38 -4.85 17.00
CA ALA A 30 4.36 -5.79 17.60
C ALA A 30 4.61 -7.01 16.67
N ASP A 31 4.61 -6.75 15.34
CA ASP A 31 4.78 -7.81 14.31
C ASP A 31 5.12 -7.18 12.94
N LEU A 32 5.34 -8.01 11.91
CA LEU A 32 5.55 -7.56 10.52
C LEU A 32 4.47 -8.16 9.59
N VAL A 33 3.70 -7.28 8.95
CA VAL A 33 2.70 -7.65 7.93
C VAL A 33 3.32 -7.48 6.53
N ARG A 34 3.08 -8.46 5.64
CA ARG A 34 3.47 -8.38 4.22
C ARG A 34 2.20 -8.46 3.37
N LEU A 35 1.78 -7.34 2.73
CA LEU A 35 0.58 -7.36 1.85
C LEU A 35 0.98 -7.08 0.40
N PRO A 36 0.31 -7.72 -0.61
CA PRO A 36 0.54 -7.44 -2.03
C PRO A 36 0.05 -6.02 -2.38
N LEU A 37 0.97 -5.21 -2.93
CA LEU A 37 0.69 -3.81 -3.33
C LEU A 37 1.58 -3.42 -4.51
N ARG A 38 1.01 -2.65 -5.46
CA ARG A 38 1.75 -2.08 -6.60
C ARG A 38 2.47 -0.79 -6.16
N MET A 39 3.54 -0.41 -6.89
CA MET A 39 4.25 0.87 -6.62
C MET A 39 3.34 2.05 -7.01
N SER A 40 2.49 1.84 -8.04
CA SER A 40 1.50 2.80 -8.53
C SER A 40 0.36 3.01 -7.51
N GLU A 41 0.06 1.97 -6.73
CA GLU A 41 -0.94 1.99 -5.67
C GLU A 41 -0.46 2.90 -4.53
N PRO A 42 -1.27 3.90 -4.06
CA PRO A 42 -0.89 4.76 -2.90
C PRO A 42 -0.83 3.97 -1.58
N LEU A 43 -0.31 4.62 -0.53
CA LEU A 43 -0.18 4.00 0.80
C LEU A 43 -1.56 3.73 1.42
N GLN A 44 -2.64 4.35 0.87
CA GLN A 44 -4.02 4.10 1.33
C GLN A 44 -4.37 2.59 1.34
N SER A 45 -3.65 1.80 0.53
CA SER A 45 -3.77 0.33 0.52
C SER A 45 -3.28 -0.27 1.87
N VAL A 46 -2.04 0.08 2.28
CA VAL A 46 -1.47 -0.42 3.55
C VAL A 46 -2.21 0.18 4.76
N VAL A 47 -2.68 1.43 4.57
CA VAL A 47 -3.45 2.16 5.58
C VAL A 47 -4.78 1.44 5.88
N ASP A 48 -5.52 1.14 4.80
CA ASP A 48 -6.84 0.48 4.86
C ASP A 48 -6.73 -0.92 5.48
N HIS A 49 -5.76 -1.71 4.98
CA HIS A 49 -5.56 -3.11 5.39
C HIS A 49 -5.15 -3.19 6.87
N MET A 50 -4.21 -2.32 7.28
CA MET A 50 -3.71 -2.28 8.66
C MET A 50 -4.76 -1.71 9.61
N ALA A 51 -5.64 -0.83 9.11
CA ALA A 51 -6.77 -0.28 9.90
C ALA A 51 -7.78 -1.38 10.23
N THR A 52 -8.07 -2.23 9.22
CA THR A 52 -9.01 -3.36 9.35
C THR A 52 -8.40 -4.46 10.26
N HIS A 53 -7.06 -4.64 10.14
CA HIS A 53 -6.30 -5.65 10.90
C HIS A 53 -6.23 -5.27 12.40
N LEU A 54 -5.86 -4.01 12.67
CA LEU A 54 -5.64 -3.49 14.03
C LEU A 54 -6.96 -3.07 14.72
N GLY A 55 -8.02 -2.88 13.92
CA GLY A 55 -9.34 -2.46 14.42
C GLY A 55 -9.38 -0.98 14.77
N VAL A 56 -8.62 -0.19 13.99
CA VAL A 56 -8.50 1.28 14.14
C VAL A 56 -8.98 1.98 12.86
N SER A 57 -9.01 3.32 12.85
CA SER A 57 -9.42 4.11 11.68
C SER A 57 -8.25 4.23 10.69
N PRO A 58 -8.50 4.26 9.32
CA PRO A 58 -7.45 4.51 8.32
C PRO A 58 -6.71 5.85 8.59
N SER A 59 -7.44 6.85 9.10
CA SER A 59 -6.86 8.18 9.38
C SER A 59 -5.76 8.09 10.45
N ARG A 60 -5.94 7.14 11.40
CA ARG A 60 -5.01 6.92 12.53
C ARG A 60 -3.72 6.21 12.10
N ILE A 61 -3.76 5.46 10.96
CA ILE A 61 -2.58 4.75 10.44
C ILE A 61 -1.58 5.76 9.82
N LEU A 62 -0.52 6.07 10.57
CA LEU A 62 0.59 6.91 10.08
C LEU A 62 1.79 6.01 9.77
N LEU A 63 2.21 5.97 8.51
CA LEU A 63 3.37 5.19 8.08
C LEU A 63 4.62 6.06 8.22
N LEU A 64 5.69 5.46 8.78
CA LEU A 64 6.96 6.17 9.01
C LEU A 64 8.14 5.29 8.53
N PHE A 65 8.77 5.66 7.39
CA PHE A 65 9.93 4.91 6.87
C PHE A 65 11.18 5.32 7.68
N GLY A 66 11.41 4.61 8.79
CA GLY A 66 12.46 4.97 9.71
C GLY A 66 12.18 6.30 10.42
N GLU A 67 12.64 7.41 9.82
CA GLU A 67 12.47 8.78 10.37
C GLU A 67 11.98 9.72 9.25
N THR A 68 10.67 9.63 8.96
CA THR A 68 9.98 10.52 7.99
C THR A 68 8.47 10.28 8.07
N GLU A 69 7.67 11.32 7.79
CA GLU A 69 6.20 11.22 7.82
C GLU A 69 5.68 10.86 6.42
N LEU A 70 5.00 9.71 6.32
CA LEU A 70 4.43 9.24 5.05
C LEU A 70 2.89 9.38 5.08
N SER A 71 2.36 10.10 4.09
CA SER A 71 0.91 10.34 3.94
C SER A 71 0.23 9.15 3.23
N PRO A 72 -1.09 8.87 3.52
CA PRO A 72 -1.87 7.85 2.76
C PRO A 72 -1.98 8.15 1.25
N THR A 73 -1.87 9.45 0.90
CA THR A 73 -1.93 9.93 -0.50
C THR A 73 -0.54 9.85 -1.19
N ALA A 74 0.51 9.44 -0.46
CA ALA A 74 1.86 9.23 -1.03
C ALA A 74 1.97 7.80 -1.61
N THR A 75 2.77 7.62 -2.69
CA THR A 75 2.97 6.31 -3.32
C THR A 75 4.35 5.72 -2.92
N PRO A 76 4.42 4.38 -2.65
CA PRO A 76 5.70 3.64 -2.45
C PRO A 76 6.65 3.74 -3.65
N ARG A 77 6.11 4.17 -4.81
CA ARG A 77 6.89 4.45 -6.02
C ARG A 77 7.96 5.51 -5.73
N THR A 78 7.53 6.73 -5.35
CA THR A 78 8.43 7.87 -5.10
C THR A 78 9.24 7.66 -3.79
N LEU A 79 8.70 6.83 -2.89
CA LEU A 79 9.36 6.50 -1.60
C LEU A 79 10.40 5.38 -1.78
N LYS A 80 10.32 4.66 -2.92
CA LYS A 80 11.24 3.56 -3.29
C LYS A 80 11.22 2.41 -2.25
N LEU A 81 10.00 2.04 -1.83
CA LEU A 81 9.76 0.98 -0.84
C LEU A 81 9.86 -0.42 -1.48
N GLY A 82 9.90 -1.48 -0.64
CA GLY A 82 10.16 -2.84 -1.09
C GLY A 82 9.86 -3.89 -0.04
N VAL A 83 10.40 -5.10 -0.25
CA VAL A 83 10.20 -6.25 0.65
C VAL A 83 11.04 -6.10 1.94
N ALA A 84 12.21 -5.41 1.82
CA ALA A 84 13.13 -5.17 2.94
C ALA A 84 12.86 -3.79 3.57
N ASP A 85 12.30 -2.86 2.77
CA ASP A 85 12.01 -1.49 3.22
C ASP A 85 10.73 -1.48 4.07
N ILE A 86 10.89 -1.31 5.40
CA ILE A 86 9.79 -1.39 6.36
C ILE A 86 9.25 0.02 6.70
N ILE A 87 7.92 0.15 6.80
CA ILE A 87 7.26 1.40 7.22
C ILE A 87 6.43 1.15 8.49
N ASP A 88 6.72 1.95 9.53
CA ASP A 88 6.12 1.82 10.87
C ASP A 88 4.64 2.25 10.87
N CYS A 89 3.74 1.29 11.12
CA CYS A 89 2.29 1.55 11.26
C CYS A 89 2.00 2.06 12.68
N VAL A 90 2.08 3.39 12.85
CA VAL A 90 1.89 4.05 14.15
C VAL A 90 0.46 4.61 14.23
N VAL A 91 -0.36 4.01 15.11
CA VAL A 91 -1.75 4.44 15.32
C VAL A 91 -1.79 5.64 16.28
N LEU A 92 -2.07 6.83 15.71
CA LEU A 92 -2.23 8.08 16.48
C LEU A 92 -3.69 8.53 16.44
N THR A 93 -4.25 8.89 17.60
CA THR A 93 -5.63 9.39 17.72
C THR A 93 -5.75 10.81 17.12
N SER A 94 -4.65 11.59 17.23
CA SER A 94 -4.54 12.95 16.66
C SER A 94 -4.16 12.88 15.17
N SER A 95 -5.03 12.21 14.38
CA SER A 95 -4.78 11.91 12.96
C SER A 95 -6.14 11.73 12.24
N GLN A 1 -41.04 -0.15 -35.63
CA GLN A 1 -39.93 -0.96 -36.17
C GLN A 1 -38.86 -1.19 -35.06
N GLY A 2 -38.08 -0.12 -34.76
CA GLY A 2 -37.01 -0.17 -33.77
C GLY A 2 -35.73 -0.81 -34.31
N GLN A 3 -34.56 -0.21 -33.98
CA GLN A 3 -33.24 -0.77 -34.35
C GLN A 3 -32.68 -1.62 -33.20
N GLU A 4 -33.57 -2.46 -32.62
CA GLU A 4 -33.29 -3.24 -31.41
C GLU A 4 -32.15 -4.25 -31.63
N ASP A 5 -32.28 -5.04 -32.71
CA ASP A 5 -31.38 -6.15 -33.06
C ASP A 5 -30.01 -5.62 -33.50
N GLU A 6 -29.09 -5.53 -32.55
CA GLU A 6 -27.69 -5.13 -32.78
C GLU A 6 -26.76 -6.26 -32.33
N VAL A 7 -25.54 -6.33 -32.91
CA VAL A 7 -24.53 -7.34 -32.48
C VAL A 7 -23.93 -6.96 -31.11
N VAL A 8 -23.35 -7.96 -30.43
CA VAL A 8 -22.61 -7.75 -29.18
C VAL A 8 -21.32 -6.94 -29.51
N LEU A 9 -21.43 -5.62 -29.39
CA LEU A 9 -20.39 -4.68 -29.84
C LEU A 9 -19.47 -4.25 -28.66
N VAL A 10 -19.53 -4.98 -27.52
CA VAL A 10 -18.69 -4.66 -26.35
C VAL A 10 -17.18 -4.88 -26.68
N GLU A 11 -16.37 -3.86 -26.41
CA GLU A 11 -14.92 -3.87 -26.64
C GLU A 11 -14.16 -4.00 -25.30
N GLY A 12 -14.89 -4.35 -24.23
CA GLY A 12 -14.33 -4.48 -22.89
C GLY A 12 -14.37 -5.92 -22.37
N PRO A 13 -13.33 -6.76 -22.68
CA PRO A 13 -13.20 -8.13 -22.13
C PRO A 13 -12.49 -8.11 -20.76
N THR A 14 -12.38 -9.29 -20.13
CA THR A 14 -11.66 -9.44 -18.87
C THR A 14 -10.14 -9.36 -19.11
N LEU A 15 -9.41 -8.72 -18.18
CA LEU A 15 -7.94 -8.65 -18.22
C LEU A 15 -7.36 -9.65 -17.20
N PRO A 16 -6.94 -10.87 -17.65
CA PRO A 16 -6.24 -11.85 -16.77
C PRO A 16 -4.86 -11.36 -16.29
N GLU A 17 -4.32 -10.34 -16.98
CA GLU A 17 -3.02 -9.73 -16.65
C GLU A 17 -3.12 -8.97 -15.32
N THR A 18 -2.85 -9.67 -14.20
CA THR A 18 -2.80 -9.07 -12.86
C THR A 18 -1.48 -8.30 -12.69
N PRO A 19 -1.51 -7.08 -12.07
CA PRO A 19 -0.30 -6.27 -11.86
C PRO A 19 0.67 -6.92 -10.85
N ARG A 20 1.99 -6.80 -11.09
CA ARG A 20 3.04 -7.34 -10.20
C ARG A 20 3.07 -6.57 -8.87
N LEU A 21 2.22 -7.03 -7.94
CA LEU A 21 2.17 -6.52 -6.56
C LEU A 21 3.19 -7.28 -5.71
N PHE A 22 4.06 -6.51 -5.08
CA PHE A 22 5.15 -7.01 -4.23
C PHE A 22 4.69 -6.94 -2.75
N PRO A 23 5.20 -7.85 -1.85
CA PRO A 23 4.89 -7.78 -0.41
C PRO A 23 5.50 -6.53 0.28
N LEU A 24 4.71 -5.44 0.35
CA LEU A 24 5.05 -4.22 1.09
C LEU A 24 5.09 -4.58 2.59
N LYS A 25 6.30 -4.55 3.19
CA LYS A 25 6.50 -4.88 4.61
C LYS A 25 6.21 -3.67 5.51
N ILE A 26 5.33 -3.90 6.49
CA ILE A 26 4.82 -2.89 7.43
C ILE A 26 5.06 -3.38 8.86
N ARG A 27 5.76 -2.58 9.67
CA ARG A 27 6.00 -2.89 11.08
C ARG A 27 4.85 -2.32 11.93
N CYS A 28 3.95 -3.22 12.33
CA CYS A 28 2.89 -2.96 13.30
C CYS A 28 3.49 -2.83 14.73
N ARG A 29 2.60 -2.69 15.74
CA ARG A 29 2.98 -2.53 17.16
C ARG A 29 3.86 -3.70 17.70
N ALA A 30 3.70 -4.90 17.11
CA ALA A 30 4.50 -6.10 17.47
C ALA A 30 4.32 -7.20 16.41
N ASP A 31 4.11 -6.79 15.15
CA ASP A 31 3.76 -7.72 14.04
C ASP A 31 4.28 -7.16 12.70
N LEU A 32 4.60 -8.05 11.75
CA LEU A 32 5.12 -7.67 10.40
C LEU A 32 4.13 -8.14 9.31
N VAL A 33 3.32 -7.19 8.79
CA VAL A 33 2.37 -7.45 7.70
C VAL A 33 3.03 -7.12 6.35
N ARG A 34 3.17 -8.15 5.49
CA ARG A 34 3.69 -7.97 4.12
C ARG A 34 2.56 -8.25 3.12
N LEU A 35 1.83 -7.20 2.72
CA LEU A 35 0.64 -7.34 1.85
C LEU A 35 1.02 -7.04 0.38
N PRO A 36 0.36 -7.71 -0.62
CA PRO A 36 0.61 -7.43 -2.05
C PRO A 36 0.03 -6.05 -2.48
N LEU A 37 0.94 -5.11 -2.70
CA LEU A 37 0.65 -3.74 -3.15
C LEU A 37 1.56 -3.42 -4.36
N ARG A 38 1.08 -2.55 -5.28
CA ARG A 38 1.85 -2.16 -6.50
C ARG A 38 2.53 -0.79 -6.27
N MET A 39 3.64 -0.51 -7.00
CA MET A 39 4.45 0.72 -6.82
C MET A 39 3.63 2.00 -7.07
N SER A 40 2.66 1.92 -8.02
CA SER A 40 1.80 3.07 -8.40
C SER A 40 0.59 3.21 -7.46
N GLU A 41 0.25 2.14 -6.71
CA GLU A 41 -0.83 2.17 -5.69
C GLU A 41 -0.39 3.07 -4.52
N PRO A 42 -1.22 4.09 -4.08
CA PRO A 42 -0.91 4.89 -2.89
C PRO A 42 -0.93 4.03 -1.61
N LEU A 43 -0.39 4.58 -0.51
CA LEU A 43 -0.28 3.85 0.76
C LEU A 43 -1.65 3.55 1.38
N GLN A 44 -2.74 4.13 0.84
CA GLN A 44 -4.12 3.88 1.33
C GLN A 44 -4.46 2.36 1.36
N SER A 45 -3.80 1.55 0.51
CA SER A 45 -3.90 0.09 0.55
C SER A 45 -3.41 -0.46 1.92
N VAL A 46 -2.17 -0.05 2.32
CA VAL A 46 -1.58 -0.49 3.61
C VAL A 46 -2.29 0.18 4.80
N VAL A 47 -2.80 1.40 4.59
CA VAL A 47 -3.51 2.19 5.61
C VAL A 47 -4.84 1.50 5.99
N ASP A 48 -5.62 1.16 4.97
CA ASP A 48 -6.95 0.56 5.12
C ASP A 48 -6.86 -0.86 5.71
N HIS A 49 -5.84 -1.61 5.25
CA HIS A 49 -5.58 -2.98 5.69
C HIS A 49 -5.15 -3.00 7.18
N MET A 50 -4.13 -2.18 7.52
CA MET A 50 -3.58 -2.11 8.90
C MET A 50 -4.62 -1.58 9.89
N ALA A 51 -5.55 -0.75 9.37
CA ALA A 51 -6.70 -0.25 10.14
C ALA A 51 -7.61 -1.42 10.56
N THR A 52 -7.94 -2.28 9.58
CA THR A 52 -8.80 -3.46 9.79
C THR A 52 -8.07 -4.55 10.62
N HIS A 53 -6.73 -4.58 10.50
CA HIS A 53 -5.85 -5.54 11.20
C HIS A 53 -5.81 -5.24 12.71
N LEU A 54 -5.83 -3.94 13.05
CA LEU A 54 -5.76 -3.44 14.43
C LEU A 54 -7.14 -3.01 14.96
N GLY A 55 -8.15 -3.04 14.08
CA GLY A 55 -9.54 -2.68 14.44
C GLY A 55 -9.78 -1.17 14.50
N VAL A 56 -8.75 -0.38 14.16
CA VAL A 56 -8.79 1.10 14.18
C VAL A 56 -9.23 1.67 12.83
N SER A 57 -9.25 3.01 12.71
CA SER A 57 -9.68 3.70 11.49
C SER A 57 -8.48 3.93 10.54
N PRO A 58 -8.71 3.98 9.17
CA PRO A 58 -7.66 4.36 8.18
C PRO A 58 -7.09 5.77 8.46
N SER A 59 -7.93 6.64 9.03
CA SER A 59 -7.55 8.03 9.37
C SER A 59 -6.44 8.08 10.47
N ARG A 60 -6.25 6.94 11.17
CA ARG A 60 -5.33 6.82 12.32
C ARG A 60 -3.99 6.16 11.93
N ILE A 61 -3.92 5.49 10.77
CA ILE A 61 -2.69 4.78 10.36
C ILE A 61 -1.68 5.75 9.71
N LEU A 62 -0.65 6.12 10.49
CA LEU A 62 0.47 6.96 10.02
C LEU A 62 1.68 6.07 9.75
N LEU A 63 2.09 6.00 8.48
CA LEU A 63 3.27 5.21 8.06
C LEU A 63 4.52 6.08 8.21
N LEU A 64 5.56 5.50 8.82
CA LEU A 64 6.82 6.20 9.12
C LEU A 64 8.00 5.34 8.67
N PHE A 65 8.63 5.67 7.54
CA PHE A 65 9.70 4.83 6.96
C PHE A 65 11.03 5.16 7.65
N GLY A 66 11.31 4.42 8.74
CA GLY A 66 12.53 4.60 9.51
C GLY A 66 12.57 5.96 10.22
N GLU A 67 13.02 7.00 9.50
CA GLU A 67 13.12 8.38 10.01
C GLU A 67 12.55 9.38 8.98
N THR A 68 11.31 9.12 8.54
CA THR A 68 10.55 10.06 7.67
C THR A 68 9.03 9.85 7.85
N GLU A 69 8.26 10.95 7.69
CA GLU A 69 6.80 10.93 7.85
C GLU A 69 6.13 10.78 6.49
N LEU A 70 5.32 9.71 6.31
CA LEU A 70 4.66 9.41 5.02
C LEU A 70 3.17 9.82 5.05
N SER A 71 2.51 9.66 3.89
CA SER A 71 1.10 10.05 3.70
C SER A 71 0.31 8.88 3.07
N PRO A 72 -1.01 8.70 3.42
CA PRO A 72 -1.90 7.67 2.77
C PRO A 72 -2.06 7.91 1.25
N THR A 73 -1.92 9.18 0.85
CA THR A 73 -2.04 9.63 -0.53
C THR A 73 -0.76 9.37 -1.34
N ALA A 74 0.38 9.24 -0.64
CA ALA A 74 1.72 9.05 -1.26
C ALA A 74 1.92 7.62 -1.75
N THR A 75 2.67 7.47 -2.85
CA THR A 75 2.95 6.17 -3.49
C THR A 75 4.36 5.67 -3.09
N PRO A 76 4.55 4.33 -2.84
CA PRO A 76 5.85 3.74 -2.41
C PRO A 76 6.98 3.94 -3.45
N ARG A 77 6.58 4.20 -4.71
CA ARG A 77 7.51 4.42 -5.83
C ARG A 77 8.43 5.61 -5.55
N THR A 78 7.81 6.77 -5.27
CA THR A 78 8.52 8.03 -4.98
C THR A 78 9.24 7.95 -3.60
N LEU A 79 8.70 7.10 -2.69
CA LEU A 79 9.22 6.93 -1.32
C LEU A 79 10.36 5.89 -1.28
N LYS A 80 10.65 5.24 -2.42
CA LYS A 80 11.75 4.26 -2.60
C LYS A 80 11.55 3.01 -1.72
N LEU A 81 10.28 2.67 -1.47
CA LEU A 81 9.89 1.48 -0.68
C LEU A 81 10.01 0.20 -1.53
N GLY A 82 9.91 -0.95 -0.84
CA GLY A 82 10.14 -2.25 -1.45
C GLY A 82 9.70 -3.38 -0.54
N VAL A 83 10.19 -4.60 -0.83
CA VAL A 83 9.83 -5.82 -0.10
C VAL A 83 10.50 -5.86 1.30
N ALA A 84 11.75 -5.36 1.37
CA ALA A 84 12.57 -5.35 2.59
C ALA A 84 12.54 -3.96 3.27
N ASP A 85 12.03 -2.94 2.54
CA ASP A 85 11.83 -1.59 3.11
C ASP A 85 10.60 -1.59 4.01
N ILE A 86 10.81 -1.33 5.31
CA ILE A 86 9.78 -1.49 6.35
C ILE A 86 9.24 -0.12 6.79
N ILE A 87 7.91 0.06 6.71
CA ILE A 87 7.24 1.29 7.16
C ILE A 87 6.48 1.04 8.49
N ASP A 88 6.77 1.87 9.48
CA ASP A 88 6.15 1.79 10.82
C ASP A 88 4.69 2.25 10.79
N CYS A 89 3.76 1.29 10.89
CA CYS A 89 2.34 1.57 11.11
C CYS A 89 2.13 2.06 12.55
N VAL A 90 1.98 3.38 12.71
CA VAL A 90 1.78 4.01 14.03
C VAL A 90 0.37 4.60 14.09
N VAL A 91 -0.47 4.01 14.94
CA VAL A 91 -1.86 4.44 15.13
C VAL A 91 -1.88 5.70 16.02
N LEU A 92 -2.10 6.86 15.39
CA LEU A 92 -2.33 8.14 16.08
C LEU A 92 -3.74 8.63 15.76
N THR A 93 -4.53 8.88 16.81
CA THR A 93 -5.92 9.34 16.69
C THR A 93 -6.00 10.89 16.65
N SER A 94 -4.80 11.54 16.56
CA SER A 94 -4.59 13.00 16.60
C SER A 94 -4.84 13.56 18.03
N SER A 95 -4.25 14.72 18.33
CA SER A 95 -4.32 15.35 19.65
C SER A 95 -4.25 16.88 19.51
N GLN A 1 7.83 8.03 -18.08
CA GLN A 1 7.48 8.36 -16.68
C GLN A 1 6.04 8.91 -16.60
N GLY A 2 5.73 9.90 -17.45
CA GLY A 2 4.41 10.54 -17.49
C GLY A 2 3.48 9.90 -18.52
N GLN A 3 3.74 10.21 -19.82
CA GLN A 3 2.95 9.71 -20.98
C GLN A 3 1.45 10.11 -20.86
N GLU A 4 1.20 11.22 -20.15
CA GLU A 4 -0.15 11.75 -19.89
C GLU A 4 -0.58 12.58 -21.13
N ASP A 5 -0.88 11.86 -22.21
CA ASP A 5 -1.15 12.42 -23.54
C ASP A 5 -1.71 11.30 -24.44
N GLU A 6 -3.03 11.19 -24.47
CA GLU A 6 -3.75 10.22 -25.33
C GLU A 6 -5.22 10.66 -25.47
N VAL A 7 -5.93 10.05 -26.43
CA VAL A 7 -7.34 10.36 -26.72
C VAL A 7 -8.27 9.93 -25.55
N VAL A 8 -9.50 10.46 -25.57
CA VAL A 8 -10.54 10.17 -24.56
C VAL A 8 -11.27 8.82 -24.86
N LEU A 9 -10.49 7.81 -25.27
CA LEU A 9 -10.99 6.48 -25.59
C LEU A 9 -9.83 5.48 -25.44
N VAL A 10 -9.75 4.86 -24.25
CA VAL A 10 -8.75 3.82 -23.94
C VAL A 10 -9.44 2.45 -23.84
N GLU A 11 -8.74 1.40 -24.27
CA GLU A 11 -9.22 0.00 -24.22
C GLU A 11 -8.71 -0.69 -22.95
N GLY A 12 -9.58 -1.50 -22.33
CA GLY A 12 -9.24 -2.26 -21.12
C GLY A 12 -10.20 -3.42 -20.92
N PRO A 13 -10.01 -4.55 -21.68
CA PRO A 13 -10.91 -5.74 -21.63
C PRO A 13 -10.60 -6.66 -20.43
N THR A 14 -10.90 -7.97 -20.57
CA THR A 14 -10.46 -8.99 -19.61
C THR A 14 -8.92 -9.08 -19.64
N LEU A 15 -8.27 -8.44 -18.66
CA LEU A 15 -6.80 -8.46 -18.53
C LEU A 15 -6.40 -9.28 -17.28
N PRO A 16 -6.02 -10.59 -17.45
CA PRO A 16 -5.39 -11.40 -16.37
C PRO A 16 -3.97 -10.88 -16.04
N GLU A 17 -3.42 -10.04 -16.95
CA GLU A 17 -2.14 -9.33 -16.78
C GLU A 17 -2.25 -8.33 -15.60
N THR A 18 -1.93 -8.80 -14.39
CA THR A 18 -1.94 -7.98 -13.19
C THR A 18 -0.64 -7.17 -13.07
N PRO A 19 -0.72 -5.84 -12.72
CA PRO A 19 0.48 -5.02 -12.42
C PRO A 19 1.23 -5.60 -11.20
N ARG A 20 2.50 -6.02 -11.42
CA ARG A 20 3.25 -6.90 -10.50
C ARG A 20 3.32 -6.35 -9.06
N LEU A 21 2.53 -6.98 -8.17
CA LEU A 21 2.45 -6.62 -6.76
C LEU A 21 3.64 -7.22 -6.00
N PHE A 22 4.29 -6.42 -5.15
CA PHE A 22 5.38 -6.87 -4.28
C PHE A 22 4.90 -6.81 -2.80
N PRO A 23 5.27 -7.82 -1.94
CA PRO A 23 4.91 -7.80 -0.50
C PRO A 23 5.59 -6.62 0.28
N LEU A 24 4.84 -5.49 0.37
CA LEU A 24 5.22 -4.32 1.18
C LEU A 24 5.30 -4.76 2.66
N LYS A 25 6.47 -4.58 3.31
CA LYS A 25 6.65 -4.92 4.72
C LYS A 25 6.26 -3.73 5.63
N ILE A 26 5.13 -3.88 6.33
CA ILE A 26 4.63 -2.87 7.29
C ILE A 26 4.86 -3.40 8.72
N ARG A 27 5.49 -2.57 9.57
CA ARG A 27 5.66 -2.89 10.99
C ARG A 27 4.43 -2.42 11.78
N CYS A 28 3.77 -3.38 12.43
CA CYS A 28 2.66 -3.12 13.34
C CYS A 28 3.19 -2.90 14.78
N ARG A 29 2.30 -2.95 15.78
CA ARG A 29 2.63 -2.84 17.21
C ARG A 29 3.73 -3.85 17.65
N ALA A 30 3.68 -5.10 17.12
CA ALA A 30 4.65 -6.17 17.44
C ALA A 30 4.58 -7.27 16.37
N ASP A 31 4.50 -6.85 15.10
CA ASP A 31 4.24 -7.77 13.96
C ASP A 31 4.77 -7.18 12.64
N LEU A 32 4.95 -8.04 11.61
CA LEU A 32 5.33 -7.62 10.24
C LEU A 32 4.35 -8.22 9.21
N VAL A 33 3.49 -7.35 8.67
CA VAL A 33 2.56 -7.69 7.58
C VAL A 33 3.22 -7.38 6.23
N ARG A 34 3.59 -8.41 5.47
CA ARG A 34 4.13 -8.25 4.11
C ARG A 34 3.02 -8.50 3.09
N LEU A 35 2.19 -7.46 2.81
CA LEU A 35 1.01 -7.61 1.90
C LEU A 35 1.39 -7.24 0.45
N PRO A 36 0.94 -8.02 -0.59
CA PRO A 36 1.17 -7.68 -2.01
C PRO A 36 0.45 -6.35 -2.40
N LEU A 37 1.24 -5.38 -2.91
CA LEU A 37 0.77 -4.03 -3.27
C LEU A 37 1.49 -3.53 -4.53
N ARG A 38 0.83 -2.65 -5.31
CA ARG A 38 1.42 -2.05 -6.54
C ARG A 38 2.19 -0.76 -6.15
N MET A 39 3.26 -0.42 -6.89
CA MET A 39 4.06 0.81 -6.60
C MET A 39 3.24 2.08 -6.88
N SER A 40 2.42 2.03 -7.94
CA SER A 40 1.56 3.16 -8.38
C SER A 40 0.34 3.32 -7.45
N GLU A 41 0.07 2.28 -6.63
CA GLU A 41 -0.98 2.31 -5.61
C GLU A 41 -0.51 3.19 -4.44
N PRO A 42 -1.37 4.13 -3.91
CA PRO A 42 -1.01 4.93 -2.72
C PRO A 42 -0.92 4.08 -1.45
N LEU A 43 -0.34 4.65 -0.37
CA LEU A 43 -0.18 3.95 0.92
C LEU A 43 -1.54 3.70 1.59
N GLN A 44 -2.62 4.33 1.09
CA GLN A 44 -4.00 4.08 1.57
C GLN A 44 -4.38 2.58 1.44
N SER A 45 -3.67 1.85 0.54
CA SER A 45 -3.80 0.40 0.42
C SER A 45 -3.38 -0.30 1.74
N VAL A 46 -2.13 -0.03 2.20
CA VAL A 46 -1.59 -0.64 3.44
C VAL A 46 -2.33 -0.07 4.68
N VAL A 47 -2.78 1.19 4.57
CA VAL A 47 -3.56 1.89 5.61
C VAL A 47 -4.90 1.21 5.86
N ASP A 48 -5.59 0.84 4.76
CA ASP A 48 -6.89 0.14 4.80
C ASP A 48 -6.76 -1.19 5.53
N HIS A 49 -5.71 -1.94 5.15
CA HIS A 49 -5.42 -3.27 5.70
C HIS A 49 -5.07 -3.19 7.20
N MET A 50 -4.13 -2.29 7.54
CA MET A 50 -3.59 -2.16 8.93
C MET A 50 -4.65 -1.61 9.89
N ALA A 51 -5.54 -0.76 9.35
CA ALA A 51 -6.67 -0.19 10.11
C ALA A 51 -7.63 -1.31 10.53
N THR A 52 -7.97 -2.20 9.58
CA THR A 52 -8.87 -3.34 9.81
C THR A 52 -8.19 -4.44 10.66
N HIS A 53 -6.85 -4.53 10.53
CA HIS A 53 -6.00 -5.48 11.29
C HIS A 53 -6.03 -5.12 12.79
N LEU A 54 -6.02 -3.81 13.07
CA LEU A 54 -6.00 -3.25 14.44
C LEU A 54 -7.39 -2.79 14.90
N GLY A 55 -8.39 -2.84 13.99
CA GLY A 55 -9.78 -2.46 14.30
C GLY A 55 -9.99 -0.95 14.42
N VAL A 56 -8.96 -0.17 14.03
CA VAL A 56 -8.98 1.31 14.10
C VAL A 56 -9.39 1.93 12.75
N SER A 57 -9.52 3.27 12.71
CA SER A 57 -9.86 4.01 11.49
C SER A 57 -8.62 4.16 10.58
N PRO A 58 -8.80 4.20 9.22
CA PRO A 58 -7.70 4.52 8.26
C PRO A 58 -7.06 5.90 8.53
N SER A 59 -7.86 6.82 9.11
CA SER A 59 -7.43 8.19 9.41
C SER A 59 -6.46 8.24 10.63
N ARG A 60 -6.27 7.09 11.30
CA ARG A 60 -5.38 6.96 12.47
C ARG A 60 -4.02 6.37 12.07
N ILE A 61 -3.97 5.66 10.92
CA ILE A 61 -2.75 4.99 10.45
C ILE A 61 -1.80 5.99 9.77
N LEU A 62 -0.63 6.19 10.38
CA LEU A 62 0.48 6.96 9.80
C LEU A 62 1.63 5.99 9.52
N LEU A 63 2.29 6.13 8.35
CA LEU A 63 3.46 5.30 8.00
C LEU A 63 4.71 6.15 8.17
N LEU A 64 5.74 5.59 8.81
CA LEU A 64 7.02 6.28 9.07
C LEU A 64 8.18 5.37 8.66
N PHE A 65 8.91 5.72 7.58
CA PHE A 65 10.05 4.90 7.12
C PHE A 65 11.27 5.28 7.97
N GLY A 66 11.34 4.67 9.18
CA GLY A 66 12.41 4.93 10.14
C GLY A 66 12.24 6.27 10.87
N GLU A 67 12.39 7.37 10.13
CA GLU A 67 12.38 8.75 10.68
C GLU A 67 11.50 9.69 9.83
N THR A 68 11.34 9.38 8.52
CA THR A 68 10.60 10.25 7.58
C THR A 68 9.09 9.99 7.70
N GLU A 69 8.28 11.04 7.47
CA GLU A 69 6.82 10.95 7.58
C GLU A 69 6.21 10.65 6.20
N LEU A 70 5.55 9.49 6.11
CA LEU A 70 4.91 9.02 4.87
C LEU A 70 3.39 9.18 4.98
N SER A 71 2.82 10.06 4.15
CA SER A 71 1.38 10.30 4.08
C SER A 71 0.67 9.13 3.34
N PRO A 72 -0.61 8.78 3.72
CA PRO A 72 -1.40 7.71 3.03
C PRO A 72 -1.63 8.01 1.52
N THR A 73 -1.57 9.30 1.17
CA THR A 73 -1.74 9.78 -0.21
C THR A 73 -0.51 9.43 -1.08
N ALA A 74 0.69 9.44 -0.45
CA ALA A 74 1.98 9.18 -1.13
C ALA A 74 2.07 7.71 -1.62
N THR A 75 2.75 7.51 -2.76
CA THR A 75 2.89 6.17 -3.37
C THR A 75 4.29 5.60 -3.05
N PRO A 76 4.40 4.28 -2.71
CA PRO A 76 5.69 3.55 -2.57
C PRO A 76 6.63 3.72 -3.79
N ARG A 77 6.07 4.10 -4.94
CA ARG A 77 6.84 4.45 -6.15
C ARG A 77 7.78 5.63 -5.89
N THR A 78 7.20 6.78 -5.48
CA THR A 78 7.95 8.05 -5.29
C THR A 78 8.86 7.98 -4.03
N LEU A 79 8.53 7.05 -3.11
CA LEU A 79 9.30 6.83 -1.87
C LEU A 79 10.42 5.79 -2.09
N LYS A 80 10.25 4.96 -3.14
CA LYS A 80 11.05 3.74 -3.40
C LYS A 80 10.96 2.81 -2.17
N LEU A 81 9.86 2.06 -2.07
CA LEU A 81 9.69 1.01 -1.05
C LEU A 81 9.74 -0.37 -1.75
N GLY A 82 10.33 -1.34 -1.06
CA GLY A 82 10.50 -2.71 -1.57
C GLY A 82 9.98 -3.74 -0.58
N VAL A 83 10.31 -5.01 -0.83
CA VAL A 83 9.85 -6.15 -0.02
C VAL A 83 10.58 -6.21 1.35
N ALA A 84 11.77 -5.57 1.39
CA ALA A 84 12.64 -5.54 2.58
C ALA A 84 12.49 -4.22 3.35
N ASP A 85 12.03 -3.16 2.66
CA ASP A 85 11.80 -1.83 3.26
C ASP A 85 10.59 -1.89 4.21
N ILE A 86 10.81 -1.49 5.48
CA ILE A 86 9.76 -1.52 6.52
C ILE A 86 9.24 -0.10 6.77
N ILE A 87 7.92 0.03 6.96
CA ILE A 87 7.28 1.30 7.33
C ILE A 87 6.46 1.12 8.63
N ASP A 88 6.74 1.97 9.62
CA ASP A 88 6.14 1.91 10.96
C ASP A 88 4.68 2.43 10.93
N CYS A 89 3.72 1.51 11.03
CA CYS A 89 2.29 1.83 11.17
C CYS A 89 2.00 2.32 12.61
N VAL A 90 2.07 3.65 12.79
CA VAL A 90 1.77 4.30 14.07
C VAL A 90 0.32 4.79 14.09
N VAL A 91 -0.48 4.23 15.02
CA VAL A 91 -1.89 4.60 15.20
C VAL A 91 -1.98 5.85 16.11
N LEU A 92 -2.17 7.01 15.46
CA LEU A 92 -2.44 8.28 16.13
C LEU A 92 -3.91 8.36 16.58
N THR A 93 -4.28 9.47 17.23
CA THR A 93 -5.69 9.80 17.53
C THR A 93 -6.42 10.11 16.21
N SER A 94 -5.86 11.05 15.45
CA SER A 94 -6.34 11.47 14.12
C SER A 94 -5.18 12.11 13.35
N SER A 95 -5.02 11.77 12.06
CA SER A 95 -3.93 12.27 11.20
C SER A 95 -4.52 13.32 10.22
N GLN A 1 -26.74 -10.00 -40.17
CA GLN A 1 -26.16 -8.67 -40.44
C GLN A 1 -27.11 -7.83 -41.32
N GLY A 2 -27.38 -6.58 -40.88
CA GLY A 2 -28.25 -5.65 -41.59
C GLY A 2 -28.00 -4.21 -41.16
N GLN A 3 -26.76 -3.73 -41.43
CA GLN A 3 -26.31 -2.35 -41.08
C GLN A 3 -26.26 -2.17 -39.54
N GLU A 4 -25.76 -3.22 -38.85
CA GLU A 4 -25.61 -3.24 -37.40
C GLU A 4 -24.45 -2.33 -36.96
N ASP A 5 -24.79 -1.10 -36.55
CA ASP A 5 -23.84 -0.09 -36.03
C ASP A 5 -23.76 -0.17 -34.48
N GLU A 6 -24.12 -1.36 -33.95
CA GLU A 6 -24.21 -1.61 -32.49
C GLU A 6 -22.81 -1.61 -31.82
N VAL A 7 -22.81 -1.36 -30.50
CA VAL A 7 -21.59 -1.42 -29.67
C VAL A 7 -21.19 -2.90 -29.41
N VAL A 8 -20.03 -3.29 -29.96
CA VAL A 8 -19.59 -4.69 -30.01
C VAL A 8 -18.77 -5.08 -28.75
N LEU A 9 -18.99 -6.32 -28.27
CA LEU A 9 -18.26 -6.96 -27.16
C LEU A 9 -18.55 -6.21 -25.82
N VAL A 10 -19.79 -5.72 -25.67
CA VAL A 10 -20.24 -5.09 -24.40
C VAL A 10 -20.45 -6.17 -23.31
N GLU A 11 -19.35 -6.46 -22.60
CA GLU A 11 -19.28 -7.50 -21.58
C GLU A 11 -18.02 -7.27 -20.74
N GLY A 12 -18.09 -7.61 -19.44
CA GLY A 12 -16.92 -7.64 -18.57
C GLY A 12 -16.10 -8.90 -18.85
N PRO A 13 -14.91 -8.78 -19.53
CA PRO A 13 -14.16 -9.96 -20.01
C PRO A 13 -13.30 -10.61 -18.91
N THR A 14 -12.71 -11.76 -19.25
CA THR A 14 -11.70 -12.41 -18.43
C THR A 14 -10.39 -11.60 -18.52
N LEU A 15 -9.67 -11.49 -17.40
CA LEU A 15 -8.39 -10.78 -17.31
C LEU A 15 -7.23 -11.81 -17.28
N PRO A 16 -6.61 -12.16 -18.45
CA PRO A 16 -5.40 -13.01 -18.49
C PRO A 16 -4.14 -12.23 -18.06
N GLU A 17 -4.26 -10.89 -18.04
CA GLU A 17 -3.23 -9.97 -17.56
C GLU A 17 -3.53 -9.61 -16.10
N THR A 18 -2.77 -10.21 -15.18
CA THR A 18 -2.80 -9.85 -13.75
C THR A 18 -1.83 -8.67 -13.53
N PRO A 19 -2.25 -7.60 -12.75
CA PRO A 19 -1.31 -6.53 -12.33
C PRO A 19 -0.19 -7.11 -11.43
N ARG A 20 1.01 -6.52 -11.47
CA ARG A 20 2.17 -7.03 -10.70
C ARG A 20 2.25 -6.33 -9.32
N LEU A 21 1.98 -7.12 -8.27
CA LEU A 21 2.05 -6.67 -6.87
C LEU A 21 3.29 -7.29 -6.20
N PHE A 22 3.83 -6.59 -5.19
CA PHE A 22 4.95 -7.07 -4.37
C PHE A 22 4.53 -6.98 -2.88
N PRO A 23 4.91 -7.98 -2.01
CA PRO A 23 4.61 -7.92 -0.55
C PRO A 23 5.32 -6.74 0.15
N LEU A 24 4.60 -5.59 0.25
CA LEU A 24 5.04 -4.41 1.01
C LEU A 24 5.26 -4.83 2.46
N LYS A 25 6.41 -4.45 3.02
CA LYS A 25 6.80 -4.79 4.38
C LYS A 25 6.41 -3.64 5.35
N ILE A 26 5.32 -3.87 6.09
CA ILE A 26 4.85 -2.94 7.13
C ILE A 26 5.29 -3.49 8.50
N ARG A 27 5.44 -2.60 9.49
CA ARG A 27 5.78 -2.95 10.86
C ARG A 27 4.65 -2.51 11.79
N CYS A 28 3.84 -3.50 12.22
CA CYS A 28 2.74 -3.30 13.18
C CYS A 28 3.30 -2.96 14.59
N ARG A 29 2.39 -2.81 15.57
CA ARG A 29 2.72 -2.44 16.97
C ARG A 29 3.81 -3.35 17.60
N ALA A 30 3.83 -4.64 17.19
CA ALA A 30 4.82 -5.62 17.65
C ALA A 30 4.87 -6.82 16.67
N ASP A 31 4.84 -6.50 15.36
CA ASP A 31 4.78 -7.53 14.29
C ASP A 31 5.21 -6.96 12.93
N LEU A 32 5.50 -7.86 11.95
CA LEU A 32 5.77 -7.51 10.54
C LEU A 32 4.64 -8.03 9.65
N VAL A 33 3.88 -7.09 9.05
CA VAL A 33 2.78 -7.41 8.13
C VAL A 33 3.29 -7.35 6.68
N ARG A 34 2.84 -8.30 5.85
CA ARG A 34 3.20 -8.35 4.41
C ARG A 34 1.92 -8.40 3.59
N LEU A 35 1.66 -7.36 2.78
CA LEU A 35 0.50 -7.37 1.86
C LEU A 35 0.96 -7.08 0.42
N PRO A 36 0.45 -7.85 -0.61
CA PRO A 36 0.74 -7.58 -2.03
C PRO A 36 0.15 -6.21 -2.43
N LEU A 37 1.00 -5.36 -3.03
CA LEU A 37 0.66 -3.97 -3.37
C LEU A 37 1.47 -3.53 -4.61
N ARG A 38 0.91 -2.60 -5.41
CA ARG A 38 1.53 -2.09 -6.65
C ARG A 38 2.36 -0.82 -6.38
N MET A 39 3.35 -0.55 -7.25
CA MET A 39 4.18 0.68 -7.16
C MET A 39 3.31 1.93 -7.43
N SER A 40 2.37 1.79 -8.40
CA SER A 40 1.42 2.87 -8.77
C SER A 40 0.31 3.05 -7.70
N GLU A 41 0.15 2.03 -6.84
CA GLU A 41 -0.84 2.04 -5.75
C GLU A 41 -0.37 3.01 -4.64
N PRO A 42 -1.25 3.94 -4.13
CA PRO A 42 -0.91 4.76 -2.94
C PRO A 42 -0.82 3.90 -1.65
N LEU A 43 -0.28 4.50 -0.57
CA LEU A 43 -0.14 3.83 0.73
C LEU A 43 -1.51 3.62 1.39
N GLN A 44 -2.57 4.25 0.83
CA GLN A 44 -3.95 4.06 1.30
C GLN A 44 -4.35 2.56 1.31
N SER A 45 -3.65 1.75 0.49
CA SER A 45 -3.76 0.29 0.51
C SER A 45 -3.27 -0.29 1.86
N VAL A 46 -1.99 0.02 2.25
CA VAL A 46 -1.40 -0.47 3.52
C VAL A 46 -2.12 0.14 4.72
N VAL A 47 -2.63 1.36 4.55
CA VAL A 47 -3.36 2.12 5.57
C VAL A 47 -4.70 1.45 5.89
N ASP A 48 -5.46 1.14 4.82
CA ASP A 48 -6.80 0.51 4.91
C ASP A 48 -6.70 -0.90 5.52
N HIS A 49 -5.69 -1.65 5.06
CA HIS A 49 -5.47 -3.05 5.48
C HIS A 49 -5.07 -3.11 6.96
N MET A 50 -4.08 -2.28 7.34
CA MET A 50 -3.56 -2.19 8.73
C MET A 50 -4.62 -1.65 9.69
N ALA A 51 -5.48 -0.74 9.17
CA ALA A 51 -6.60 -0.16 9.93
C ALA A 51 -7.56 -1.25 10.37
N THR A 52 -8.03 -2.04 9.40
CA THR A 52 -8.96 -3.15 9.62
C THR A 52 -8.32 -4.27 10.46
N HIS A 53 -7.00 -4.48 10.26
CA HIS A 53 -6.22 -5.51 10.96
C HIS A 53 -6.09 -5.19 12.47
N LEU A 54 -5.99 -3.89 12.79
CA LEU A 54 -5.88 -3.38 14.17
C LEU A 54 -7.25 -2.91 14.69
N GLY A 55 -8.27 -2.96 13.81
CA GLY A 55 -9.65 -2.60 14.16
C GLY A 55 -9.88 -1.09 14.29
N VAL A 56 -8.87 -0.29 13.87
CA VAL A 56 -8.90 1.17 13.95
C VAL A 56 -9.29 1.80 12.61
N SER A 57 -9.32 3.15 12.55
CA SER A 57 -9.66 3.90 11.34
C SER A 57 -8.41 4.11 10.46
N PRO A 58 -8.57 4.15 9.08
CA PRO A 58 -7.46 4.52 8.16
C PRO A 58 -6.86 5.90 8.48
N SER A 59 -7.69 6.81 9.02
CA SER A 59 -7.27 8.19 9.37
C SER A 59 -6.26 8.19 10.55
N ARG A 60 -6.23 7.08 11.31
CA ARG A 60 -5.36 6.91 12.48
C ARG A 60 -3.99 6.30 12.08
N ILE A 61 -3.92 5.65 10.89
CA ILE A 61 -2.68 4.99 10.44
C ILE A 61 -1.71 6.02 9.81
N LEU A 62 -0.46 6.05 10.34
CA LEU A 62 0.62 6.92 9.83
C LEU A 62 1.88 6.07 9.59
N LEU A 63 2.38 6.05 8.35
CA LEU A 63 3.57 5.26 7.99
C LEU A 63 4.82 6.11 8.23
N LEU A 64 5.79 5.55 8.98
CA LEU A 64 7.03 6.24 9.37
C LEU A 64 8.22 5.29 9.20
N PHE A 65 9.03 5.49 8.14
CA PHE A 65 10.25 4.67 7.92
C PHE A 65 11.40 5.22 8.78
N GLY A 66 11.54 4.65 10.00
CA GLY A 66 12.54 5.11 10.97
C GLY A 66 12.22 6.52 11.47
N GLU A 67 12.71 7.54 10.74
CA GLU A 67 12.47 8.97 11.05
C GLU A 67 12.15 9.73 9.74
N THR A 68 10.91 9.56 9.26
CA THR A 68 10.36 10.30 8.10
C THR A 68 8.84 10.09 8.05
N GLU A 69 8.09 11.11 7.61
CA GLU A 69 6.62 11.06 7.59
C GLU A 69 6.12 10.67 6.18
N LEU A 70 5.32 9.58 6.12
CA LEU A 70 4.76 9.05 4.87
C LEU A 70 3.22 9.04 4.96
N SER A 71 2.57 9.58 3.92
CA SER A 71 1.10 9.76 3.88
C SER A 71 0.39 8.63 3.12
N PRO A 72 -0.91 8.33 3.47
CA PRO A 72 -1.80 7.44 2.65
C PRO A 72 -1.82 7.81 1.15
N THR A 73 -1.79 9.12 0.89
CA THR A 73 -1.84 9.66 -0.49
C THR A 73 -0.54 9.38 -1.27
N ALA A 74 0.59 9.25 -0.55
CA ALA A 74 1.93 9.00 -1.14
C ALA A 74 2.04 7.55 -1.64
N THR A 75 2.77 7.33 -2.74
CA THR A 75 2.99 5.99 -3.31
C THR A 75 4.38 5.46 -2.86
N PRO A 76 4.55 4.13 -2.64
CA PRO A 76 5.87 3.50 -2.39
C PRO A 76 6.84 3.67 -3.58
N ARG A 77 6.31 4.10 -4.74
CA ARG A 77 7.11 4.45 -5.91
C ARG A 77 7.94 5.71 -5.63
N THR A 78 7.26 6.82 -5.25
CA THR A 78 7.93 8.11 -4.98
C THR A 78 8.81 8.04 -3.71
N LEU A 79 8.44 7.12 -2.79
CA LEU A 79 9.16 6.91 -1.52
C LEU A 79 10.27 5.85 -1.67
N LYS A 80 10.24 5.10 -2.79
CA LYS A 80 11.21 4.04 -3.12
C LYS A 80 11.19 2.88 -2.08
N LEU A 81 9.99 2.58 -1.55
CA LEU A 81 9.76 1.46 -0.62
C LEU A 81 9.80 0.12 -1.40
N GLY A 82 9.90 -1.00 -0.68
CA GLY A 82 10.02 -2.32 -1.29
C GLY A 82 9.73 -3.44 -0.29
N VAL A 83 9.98 -4.68 -0.73
CA VAL A 83 9.79 -5.91 0.09
C VAL A 83 10.83 -5.97 1.24
N ALA A 84 12.00 -5.34 1.02
CA ALA A 84 13.11 -5.30 1.99
C ALA A 84 13.14 -3.96 2.77
N ASP A 85 12.06 -3.16 2.66
CA ASP A 85 11.99 -1.82 3.26
C ASP A 85 10.77 -1.78 4.19
N ILE A 86 11.00 -1.42 5.48
CA ILE A 86 10.02 -1.65 6.55
C ILE A 86 9.52 -0.32 7.18
N ILE A 87 8.24 0.00 6.92
CA ILE A 87 7.61 1.26 7.38
C ILE A 87 6.70 1.00 8.61
N ASP A 88 6.85 1.83 9.66
CA ASP A 88 6.08 1.70 10.92
C ASP A 88 4.62 2.16 10.75
N CYS A 89 3.68 1.29 11.12
CA CYS A 89 2.24 1.62 11.18
C CYS A 89 1.90 2.16 12.57
N VAL A 90 1.98 3.49 12.73
CA VAL A 90 1.73 4.16 14.02
C VAL A 90 0.27 4.65 14.06
N VAL A 91 -0.51 4.08 15.00
CA VAL A 91 -1.91 4.46 15.21
C VAL A 91 -1.97 5.70 16.12
N LEU A 92 -2.14 6.86 15.46
CA LEU A 92 -2.38 8.15 16.11
C LEU A 92 -3.75 8.19 16.81
N THR A 93 -3.96 9.25 17.63
CA THR A 93 -5.25 9.51 18.28
C THR A 93 -6.15 10.43 17.42
N SER A 94 -5.95 10.38 16.08
CA SER A 94 -6.76 11.11 15.10
C SER A 94 -8.25 10.73 15.22
N SER A 95 -9.09 11.69 15.62
CA SER A 95 -10.53 11.45 15.83
C SER A 95 -11.30 11.70 14.52
N GLN A 1 -7.37 -9.91 -25.59
CA GLN A 1 -6.31 -10.86 -25.22
C GLN A 1 -5.22 -10.13 -24.41
N GLY A 2 -4.62 -10.81 -23.42
CA GLY A 2 -3.71 -10.19 -22.47
C GLY A 2 -2.25 -10.11 -22.95
N GLN A 3 -2.05 -9.69 -24.21
CA GLN A 3 -0.71 -9.47 -24.81
C GLN A 3 -0.26 -8.01 -24.57
N GLU A 4 0.99 -7.71 -24.96
CA GLU A 4 1.58 -6.37 -24.85
C GLU A 4 1.20 -5.55 -26.08
N ASP A 5 -0.04 -5.03 -26.07
CA ASP A 5 -0.60 -4.19 -27.15
C ASP A 5 -1.58 -3.14 -26.56
N GLU A 6 -1.55 -3.01 -25.22
CA GLU A 6 -2.52 -2.20 -24.45
C GLU A 6 -2.48 -0.71 -24.88
N VAL A 7 -3.64 -0.22 -25.36
CA VAL A 7 -3.84 1.17 -25.85
C VAL A 7 -5.20 1.72 -25.34
N VAL A 8 -5.45 3.00 -25.64
CA VAL A 8 -6.75 3.64 -25.37
C VAL A 8 -7.80 3.08 -26.37
N LEU A 9 -8.66 2.22 -25.85
CA LEU A 9 -9.72 1.55 -26.60
C LEU A 9 -10.86 1.24 -25.62
N VAL A 10 -12.10 1.63 -25.99
CA VAL A 10 -13.28 1.42 -25.13
C VAL A 10 -13.70 -0.06 -25.10
N GLU A 11 -12.96 -0.81 -24.27
CA GLU A 11 -13.15 -2.25 -24.04
C GLU A 11 -13.06 -2.52 -22.54
N GLY A 12 -13.90 -3.44 -22.07
CA GLY A 12 -13.76 -4.05 -20.75
C GLY A 12 -13.34 -5.50 -20.92
N PRO A 13 -12.01 -5.79 -21.19
CA PRO A 13 -11.54 -7.14 -21.54
C PRO A 13 -11.34 -8.01 -20.29
N THR A 14 -11.44 -9.33 -20.47
CA THR A 14 -11.16 -10.29 -19.40
C THR A 14 -9.68 -10.20 -19.03
N LEU A 15 -9.40 -9.96 -17.74
CA LEU A 15 -8.04 -9.86 -17.21
C LEU A 15 -7.77 -11.04 -16.27
N PRO A 16 -7.28 -12.21 -16.79
CA PRO A 16 -6.78 -13.31 -15.94
C PRO A 16 -5.38 -12.98 -15.37
N GLU A 17 -4.68 -12.07 -16.07
CA GLU A 17 -3.38 -11.56 -15.68
C GLU A 17 -3.57 -10.48 -14.60
N THR A 18 -3.24 -10.83 -13.35
CA THR A 18 -3.21 -9.89 -12.24
C THR A 18 -1.94 -9.01 -12.36
N PRO A 19 -2.03 -7.65 -12.13
CA PRO A 19 -0.86 -6.74 -12.14
C PRO A 19 0.36 -7.24 -11.31
N ARG A 20 1.46 -6.50 -11.40
CA ARG A 20 2.72 -6.86 -10.72
C ARG A 20 2.78 -6.17 -9.35
N LEU A 21 2.23 -6.88 -8.35
CA LEU A 21 2.29 -6.49 -6.94
C LEU A 21 3.56 -7.08 -6.29
N PHE A 22 3.94 -6.53 -5.14
CA PHE A 22 5.07 -7.05 -4.35
C PHE A 22 4.70 -6.95 -2.85
N PRO A 23 5.15 -7.92 -1.99
CA PRO A 23 4.84 -7.93 -0.53
C PRO A 23 5.53 -6.75 0.22
N LEU A 24 4.83 -5.60 0.28
CA LEU A 24 5.26 -4.39 0.99
C LEU A 24 5.46 -4.73 2.48
N LYS A 25 6.63 -4.39 3.04
CA LYS A 25 6.93 -4.58 4.47
C LYS A 25 6.38 -3.40 5.31
N ILE A 26 5.34 -3.69 6.09
CA ILE A 26 4.79 -2.76 7.09
C ILE A 26 5.19 -3.28 8.49
N ARG A 27 5.46 -2.37 9.43
CA ARG A 27 5.71 -2.72 10.82
C ARG A 27 4.51 -2.31 11.68
N CYS A 28 3.74 -3.32 12.11
CA CYS A 28 2.67 -3.15 13.08
C CYS A 28 3.26 -2.84 14.47
N ARG A 29 2.39 -2.51 15.43
CA ARG A 29 2.78 -2.06 16.79
C ARG A 29 3.56 -3.15 17.58
N ALA A 30 3.53 -4.41 17.09
CA ALA A 30 4.28 -5.53 17.68
C ALA A 30 4.41 -6.70 16.68
N ASP A 31 4.52 -6.37 15.37
CA ASP A 31 4.56 -7.40 14.28
C ASP A 31 5.08 -6.80 12.95
N LEU A 32 5.50 -7.69 12.01
CA LEU A 32 5.84 -7.33 10.62
C LEU A 32 4.82 -7.97 9.66
N VAL A 33 4.07 -7.13 8.95
CA VAL A 33 3.10 -7.54 7.92
C VAL A 33 3.72 -7.37 6.53
N ARG A 34 3.43 -8.28 5.61
CA ARG A 34 3.72 -8.12 4.18
C ARG A 34 2.46 -8.38 3.38
N LEU A 35 2.01 -7.38 2.61
CA LEU A 35 0.79 -7.51 1.76
C LEU A 35 1.15 -7.19 0.30
N PRO A 36 0.49 -7.88 -0.70
CA PRO A 36 0.66 -7.56 -2.13
C PRO A 36 0.13 -6.14 -2.45
N LEU A 37 1.07 -5.24 -2.77
CA LEU A 37 0.76 -3.84 -3.13
C LEU A 37 1.49 -3.47 -4.44
N ARG A 38 0.83 -2.65 -5.27
CA ARG A 38 1.37 -2.17 -6.56
C ARG A 38 2.15 -0.85 -6.36
N MET A 39 3.03 -0.53 -7.33
CA MET A 39 3.81 0.73 -7.32
C MET A 39 2.90 1.94 -7.61
N SER A 40 1.86 1.72 -8.46
CA SER A 40 0.87 2.74 -8.83
C SER A 40 -0.20 2.91 -7.70
N GLU A 41 -0.38 1.83 -6.92
CA GLU A 41 -1.28 1.81 -5.75
C GLU A 41 -0.64 2.62 -4.62
N PRO A 42 -1.31 3.68 -4.06
CA PRO A 42 -0.76 4.51 -2.94
C PRO A 42 -0.66 3.71 -1.62
N LEU A 43 -0.16 4.38 -0.57
CA LEU A 43 -0.05 3.78 0.78
C LEU A 43 -1.43 3.45 1.36
N GLN A 44 -2.50 4.06 0.82
CA GLN A 44 -3.89 3.83 1.26
C GLN A 44 -4.26 2.32 1.26
N SER A 45 -3.52 1.51 0.44
CA SER A 45 -3.61 0.04 0.44
C SER A 45 -3.17 -0.54 1.80
N VAL A 46 -1.93 -0.22 2.23
CA VAL A 46 -1.36 -0.71 3.50
C VAL A 46 -2.12 -0.11 4.69
N VAL A 47 -2.57 1.14 4.53
CA VAL A 47 -3.37 1.87 5.52
C VAL A 47 -4.70 1.15 5.80
N ASP A 48 -5.39 0.78 4.72
CA ASP A 48 -6.71 0.12 4.78
C ASP A 48 -6.60 -1.23 5.50
N HIS A 49 -5.61 -2.03 5.05
CA HIS A 49 -5.32 -3.38 5.58
C HIS A 49 -4.98 -3.32 7.09
N MET A 50 -4.08 -2.40 7.47
CA MET A 50 -3.63 -2.25 8.86
C MET A 50 -4.76 -1.71 9.76
N ALA A 51 -5.66 -0.89 9.17
CA ALA A 51 -6.84 -0.34 9.86
C ALA A 51 -7.87 -1.45 10.14
N THR A 52 -8.02 -2.37 9.17
CA THR A 52 -8.94 -3.51 9.27
C THR A 52 -8.44 -4.52 10.34
N HIS A 53 -7.11 -4.77 10.31
CA HIS A 53 -6.45 -5.73 11.19
C HIS A 53 -6.46 -5.26 12.66
N LEU A 54 -6.09 -3.99 12.87
CA LEU A 54 -6.01 -3.37 14.21
C LEU A 54 -7.38 -2.85 14.69
N GLY A 55 -8.37 -2.86 13.77
CA GLY A 55 -9.75 -2.45 14.09
C GLY A 55 -9.87 -0.94 14.35
N VAL A 56 -8.95 -0.19 13.75
CA VAL A 56 -8.85 1.28 13.90
C VAL A 56 -9.25 1.98 12.59
N SER A 57 -9.25 3.32 12.60
CA SER A 57 -9.57 4.13 11.42
C SER A 57 -8.35 4.21 10.48
N PRO A 58 -8.55 4.20 9.11
CA PRO A 58 -7.47 4.47 8.12
C PRO A 58 -6.81 5.86 8.34
N SER A 59 -7.57 6.82 8.90
CA SER A 59 -7.04 8.18 9.18
C SER A 59 -5.99 8.14 10.30
N ARG A 60 -6.12 7.13 11.19
CA ARG A 60 -5.27 6.96 12.38
C ARG A 60 -3.97 6.20 12.07
N ILE A 61 -3.89 5.59 10.87
CA ILE A 61 -2.69 4.87 10.40
C ILE A 61 -1.67 5.89 9.81
N LEU A 62 -0.64 6.22 10.60
CA LEU A 62 0.45 7.11 10.17
C LEU A 62 1.69 6.27 9.83
N LEU A 63 2.06 6.23 8.54
CA LEU A 63 3.26 5.51 8.09
C LEU A 63 4.49 6.39 8.31
N LEU A 64 5.53 5.80 8.92
CA LEU A 64 6.79 6.49 9.22
C LEU A 64 7.96 5.59 8.77
N PHE A 65 8.68 5.99 7.69
CA PHE A 65 9.80 5.18 7.18
C PHE A 65 11.02 5.41 8.10
N GLY A 66 11.12 4.56 9.13
CA GLY A 66 12.21 4.62 10.10
C GLY A 66 12.17 5.89 10.95
N GLU A 67 12.74 6.98 10.41
CA GLU A 67 12.88 8.29 11.09
C GLU A 67 12.20 9.43 10.32
N THR A 68 11.53 9.13 9.19
CA THR A 68 10.85 10.17 8.36
C THR A 68 9.33 9.93 8.37
N GLU A 69 8.57 11.03 8.29
CA GLU A 69 7.11 10.98 8.23
C GLU A 69 6.65 10.80 6.78
N LEU A 70 5.72 9.86 6.57
CA LEU A 70 5.11 9.59 5.23
C LEU A 70 3.64 9.99 5.22
N SER A 71 3.12 10.26 4.01
CA SER A 71 1.70 10.56 3.80
C SER A 71 0.97 9.30 3.29
N PRO A 72 -0.20 8.89 3.91
CA PRO A 72 -1.02 7.74 3.42
C PRO A 72 -1.52 7.90 1.97
N THR A 73 -1.57 9.16 1.50
CA THR A 73 -1.95 9.50 0.12
C THR A 73 -0.79 9.27 -0.87
N ALA A 74 0.46 9.40 -0.37
CA ALA A 74 1.69 9.26 -1.18
C ALA A 74 1.87 7.82 -1.67
N THR A 75 2.63 7.65 -2.76
CA THR A 75 2.81 6.36 -3.42
C THR A 75 4.14 5.72 -2.99
N PRO A 76 4.20 4.37 -2.84
CA PRO A 76 5.44 3.62 -2.52
C PRO A 76 6.52 3.75 -3.62
N ARG A 77 6.10 4.20 -4.83
CA ARG A 77 7.02 4.36 -5.96
C ARG A 77 7.92 5.59 -5.75
N THR A 78 7.31 6.73 -5.39
CA THR A 78 8.04 7.99 -5.12
C THR A 78 8.85 7.87 -3.80
N LEU A 79 8.36 7.00 -2.88
CA LEU A 79 9.05 6.70 -1.62
C LEU A 79 10.09 5.59 -1.79
N LYS A 80 10.06 4.90 -2.95
CA LYS A 80 11.05 3.87 -3.35
C LYS A 80 11.07 2.67 -2.33
N LEU A 81 9.89 2.35 -1.80
CA LEU A 81 9.68 1.25 -0.82
C LEU A 81 9.89 -0.13 -1.48
N GLY A 82 9.95 -1.20 -0.65
CA GLY A 82 10.30 -2.55 -1.12
C GLY A 82 9.74 -3.65 -0.22
N VAL A 83 10.19 -4.89 -0.48
CA VAL A 83 9.71 -6.10 0.24
C VAL A 83 10.40 -6.27 1.60
N ALA A 84 11.65 -5.76 1.69
CA ALA A 84 12.45 -5.75 2.92
C ALA A 84 12.36 -4.37 3.59
N ASP A 85 12.06 -3.34 2.78
CA ASP A 85 12.02 -1.92 3.22
C ASP A 85 10.80 -1.68 4.12
N ILE A 86 11.05 -1.25 5.38
CA ILE A 86 10.05 -1.23 6.46
C ILE A 86 9.47 0.18 6.68
N ILE A 87 8.14 0.26 6.82
CA ILE A 87 7.42 1.50 7.20
C ILE A 87 6.50 1.24 8.42
N ASP A 88 6.69 2.07 9.46
CA ASP A 88 6.00 1.94 10.76
C ASP A 88 4.52 2.37 10.68
N CYS A 89 3.60 1.39 10.80
CA CYS A 89 2.16 1.65 11.00
C CYS A 89 1.91 2.11 12.45
N VAL A 90 1.96 3.43 12.67
CA VAL A 90 1.79 4.03 14.00
C VAL A 90 0.37 4.58 14.13
N VAL A 91 -0.45 3.94 14.99
CA VAL A 91 -1.85 4.34 15.22
C VAL A 91 -1.90 5.48 16.27
N LEU A 92 -2.23 6.69 15.80
CA LEU A 92 -2.36 7.89 16.64
C LEU A 92 -3.81 8.39 16.66
N THR A 93 -4.18 9.15 17.71
CA THR A 93 -5.53 9.76 17.83
C THR A 93 -5.59 11.07 17.00
N SER A 94 -5.59 10.89 15.68
CA SER A 94 -5.51 11.98 14.69
C SER A 94 -6.87 12.67 14.49
N SER A 95 -6.97 13.93 14.94
CA SER A 95 -8.15 14.78 14.76
C SER A 95 -7.69 16.17 14.27
N GLN A 1 11.45 -1.96 -17.40
CA GLN A 1 11.68 -2.26 -15.96
C GLN A 1 12.44 -1.07 -15.32
N GLY A 2 11.94 -0.58 -14.17
CA GLY A 2 12.42 0.68 -13.57
C GLY A 2 11.78 1.88 -14.28
N GLN A 3 12.22 2.13 -15.52
CA GLN A 3 11.49 2.95 -16.49
C GLN A 3 10.57 1.98 -17.31
N GLU A 4 9.95 2.45 -18.43
CA GLU A 4 9.13 1.62 -19.36
C GLU A 4 7.70 1.38 -18.79
N ASP A 5 7.48 1.85 -17.54
CA ASP A 5 6.18 1.75 -16.87
C ASP A 5 5.35 2.93 -17.37
N GLU A 6 4.43 2.63 -18.25
CA GLU A 6 3.51 3.62 -18.82
C GLU A 6 2.10 3.08 -18.57
N VAL A 7 1.32 3.79 -17.70
CA VAL A 7 0.03 3.30 -17.22
C VAL A 7 -0.96 3.03 -18.40
N VAL A 8 -1.24 1.73 -18.61
CA VAL A 8 -2.21 1.27 -19.61
C VAL A 8 -3.61 1.53 -19.02
N LEU A 9 -4.11 2.75 -19.27
CA LEU A 9 -5.37 3.24 -18.68
C LEU A 9 -6.59 2.65 -19.42
N VAL A 10 -6.86 1.36 -19.15
CA VAL A 10 -8.03 0.62 -19.68
C VAL A 10 -8.47 -0.40 -18.61
N GLU A 11 -9.79 -0.68 -18.57
CA GLU A 11 -10.39 -1.69 -17.70
C GLU A 11 -11.87 -1.92 -18.09
N GLY A 12 -12.49 -2.93 -17.47
CA GLY A 12 -13.89 -3.30 -17.76
C GLY A 12 -14.03 -4.82 -17.91
N PRO A 13 -13.47 -5.43 -19.02
CA PRO A 13 -13.50 -6.90 -19.24
C PRO A 13 -12.58 -7.66 -18.26
N THR A 14 -12.71 -9.00 -18.24
CA THR A 14 -11.85 -9.89 -17.44
C THR A 14 -10.42 -9.85 -18.00
N LEU A 15 -9.54 -9.06 -17.35
CA LEU A 15 -8.12 -8.95 -17.72
C LEU A 15 -7.27 -9.83 -16.76
N PRO A 16 -6.87 -11.08 -17.19
CA PRO A 16 -5.98 -11.95 -16.38
C PRO A 16 -4.55 -11.39 -16.22
N GLU A 17 -4.17 -10.46 -17.12
CA GLU A 17 -2.89 -9.74 -17.05
C GLU A 17 -2.90 -8.80 -15.83
N THR A 18 -2.34 -9.28 -14.72
CA THR A 18 -2.29 -8.55 -13.46
C THR A 18 -1.00 -7.69 -13.39
N PRO A 19 -1.09 -6.39 -12.96
CA PRO A 19 0.11 -5.54 -12.74
C PRO A 19 1.03 -6.15 -11.63
N ARG A 20 2.33 -5.84 -11.72
CA ARG A 20 3.37 -6.44 -10.85
C ARG A 20 3.27 -5.90 -9.42
N LEU A 21 2.81 -6.78 -8.50
CA LEU A 21 2.70 -6.47 -7.07
C LEU A 21 4.01 -6.86 -6.35
N PHE A 22 4.12 -6.42 -5.09
CA PHE A 22 5.19 -6.86 -4.17
C PHE A 22 4.64 -6.81 -2.73
N PRO A 23 4.97 -7.82 -1.85
CA PRO A 23 4.60 -7.78 -0.42
C PRO A 23 5.28 -6.60 0.31
N LEU A 24 4.53 -5.48 0.40
CA LEU A 24 4.92 -4.28 1.15
C LEU A 24 5.12 -4.69 2.63
N LYS A 25 6.30 -4.37 3.18
CA LYS A 25 6.64 -4.68 4.57
C LYS A 25 6.20 -3.53 5.50
N ILE A 26 5.09 -3.73 6.20
CA ILE A 26 4.59 -2.81 7.24
C ILE A 26 4.92 -3.40 8.61
N ARG A 27 5.53 -2.62 9.51
CA ARG A 27 5.78 -3.04 10.89
C ARG A 27 4.61 -2.64 11.78
N CYS A 28 3.86 -3.65 12.21
CA CYS A 28 2.80 -3.52 13.20
C CYS A 28 3.39 -3.42 14.63
N ARG A 29 2.50 -3.30 15.63
CA ARG A 29 2.84 -3.16 17.06
C ARG A 29 3.81 -4.26 17.59
N ALA A 30 3.70 -5.48 17.01
CA ALA A 30 4.56 -6.64 17.36
C ALA A 30 4.50 -7.69 16.25
N ASP A 31 4.23 -7.24 15.03
CA ASP A 31 3.97 -8.13 13.87
C ASP A 31 4.55 -7.49 12.59
N LEU A 32 4.79 -8.32 11.57
CA LEU A 32 5.27 -7.87 10.26
C LEU A 32 4.27 -8.27 9.18
N VAL A 33 3.48 -7.28 8.76
CA VAL A 33 2.45 -7.45 7.74
C VAL A 33 3.11 -7.31 6.36
N ARG A 34 2.91 -8.31 5.52
CA ARG A 34 3.36 -8.33 4.12
C ARG A 34 2.13 -8.45 3.23
N LEU A 35 1.71 -7.35 2.57
CA LEU A 35 0.53 -7.40 1.65
C LEU A 35 0.96 -7.09 0.21
N PRO A 36 0.52 -7.92 -0.80
CA PRO A 36 0.82 -7.68 -2.23
C PRO A 36 0.14 -6.38 -2.72
N LEU A 37 0.96 -5.40 -3.09
CA LEU A 37 0.53 -4.05 -3.48
C LEU A 37 1.30 -3.60 -4.73
N ARG A 38 0.66 -2.79 -5.59
CA ARG A 38 1.27 -2.25 -6.82
C ARG A 38 1.99 -0.94 -6.49
N MET A 39 3.14 -0.67 -7.15
CA MET A 39 3.95 0.55 -6.85
C MET A 39 3.19 1.85 -7.24
N SER A 40 2.29 1.74 -8.24
CA SER A 40 1.43 2.86 -8.68
C SER A 40 0.22 3.07 -7.75
N GLU A 41 -0.02 2.10 -6.84
CA GLU A 41 -1.12 2.17 -5.87
C GLU A 41 -0.63 2.95 -4.63
N PRO A 42 -1.41 3.98 -4.12
CA PRO A 42 -1.01 4.75 -2.92
C PRO A 42 -0.98 3.90 -1.63
N LEU A 43 -0.38 4.46 -0.57
CA LEU A 43 -0.23 3.80 0.74
C LEU A 43 -1.59 3.63 1.44
N GLN A 44 -2.65 4.25 0.89
CA GLN A 44 -4.03 4.09 1.39
C GLN A 44 -4.43 2.59 1.45
N SER A 45 -3.82 1.77 0.57
CA SER A 45 -4.00 0.31 0.55
C SER A 45 -3.44 -0.37 1.83
N VAL A 46 -2.20 0.01 2.23
CA VAL A 46 -1.58 -0.55 3.47
C VAL A 46 -2.28 0.02 4.71
N VAL A 47 -2.71 1.30 4.60
CA VAL A 47 -3.45 2.03 5.65
C VAL A 47 -4.79 1.34 5.94
N ASP A 48 -5.50 0.97 4.88
CA ASP A 48 -6.83 0.34 4.95
C ASP A 48 -6.74 -1.03 5.65
N HIS A 49 -5.78 -1.84 5.19
CA HIS A 49 -5.54 -3.19 5.73
C HIS A 49 -5.10 -3.14 7.20
N MET A 50 -4.16 -2.22 7.52
CA MET A 50 -3.61 -2.07 8.89
C MET A 50 -4.67 -1.54 9.87
N ALA A 51 -5.58 -0.70 9.36
CA ALA A 51 -6.71 -0.16 10.13
C ALA A 51 -7.64 -1.31 10.59
N THR A 52 -7.92 -2.23 9.66
CA THR A 52 -8.75 -3.43 9.93
C THR A 52 -7.97 -4.46 10.78
N HIS A 53 -6.65 -4.52 10.57
CA HIS A 53 -5.72 -5.46 11.25
C HIS A 53 -5.64 -5.14 12.75
N LEU A 54 -5.72 -3.85 13.09
CA LEU A 54 -5.62 -3.34 14.47
C LEU A 54 -7.00 -2.99 15.05
N GLY A 55 -8.00 -2.75 14.19
CA GLY A 55 -9.35 -2.37 14.62
C GLY A 55 -9.50 -0.86 14.86
N VAL A 56 -8.65 -0.07 14.18
CA VAL A 56 -8.67 1.41 14.25
C VAL A 56 -9.14 2.01 12.91
N SER A 57 -9.20 3.35 12.86
CA SER A 57 -9.59 4.10 11.65
C SER A 57 -8.38 4.24 10.69
N PRO A 58 -8.60 4.24 9.32
CA PRO A 58 -7.53 4.53 8.32
C PRO A 58 -6.90 5.93 8.52
N SER A 59 -7.69 6.85 9.08
CA SER A 59 -7.26 8.24 9.35
C SER A 59 -6.16 8.32 10.42
N ARG A 60 -6.02 7.23 11.21
CA ARG A 60 -5.07 7.13 12.33
C ARG A 60 -3.74 6.46 11.90
N ILE A 61 -3.77 5.62 10.85
CA ILE A 61 -2.58 4.88 10.38
C ILE A 61 -1.59 5.84 9.67
N LEU A 62 -0.40 6.01 10.25
CA LEU A 62 0.67 6.85 9.68
C LEU A 62 1.94 6.02 9.52
N LEU A 63 2.45 5.93 8.29
CA LEU A 63 3.64 5.13 7.96
C LEU A 63 4.89 6.00 8.14
N LEU A 64 5.82 5.53 9.00
CA LEU A 64 7.05 6.25 9.33
C LEU A 64 8.27 5.33 9.16
N PHE A 65 9.14 5.62 8.17
CA PHE A 65 10.41 4.89 8.02
C PHE A 65 11.45 5.53 8.94
N GLY A 66 11.57 4.99 10.17
CA GLY A 66 12.43 5.54 11.20
C GLY A 66 11.87 6.87 11.70
N GLU A 67 12.35 7.99 11.12
CA GLU A 67 11.82 9.34 11.39
C GLU A 67 11.60 10.08 10.07
N THR A 68 10.44 9.82 9.44
CA THR A 68 10.00 10.54 8.23
C THR A 68 8.51 10.23 8.00
N GLU A 69 7.73 11.25 7.60
CA GLU A 69 6.28 11.11 7.46
C GLU A 69 5.90 10.69 6.04
N LEU A 70 5.36 9.48 5.91
CA LEU A 70 4.91 8.94 4.61
C LEU A 70 3.37 9.03 4.54
N SER A 71 2.89 9.86 3.61
CA SER A 71 1.46 10.19 3.46
C SER A 71 0.66 9.00 2.85
N PRO A 72 -0.62 8.76 3.29
CA PRO A 72 -1.51 7.70 2.71
C PRO A 72 -1.81 7.93 1.22
N THR A 73 -1.80 9.22 0.82
CA THR A 73 -2.07 9.66 -0.56
C THR A 73 -0.88 9.34 -1.49
N ALA A 74 0.35 9.32 -0.92
CA ALA A 74 1.60 9.09 -1.67
C ALA A 74 1.77 7.58 -1.98
N THR A 75 2.53 7.26 -3.04
CA THR A 75 2.77 5.88 -3.49
C THR A 75 4.15 5.40 -2.98
N PRO A 76 4.35 4.07 -2.78
CA PRO A 76 5.67 3.50 -2.41
C PRO A 76 6.71 3.60 -3.54
N ARG A 77 6.29 3.98 -4.76
CA ARG A 77 7.21 4.15 -5.90
C ARG A 77 8.03 5.44 -5.75
N THR A 78 7.34 6.56 -5.44
CA THR A 78 7.99 7.87 -5.25
C THR A 78 8.85 7.88 -3.96
N LEU A 79 8.52 6.98 -3.02
CA LEU A 79 9.27 6.78 -1.77
C LEU A 79 10.37 5.71 -1.91
N LYS A 80 10.26 4.88 -2.98
CA LYS A 80 11.19 3.77 -3.30
C LYS A 80 11.16 2.65 -2.24
N LEU A 81 9.97 2.43 -1.63
CA LEU A 81 9.74 1.34 -0.65
C LEU A 81 9.81 -0.05 -1.35
N GLY A 82 9.92 -1.11 -0.53
CA GLY A 82 10.14 -2.45 -1.03
C GLY A 82 9.73 -3.53 -0.04
N VAL A 83 10.11 -4.78 -0.35
CA VAL A 83 9.84 -5.95 0.51
C VAL A 83 10.82 -5.98 1.71
N ALA A 84 12.01 -5.36 1.51
CA ALA A 84 13.06 -5.26 2.52
C ALA A 84 12.95 -3.93 3.31
N ASP A 85 12.23 -2.94 2.73
CA ASP A 85 12.01 -1.63 3.38
C ASP A 85 10.83 -1.75 4.36
N ILE A 86 11.04 -1.32 5.61
CA ILE A 86 10.07 -1.55 6.71
C ILE A 86 9.51 -0.21 7.20
N ILE A 87 8.21 0.03 6.99
CA ILE A 87 7.55 1.28 7.41
C ILE A 87 6.61 1.04 8.61
N ASP A 88 6.84 1.82 9.69
CA ASP A 88 6.12 1.67 10.97
C ASP A 88 4.67 2.16 10.85
N CYS A 89 3.71 1.25 11.04
CA CYS A 89 2.28 1.59 11.19
C CYS A 89 2.04 2.20 12.57
N VAL A 90 2.12 3.53 12.66
CA VAL A 90 1.95 4.27 13.91
C VAL A 90 0.54 4.87 13.94
N VAL A 91 -0.30 4.31 14.83
CA VAL A 91 -1.69 4.76 15.01
C VAL A 91 -1.71 6.03 15.86
N LEU A 92 -1.72 7.19 15.18
CA LEU A 92 -1.89 8.48 15.82
C LEU A 92 -3.38 8.84 15.83
N THR A 93 -4.01 8.57 16.97
CA THR A 93 -5.43 8.90 17.22
C THR A 93 -5.54 10.39 17.60
N SER A 94 -4.42 10.96 18.10
CA SER A 94 -4.30 12.40 18.39
C SER A 94 -4.23 13.18 17.06
N SER A 95 -5.35 13.81 16.68
CA SER A 95 -5.46 14.59 15.45
C SER A 95 -6.34 15.83 15.74
N GLN A 1 -21.97 29.00 -17.84
CA GLN A 1 -21.02 27.89 -17.72
C GLN A 1 -21.55 26.83 -16.76
N GLY A 2 -21.48 25.55 -17.17
CA GLY A 2 -21.94 24.42 -16.34
C GLY A 2 -20.77 23.62 -15.81
N GLN A 3 -20.75 23.34 -14.48
CA GLN A 3 -19.65 22.60 -13.83
C GLN A 3 -19.81 21.09 -14.09
N GLU A 4 -19.39 20.68 -15.30
CA GLU A 4 -19.33 19.27 -15.74
C GLU A 4 -17.88 18.77 -15.71
N ASP A 5 -17.07 19.42 -14.84
CA ASP A 5 -15.65 19.13 -14.68
C ASP A 5 -15.46 17.79 -13.93
N GLU A 6 -15.50 16.70 -14.70
CA GLU A 6 -15.25 15.34 -14.24
C GLU A 6 -14.18 14.69 -15.13
N VAL A 7 -13.31 13.85 -14.55
CA VAL A 7 -12.25 13.14 -15.28
C VAL A 7 -12.75 11.72 -15.70
N VAL A 8 -13.84 11.70 -16.49
CA VAL A 8 -14.48 10.46 -16.94
C VAL A 8 -13.55 9.73 -17.95
N LEU A 9 -12.77 8.78 -17.43
CA LEU A 9 -11.75 8.05 -18.17
C LEU A 9 -11.58 6.67 -17.52
N VAL A 10 -12.27 5.68 -18.09
CA VAL A 10 -12.23 4.28 -17.61
C VAL A 10 -11.53 3.40 -18.67
N GLU A 11 -10.22 3.19 -18.47
CA GLU A 11 -9.35 2.41 -19.37
C GLU A 11 -8.81 1.17 -18.62
N GLY A 12 -7.83 0.48 -19.23
CA GLY A 12 -7.27 -0.75 -18.68
C GLY A 12 -7.76 -1.97 -19.46
N PRO A 13 -6.93 -2.55 -20.39
CA PRO A 13 -7.35 -3.71 -21.22
C PRO A 13 -7.39 -5.02 -20.40
N THR A 14 -7.92 -6.10 -21.02
CA THR A 14 -7.95 -7.43 -20.39
C THR A 14 -6.52 -7.97 -20.31
N LEU A 15 -5.90 -7.83 -19.13
CA LEU A 15 -4.58 -8.39 -18.85
C LEU A 15 -4.75 -9.79 -18.23
N PRO A 16 -4.45 -10.90 -18.99
CA PRO A 16 -4.36 -12.27 -18.40
C PRO A 16 -3.25 -12.37 -17.33
N GLU A 17 -2.28 -11.44 -17.44
CA GLU A 17 -1.16 -11.30 -16.51
C GLU A 17 -1.60 -10.50 -15.27
N THR A 18 -1.36 -11.06 -14.08
CA THR A 18 -1.50 -10.33 -12.82
C THR A 18 -0.40 -9.25 -12.72
N PRO A 19 -0.75 -7.94 -12.48
CA PRO A 19 0.24 -6.86 -12.26
C PRO A 19 1.20 -7.22 -11.09
N ARG A 20 2.49 -6.86 -11.24
CA ARG A 20 3.57 -7.32 -10.34
C ARG A 20 3.42 -6.78 -8.90
N LEU A 21 2.57 -7.45 -8.14
CA LEU A 21 2.35 -7.18 -6.72
C LEU A 21 3.57 -7.66 -5.94
N PHE A 22 4.18 -6.77 -5.14
CA PHE A 22 5.27 -7.13 -4.22
C PHE A 22 4.73 -7.06 -2.77
N PRO A 23 5.15 -7.99 -1.84
CA PRO A 23 4.75 -7.92 -0.43
C PRO A 23 5.37 -6.69 0.27
N LEU A 24 4.56 -5.60 0.35
CA LEU A 24 4.94 -4.38 1.08
C LEU A 24 5.09 -4.76 2.56
N LYS A 25 6.24 -4.38 3.15
CA LYS A 25 6.57 -4.72 4.53
C LYS A 25 6.15 -3.58 5.47
N ILE A 26 5.02 -3.78 6.17
CA ILE A 26 4.51 -2.84 7.16
C ILE A 26 4.80 -3.40 8.55
N ARG A 27 5.67 -2.72 9.30
CA ARG A 27 5.96 -3.10 10.70
C ARG A 27 4.79 -2.67 11.59
N CYS A 28 3.98 -3.67 11.98
CA CYS A 28 2.87 -3.50 12.94
C CYS A 28 3.43 -3.30 14.37
N ARG A 29 2.51 -3.05 15.33
CA ARG A 29 2.86 -2.81 16.75
C ARG A 29 3.67 -3.96 17.40
N ALA A 30 3.49 -5.19 16.89
CA ALA A 30 4.18 -6.40 17.40
C ALA A 30 4.27 -7.50 16.32
N ASP A 31 4.32 -7.09 15.03
CA ASP A 31 4.26 -8.03 13.89
C ASP A 31 4.82 -7.38 12.60
N LEU A 32 5.13 -8.22 11.60
CA LEU A 32 5.50 -7.78 10.24
C LEU A 32 4.41 -8.22 9.25
N VAL A 33 3.56 -7.27 8.85
CA VAL A 33 2.49 -7.48 7.87
C VAL A 33 3.09 -7.35 6.47
N ARG A 34 2.80 -8.35 5.63
CA ARG A 34 3.28 -8.42 4.25
C ARG A 34 2.07 -8.55 3.33
N LEU A 35 1.62 -7.44 2.72
CA LEU A 35 0.43 -7.47 1.83
C LEU A 35 0.84 -7.22 0.37
N PRO A 36 0.19 -7.92 -0.63
CA PRO A 36 0.49 -7.71 -2.06
C PRO A 36 -0.01 -6.32 -2.52
N LEU A 37 0.94 -5.46 -2.91
CA LEU A 37 0.67 -4.07 -3.31
C LEU A 37 1.52 -3.70 -4.55
N ARG A 38 0.97 -2.79 -5.38
CA ARG A 38 1.64 -2.28 -6.58
C ARG A 38 2.40 -0.98 -6.29
N MET A 39 3.48 -0.73 -7.07
CA MET A 39 4.27 0.53 -6.98
C MET A 39 3.37 1.77 -7.23
N SER A 40 2.48 1.63 -8.22
CA SER A 40 1.55 2.69 -8.67
C SER A 40 0.36 2.89 -7.69
N GLU A 41 0.12 1.88 -6.83
CA GLU A 41 -0.92 1.93 -5.79
C GLU A 41 -0.45 2.89 -4.67
N PRO A 42 -1.29 3.88 -4.21
CA PRO A 42 -0.95 4.71 -3.03
C PRO A 42 -0.90 3.89 -1.73
N LEU A 43 -0.33 4.48 -0.66
CA LEU A 43 -0.20 3.82 0.64
C LEU A 43 -1.57 3.57 1.29
N GLN A 44 -2.63 4.22 0.79
CA GLN A 44 -4.02 4.07 1.29
C GLN A 44 -4.45 2.57 1.37
N SER A 45 -3.81 1.73 0.54
CA SER A 45 -3.94 0.26 0.60
C SER A 45 -3.43 -0.29 1.95
N VAL A 46 -2.16 0.01 2.29
CA VAL A 46 -1.54 -0.47 3.56
C VAL A 46 -2.20 0.20 4.78
N VAL A 47 -2.67 1.43 4.58
CA VAL A 47 -3.32 2.24 5.61
C VAL A 47 -4.66 1.60 6.04
N ASP A 48 -5.52 1.36 5.04
CA ASP A 48 -6.87 0.78 5.25
C ASP A 48 -6.76 -0.66 5.78
N HIS A 49 -5.75 -1.41 5.28
CA HIS A 49 -5.56 -2.82 5.64
C HIS A 49 -5.11 -2.97 7.11
N MET A 50 -4.11 -2.15 7.50
CA MET A 50 -3.58 -2.13 8.89
C MET A 50 -4.63 -1.63 9.87
N ALA A 51 -5.49 -0.71 9.39
CA ALA A 51 -6.61 -0.17 10.16
C ALA A 51 -7.62 -1.27 10.49
N THR A 52 -8.07 -1.99 9.45
CA THR A 52 -9.03 -3.10 9.58
C THR A 52 -8.44 -4.27 10.39
N HIS A 53 -7.10 -4.42 10.32
CA HIS A 53 -6.36 -5.47 11.02
C HIS A 53 -6.33 -5.21 12.55
N LEU A 54 -6.03 -3.96 12.92
CA LEU A 54 -5.88 -3.52 14.32
C LEU A 54 -7.21 -3.00 14.91
N GLY A 55 -8.25 -2.94 14.06
CA GLY A 55 -9.61 -2.56 14.49
C GLY A 55 -9.78 -1.06 14.70
N VAL A 56 -8.91 -0.28 14.04
CA VAL A 56 -8.92 1.20 14.09
C VAL A 56 -9.31 1.78 12.72
N SER A 57 -9.33 3.13 12.64
CA SER A 57 -9.65 3.87 11.42
C SER A 57 -8.38 4.10 10.57
N PRO A 58 -8.50 4.13 9.18
CA PRO A 58 -7.37 4.48 8.27
C PRO A 58 -6.79 5.88 8.58
N SER A 59 -7.64 6.76 9.14
CA SER A 59 -7.27 8.14 9.52
C SER A 59 -6.12 8.16 10.58
N ARG A 60 -5.98 7.04 11.31
CA ARG A 60 -5.03 6.93 12.44
C ARG A 60 -3.71 6.24 12.03
N ILE A 61 -3.72 5.50 10.91
CA ILE A 61 -2.52 4.75 10.46
C ILE A 61 -1.51 5.72 9.79
N LEU A 62 -0.49 6.13 10.56
CA LEU A 62 0.58 7.02 10.10
C LEU A 62 1.84 6.19 9.79
N LEU A 63 2.21 6.13 8.49
CA LEU A 63 3.38 5.37 8.04
C LEU A 63 4.63 6.24 8.17
N LEU A 64 5.59 5.76 8.96
CA LEU A 64 6.85 6.47 9.26
C LEU A 64 8.02 5.52 9.00
N PHE A 65 8.90 5.85 8.03
CA PHE A 65 10.11 5.06 7.79
C PHE A 65 11.22 5.62 8.70
N GLY A 66 11.25 5.13 9.95
CA GLY A 66 12.22 5.57 10.93
C GLY A 66 12.02 7.01 11.35
N GLU A 67 12.79 7.93 10.73
CA GLU A 67 12.81 9.35 11.11
C GLU A 67 12.16 10.25 10.02
N THR A 68 11.45 9.64 9.05
CA THR A 68 10.73 10.41 8.00
C THR A 68 9.21 10.12 8.10
N GLU A 69 8.40 11.10 7.65
CA GLU A 69 6.93 10.97 7.66
C GLU A 69 6.42 10.73 6.24
N LEU A 70 5.59 9.69 6.07
CA LEU A 70 5.02 9.31 4.76
C LEU A 70 3.50 9.54 4.77
N SER A 71 2.99 10.13 3.67
CA SER A 71 1.56 10.44 3.50
C SER A 71 0.78 9.17 3.05
N PRO A 72 -0.50 8.98 3.53
CA PRO A 72 -1.38 7.86 3.09
C PRO A 72 -1.73 7.97 1.58
N THR A 73 -1.77 9.22 1.08
CA THR A 73 -2.09 9.54 -0.32
C THR A 73 -0.82 9.54 -1.21
N ALA A 74 0.36 9.29 -0.61
CA ALA A 74 1.63 9.15 -1.35
C ALA A 74 1.83 7.69 -1.78
N THR A 75 2.57 7.47 -2.88
CA THR A 75 2.83 6.13 -3.44
C THR A 75 4.21 5.62 -2.99
N PRO A 76 4.35 4.29 -2.71
CA PRO A 76 5.66 3.65 -2.41
C PRO A 76 6.66 3.76 -3.58
N ARG A 77 6.17 4.13 -4.77
CA ARG A 77 7.01 4.38 -5.95
C ARG A 77 7.89 5.64 -5.72
N THR A 78 7.23 6.78 -5.38
CA THR A 78 7.92 8.06 -5.17
C THR A 78 8.73 8.04 -3.85
N LEU A 79 8.37 7.12 -2.94
CA LEU A 79 9.07 6.91 -1.66
C LEU A 79 10.13 5.80 -1.77
N LYS A 80 10.11 5.06 -2.91
CA LYS A 80 11.05 3.96 -3.23
C LYS A 80 10.96 2.78 -2.23
N LEU A 81 9.77 2.63 -1.57
CA LEU A 81 9.52 1.52 -0.62
C LEU A 81 9.51 0.16 -1.35
N GLY A 82 9.71 -0.92 -0.61
CA GLY A 82 9.86 -2.26 -1.19
C GLY A 82 9.54 -3.35 -0.18
N VAL A 83 10.09 -4.55 -0.45
CA VAL A 83 9.87 -5.74 0.39
C VAL A 83 10.85 -5.74 1.59
N ALA A 84 12.08 -5.27 1.35
CA ALA A 84 13.13 -5.16 2.39
C ALA A 84 13.06 -3.80 3.10
N ASP A 85 12.35 -2.84 2.46
CA ASP A 85 12.18 -1.48 3.01
C ASP A 85 10.90 -1.46 3.86
N ILE A 86 11.06 -1.21 5.19
CA ILE A 86 10.01 -1.50 6.19
C ILE A 86 9.49 -0.20 6.84
N ILE A 87 8.17 0.04 6.71
CA ILE A 87 7.52 1.27 7.22
C ILE A 87 6.64 0.98 8.46
N ASP A 88 6.72 1.86 9.47
CA ASP A 88 6.01 1.70 10.75
C ASP A 88 4.54 2.14 10.64
N CYS A 89 3.62 1.20 10.90
CA CYS A 89 2.20 1.51 11.10
C CYS A 89 1.99 2.06 12.52
N VAL A 90 2.09 3.41 12.67
CA VAL A 90 1.94 4.07 13.97
C VAL A 90 0.49 4.58 14.09
N VAL A 91 -0.28 3.94 14.98
CA VAL A 91 -1.71 4.23 15.15
C VAL A 91 -1.89 5.40 16.13
N LEU A 92 -2.14 6.60 15.59
CA LEU A 92 -2.31 7.82 16.41
C LEU A 92 -3.40 8.73 15.81
N THR A 93 -4.00 9.56 16.67
CA THR A 93 -4.97 10.57 16.28
C THR A 93 -4.58 11.91 16.93
N SER A 94 -3.83 12.72 16.17
CA SER A 94 -3.37 14.05 16.61
C SER A 94 -4.57 15.03 16.66
N SER A 95 -5.34 14.93 17.76
CA SER A 95 -6.58 15.68 17.98
C SER A 95 -6.74 15.94 19.50
N GLN A 1 -3.94 -21.11 -9.25
CA GLN A 1 -3.11 -20.85 -10.45
C GLN A 1 -3.77 -19.78 -11.33
N GLY A 2 -3.08 -19.40 -12.42
CA GLY A 2 -3.55 -18.38 -13.36
C GLY A 2 -2.74 -18.40 -14.65
N GLN A 3 -2.84 -19.53 -15.37
CA GLN A 3 -2.08 -19.80 -16.60
C GLN A 3 -3.02 -19.88 -17.82
N GLU A 4 -3.14 -18.78 -18.57
CA GLU A 4 -3.93 -18.74 -19.82
C GLU A 4 -3.04 -19.18 -21.00
N ASP A 5 -2.64 -20.47 -20.95
CA ASP A 5 -1.86 -21.14 -22.02
C ASP A 5 -2.75 -21.41 -23.24
N GLU A 6 -4.03 -21.65 -22.97
CA GLU A 6 -5.10 -21.67 -23.97
C GLU A 6 -5.84 -20.31 -23.90
N VAL A 7 -5.72 -19.52 -24.98
CA VAL A 7 -6.34 -18.18 -25.05
C VAL A 7 -7.86 -18.28 -25.27
N VAL A 8 -8.60 -17.29 -24.73
CA VAL A 8 -10.06 -17.28 -24.76
C VAL A 8 -10.57 -15.82 -24.66
N LEU A 9 -11.43 -15.43 -25.62
CA LEU A 9 -12.05 -14.08 -25.66
C LEU A 9 -13.58 -14.22 -25.83
N VAL A 10 -14.11 -15.34 -25.31
CA VAL A 10 -15.55 -15.67 -25.33
C VAL A 10 -15.91 -16.37 -24.00
N GLU A 11 -16.90 -15.80 -23.26
CA GLU A 11 -17.40 -16.35 -21.97
C GLU A 11 -16.30 -16.41 -20.89
N GLY A 12 -15.28 -15.54 -21.01
CA GLY A 12 -14.16 -15.47 -20.08
C GLY A 12 -13.86 -14.03 -19.65
N PRO A 13 -14.15 -13.63 -18.36
CA PRO A 13 -13.83 -12.28 -17.84
C PRO A 13 -12.40 -12.18 -17.26
N THR A 14 -11.61 -13.24 -17.52
CA THR A 14 -10.21 -13.32 -17.08
C THR A 14 -9.34 -12.34 -17.86
N LEU A 15 -8.38 -11.73 -17.17
CA LEU A 15 -7.39 -10.83 -17.76
C LEU A 15 -5.99 -11.48 -17.63
N PRO A 16 -5.46 -12.13 -18.73
CA PRO A 16 -4.06 -12.61 -18.79
C PRO A 16 -3.06 -11.52 -18.36
N GLU A 17 -3.41 -10.27 -18.72
CA GLU A 17 -2.71 -9.06 -18.28
C GLU A 17 -3.04 -8.81 -16.80
N THR A 18 -2.20 -9.34 -15.91
CA THR A 18 -2.35 -9.19 -14.46
C THR A 18 -1.39 -8.09 -13.96
N PRO A 19 -1.87 -7.04 -13.21
CA PRO A 19 -0.98 -6.01 -12.62
C PRO A 19 -0.14 -6.60 -11.47
N ARG A 20 1.20 -6.72 -11.68
CA ARG A 20 2.15 -7.34 -10.73
C ARG A 20 2.14 -6.65 -9.35
N LEU A 21 2.27 -7.46 -8.29
CA LEU A 21 2.18 -7.01 -6.89
C LEU A 21 3.44 -7.48 -6.13
N PHE A 22 4.03 -6.60 -5.31
CA PHE A 22 5.20 -6.95 -4.47
C PHE A 22 4.80 -6.90 -2.97
N PRO A 23 5.33 -7.84 -2.10
CA PRO A 23 5.08 -7.81 -0.63
C PRO A 23 5.68 -6.53 0.04
N LEU A 24 4.80 -5.55 0.30
CA LEU A 24 5.15 -4.33 1.06
C LEU A 24 5.35 -4.73 2.54
N LYS A 25 6.55 -4.44 3.08
CA LYS A 25 6.91 -4.73 4.48
C LYS A 25 6.44 -3.58 5.40
N ILE A 26 5.58 -3.93 6.36
CA ILE A 26 5.01 -2.98 7.36
C ILE A 26 5.37 -3.49 8.77
N ARG A 27 5.75 -2.55 9.65
CA ARG A 27 6.07 -2.85 11.06
C ARG A 27 4.94 -2.31 11.96
N CYS A 28 4.11 -3.24 12.43
CA CYS A 28 3.01 -2.98 13.36
C CYS A 28 3.55 -2.80 14.81
N ARG A 29 2.62 -2.54 15.75
CA ARG A 29 2.90 -2.32 17.19
C ARG A 29 3.70 -3.46 17.84
N ALA A 30 3.49 -4.70 17.35
CA ALA A 30 4.15 -5.92 17.85
C ALA A 30 4.04 -7.05 16.83
N ASP A 31 4.07 -6.69 15.53
CA ASP A 31 3.77 -7.62 14.42
C ASP A 31 4.39 -7.10 13.11
N LEU A 32 4.61 -8.00 12.14
CA LEU A 32 5.08 -7.66 10.78
C LEU A 32 3.99 -8.08 9.76
N VAL A 33 3.54 -7.10 8.95
CA VAL A 33 2.53 -7.30 7.91
C VAL A 33 3.17 -7.17 6.53
N ARG A 34 3.07 -8.23 5.71
CA ARG A 34 3.43 -8.21 4.30
C ARG A 34 2.16 -8.34 3.48
N LEU A 35 1.87 -7.36 2.61
CA LEU A 35 0.71 -7.43 1.70
C LEU A 35 1.15 -7.09 0.28
N PRO A 36 0.65 -7.82 -0.76
CA PRO A 36 1.06 -7.60 -2.15
C PRO A 36 0.44 -6.30 -2.73
N LEU A 37 1.22 -5.21 -2.63
CA LEU A 37 0.83 -3.86 -3.08
C LEU A 37 1.50 -3.51 -4.43
N ARG A 38 0.90 -2.57 -5.18
CA ARG A 38 1.40 -2.12 -6.50
C ARG A 38 2.18 -0.79 -6.36
N MET A 39 3.25 -0.59 -7.16
CA MET A 39 4.10 0.63 -7.14
C MET A 39 3.29 1.91 -7.41
N SER A 40 2.26 1.78 -8.27
CA SER A 40 1.37 2.89 -8.65
C SER A 40 0.31 3.18 -7.57
N GLU A 41 0.05 2.17 -6.72
CA GLU A 41 -0.97 2.23 -5.66
C GLU A 41 -0.45 3.09 -4.49
N PRO A 42 -1.24 4.08 -3.96
CA PRO A 42 -0.84 4.86 -2.77
C PRO A 42 -0.84 4.01 -1.49
N LEU A 43 -0.28 4.57 -0.40
CA LEU A 43 -0.19 3.88 0.91
C LEU A 43 -1.56 3.74 1.58
N GLN A 44 -2.61 4.35 1.00
CA GLN A 44 -4.00 4.20 1.45
C GLN A 44 -4.41 2.70 1.44
N SER A 45 -3.74 1.92 0.56
CA SER A 45 -3.86 0.46 0.48
C SER A 45 -3.41 -0.21 1.82
N VAL A 46 -2.16 0.08 2.25
CA VAL A 46 -1.61 -0.51 3.49
C VAL A 46 -2.37 0.03 4.72
N VAL A 47 -2.82 1.29 4.62
CA VAL A 47 -3.63 1.97 5.66
C VAL A 47 -4.94 1.20 5.91
N ASP A 48 -5.62 0.85 4.81
CA ASP A 48 -6.91 0.13 4.83
C ASP A 48 -6.77 -1.24 5.53
N HIS A 49 -5.73 -1.98 5.13
CA HIS A 49 -5.44 -3.32 5.66
C HIS A 49 -5.06 -3.26 7.15
N MET A 50 -4.17 -2.31 7.50
CA MET A 50 -3.63 -2.17 8.88
C MET A 50 -4.73 -1.72 9.86
N ALA A 51 -5.65 -0.88 9.37
CA ALA A 51 -6.81 -0.42 10.13
C ALA A 51 -7.73 -1.60 10.47
N THR A 52 -7.92 -2.48 9.48
CA THR A 52 -8.74 -3.71 9.61
C THR A 52 -7.99 -4.79 10.45
N HIS A 53 -6.65 -4.70 10.47
CA HIS A 53 -5.78 -5.66 11.20
C HIS A 53 -5.69 -5.31 12.70
N LEU A 54 -5.85 -4.01 13.02
CA LEU A 54 -5.72 -3.48 14.39
C LEU A 54 -7.06 -3.03 14.97
N GLY A 55 -8.11 -3.04 14.14
CA GLY A 55 -9.47 -2.66 14.56
C GLY A 55 -9.61 -1.16 14.81
N VAL A 56 -8.83 -0.36 14.07
CA VAL A 56 -8.82 1.11 14.18
C VAL A 56 -9.32 1.74 12.87
N SER A 57 -9.33 3.09 12.80
CA SER A 57 -9.73 3.84 11.61
C SER A 57 -8.54 4.01 10.63
N PRO A 58 -8.80 4.03 9.27
CA PRO A 58 -7.78 4.40 8.26
C PRO A 58 -7.18 5.82 8.51
N SER A 59 -8.01 6.71 9.09
CA SER A 59 -7.62 8.11 9.37
C SER A 59 -6.66 8.21 10.58
N ARG A 60 -6.36 7.05 11.23
CA ARG A 60 -5.42 6.96 12.36
C ARG A 60 -4.05 6.42 11.92
N ILE A 61 -4.03 5.61 10.84
CA ILE A 61 -2.80 4.93 10.36
C ILE A 61 -1.83 5.91 9.68
N LEU A 62 -0.68 6.15 10.33
CA LEU A 62 0.40 7.01 9.79
C LEU A 62 1.63 6.14 9.52
N LEU A 63 2.04 6.06 8.25
CA LEU A 63 3.25 5.32 7.86
C LEU A 63 4.47 6.22 7.98
N LEU A 64 5.48 5.74 8.71
CA LEU A 64 6.75 6.43 8.91
C LEU A 64 7.88 5.43 8.63
N PHE A 65 8.60 5.60 7.52
CA PHE A 65 9.66 4.66 7.11
C PHE A 65 10.90 4.90 7.99
N GLY A 66 10.98 4.16 9.11
CA GLY A 66 12.07 4.30 10.06
C GLY A 66 11.98 5.61 10.85
N GLU A 67 12.38 6.72 10.22
CA GLU A 67 12.35 8.08 10.83
C GLU A 67 11.67 9.11 9.90
N THR A 68 11.45 8.76 8.61
CA THR A 68 10.95 9.73 7.60
C THR A 68 9.40 9.75 7.56
N GLU A 69 8.83 10.93 7.27
CA GLU A 69 7.37 11.15 7.30
C GLU A 69 6.76 10.78 5.94
N LEU A 70 5.81 9.82 5.96
CA LEU A 70 5.05 9.42 4.75
C LEU A 70 3.56 9.79 4.92
N SER A 71 2.78 9.71 3.83
CA SER A 71 1.34 9.98 3.84
C SER A 71 0.58 8.79 3.22
N PRO A 72 -0.73 8.54 3.61
CA PRO A 72 -1.61 7.55 2.93
C PRO A 72 -1.78 7.89 1.43
N THR A 73 -1.77 9.19 1.15
CA THR A 73 -1.96 9.74 -0.21
C THR A 73 -0.65 9.72 -1.04
N ALA A 74 0.46 9.21 -0.44
CA ALA A 74 1.77 9.10 -1.10
C ALA A 74 1.98 7.69 -1.67
N THR A 75 2.73 7.57 -2.78
CA THR A 75 2.98 6.28 -3.47
C THR A 75 4.41 5.77 -3.13
N PRO A 76 4.58 4.42 -2.92
CA PRO A 76 5.86 3.82 -2.44
C PRO A 76 7.00 3.94 -3.47
N ARG A 77 6.66 4.27 -4.72
CA ARG A 77 7.61 4.44 -5.82
C ARG A 77 8.57 5.61 -5.52
N THR A 78 7.99 6.81 -5.28
CA THR A 78 8.76 8.04 -4.97
C THR A 78 9.39 7.96 -3.57
N LEU A 79 8.74 7.19 -2.66
CA LEU A 79 9.22 6.97 -1.27
C LEU A 79 10.33 5.91 -1.23
N LYS A 80 10.53 5.21 -2.38
CA LYS A 80 11.59 4.20 -2.60
C LYS A 80 11.37 2.92 -1.76
N LEU A 81 10.10 2.67 -1.39
CA LEU A 81 9.69 1.49 -0.62
C LEU A 81 9.67 0.24 -1.51
N GLY A 82 9.79 -0.94 -0.88
CA GLY A 82 9.89 -2.21 -1.57
C GLY A 82 9.60 -3.37 -0.63
N VAL A 83 10.21 -4.53 -0.93
CA VAL A 83 10.01 -5.76 -0.16
C VAL A 83 10.81 -5.73 1.17
N ALA A 84 11.99 -5.07 1.13
CA ALA A 84 12.91 -5.00 2.27
C ALA A 84 12.70 -3.73 3.10
N ASP A 85 12.06 -2.70 2.49
CA ASP A 85 11.83 -1.40 3.15
C ASP A 85 10.66 -1.50 4.13
N ILE A 86 10.94 -1.20 5.42
CA ILE A 86 10.02 -1.44 6.55
C ILE A 86 9.39 -0.13 7.03
N ILE A 87 8.07 0.03 6.80
CA ILE A 87 7.33 1.25 7.18
C ILE A 87 6.50 1.02 8.46
N ASP A 88 6.73 1.86 9.46
CA ASP A 88 6.06 1.78 10.77
C ASP A 88 4.60 2.26 10.66
N CYS A 89 3.67 1.34 10.92
CA CYS A 89 2.24 1.64 11.06
C CYS A 89 1.99 2.24 12.46
N VAL A 90 2.00 3.58 12.56
CA VAL A 90 1.83 4.29 13.82
C VAL A 90 0.39 4.82 13.91
N VAL A 91 -0.40 4.23 14.82
CA VAL A 91 -1.82 4.59 15.02
C VAL A 91 -1.92 5.81 15.98
N LEU A 92 -2.10 6.99 15.38
CA LEU A 92 -2.32 8.27 16.11
C LEU A 92 -3.81 8.63 16.11
N THR A 93 -4.14 9.85 16.60
CA THR A 93 -5.51 10.40 16.56
C THR A 93 -5.45 11.77 15.85
N SER A 94 -4.98 11.72 14.59
CA SER A 94 -4.81 12.92 13.75
C SER A 94 -6.20 13.51 13.37
N SER A 95 -6.51 14.67 13.96
CA SER A 95 -7.81 15.34 13.81
C SER A 95 -7.65 16.54 12.84
N GLN A 1 -18.99 -18.86 -25.36
CA GLN A 1 -18.23 -20.08 -25.68
C GLN A 1 -16.74 -19.73 -25.86
N GLY A 2 -16.42 -19.01 -26.96
CA GLY A 2 -15.06 -18.60 -27.27
C GLY A 2 -14.68 -17.25 -26.66
N GLN A 3 -15.72 -16.39 -26.41
CA GLN A 3 -15.58 -15.00 -25.91
C GLN A 3 -14.82 -14.12 -26.91
N GLU A 4 -13.47 -14.23 -26.91
CA GLU A 4 -12.55 -13.43 -27.75
C GLU A 4 -12.76 -11.93 -27.52
N ASP A 5 -13.08 -11.60 -26.26
CA ASP A 5 -13.34 -10.25 -25.79
C ASP A 5 -12.54 -10.07 -24.51
N GLU A 6 -11.22 -10.00 -24.68
CA GLU A 6 -10.24 -9.91 -23.57
C GLU A 6 -9.31 -8.70 -23.78
N VAL A 7 -9.89 -7.63 -24.31
CA VAL A 7 -9.21 -6.32 -24.50
C VAL A 7 -8.84 -5.73 -23.13
N VAL A 8 -7.64 -5.10 -23.03
CA VAL A 8 -7.15 -4.49 -21.78
C VAL A 8 -7.93 -3.18 -21.48
N LEU A 9 -9.11 -3.38 -20.90
CA LEU A 9 -9.97 -2.34 -20.33
C LEU A 9 -10.95 -3.04 -19.34
N VAL A 10 -10.60 -4.30 -18.97
CA VAL A 10 -11.47 -5.19 -18.20
C VAL A 10 -11.56 -4.72 -16.73
N GLU A 11 -12.80 -4.67 -16.21
CA GLU A 11 -13.08 -4.25 -14.83
C GLU A 11 -14.50 -4.73 -14.45
N GLY A 12 -14.57 -5.82 -13.65
CA GLY A 12 -15.87 -6.40 -13.26
C GLY A 12 -15.89 -7.93 -13.34
N PRO A 13 -15.93 -8.53 -14.59
CA PRO A 13 -16.06 -10.00 -14.78
C PRO A 13 -14.90 -10.80 -14.15
N THR A 14 -13.69 -10.65 -14.69
CA THR A 14 -12.49 -11.37 -14.24
C THR A 14 -11.26 -10.46 -14.40
N LEU A 15 -10.42 -10.37 -13.35
CA LEU A 15 -9.11 -9.68 -13.42
C LEU A 15 -7.98 -10.73 -13.24
N PRO A 16 -7.63 -11.50 -14.33
CA PRO A 16 -6.66 -12.63 -14.22
C PRO A 16 -5.22 -12.14 -13.94
N GLU A 17 -4.89 -10.94 -14.47
CA GLU A 17 -3.59 -10.28 -14.26
C GLU A 17 -3.81 -8.78 -14.02
N THR A 18 -3.61 -8.36 -12.77
CA THR A 18 -3.61 -6.94 -12.36
C THR A 18 -2.14 -6.41 -12.35
N PRO A 19 -1.93 -5.03 -12.24
CA PRO A 19 -0.58 -4.43 -12.02
C PRO A 19 0.21 -5.21 -10.93
N ARG A 20 1.35 -5.81 -11.34
CA ARG A 20 2.08 -6.84 -10.57
C ARG A 20 2.46 -6.34 -9.17
N LEU A 21 2.04 -7.12 -8.16
CA LEU A 21 2.12 -6.72 -6.75
C LEU A 21 3.38 -7.31 -6.09
N PHE A 22 3.90 -6.58 -5.10
CA PHE A 22 5.01 -7.03 -4.24
C PHE A 22 4.56 -6.92 -2.77
N PRO A 23 4.98 -7.86 -1.86
CA PRO A 23 4.70 -7.77 -0.42
C PRO A 23 5.36 -6.53 0.22
N LEU A 24 4.57 -5.45 0.35
CA LEU A 24 4.94 -4.25 1.11
C LEU A 24 5.03 -4.69 2.59
N LYS A 25 6.22 -4.53 3.19
CA LYS A 25 6.46 -4.95 4.58
C LYS A 25 6.23 -3.75 5.53
N ILE A 26 5.17 -3.85 6.33
CA ILE A 26 4.76 -2.83 7.32
C ILE A 26 5.09 -3.34 8.72
N ARG A 27 5.77 -2.52 9.53
CA ARG A 27 6.03 -2.82 10.94
C ARG A 27 4.83 -2.41 11.79
N CYS A 28 4.02 -3.41 12.15
CA CYS A 28 2.94 -3.26 13.13
C CYS A 28 3.55 -3.06 14.54
N ARG A 29 2.67 -2.83 15.53
CA ARG A 29 3.02 -2.62 16.95
C ARG A 29 3.91 -3.75 17.54
N ALA A 30 3.81 -4.97 16.95
CA ALA A 30 4.58 -6.16 17.40
C ALA A 30 4.56 -7.26 16.32
N ASP A 31 4.61 -6.86 15.03
CA ASP A 31 4.50 -7.81 13.89
C ASP A 31 4.94 -7.15 12.56
N LEU A 32 5.24 -7.99 11.53
CA LEU A 32 5.53 -7.54 10.15
C LEU A 32 4.42 -8.06 9.21
N VAL A 33 3.51 -7.15 8.80
CA VAL A 33 2.47 -7.45 7.82
C VAL A 33 3.04 -7.22 6.41
N ARG A 34 3.24 -8.30 5.64
CA ARG A 34 3.75 -8.20 4.26
C ARG A 34 2.60 -8.41 3.27
N LEU A 35 1.84 -7.33 2.96
CA LEU A 35 0.63 -7.42 2.11
C LEU A 35 0.97 -7.11 0.63
N PRO A 36 0.26 -7.73 -0.37
CA PRO A 36 0.52 -7.48 -1.80
C PRO A 36 -0.03 -6.10 -2.23
N LEU A 37 0.88 -5.25 -2.71
CA LEU A 37 0.58 -3.85 -3.10
C LEU A 37 1.34 -3.52 -4.40
N ARG A 38 0.78 -2.59 -5.21
CA ARG A 38 1.36 -2.20 -6.52
C ARG A 38 2.19 -0.93 -6.33
N MET A 39 3.27 -0.72 -7.13
CA MET A 39 4.12 0.49 -7.02
C MET A 39 3.37 1.75 -7.52
N SER A 40 2.32 1.53 -8.34
CA SER A 40 1.45 2.60 -8.87
C SER A 40 0.22 2.82 -7.95
N GLU A 41 0.18 2.12 -6.81
CA GLU A 41 -0.91 2.21 -5.82
C GLU A 41 -0.48 3.14 -4.66
N PRO A 42 -1.33 4.12 -4.21
CA PRO A 42 -1.04 4.91 -2.99
C PRO A 42 -0.99 4.04 -1.72
N LEU A 43 -0.42 4.60 -0.63
CA LEU A 43 -0.28 3.88 0.65
C LEU A 43 -1.63 3.56 1.30
N GLN A 44 -2.73 4.16 0.80
CA GLN A 44 -4.09 3.89 1.31
C GLN A 44 -4.43 2.37 1.27
N SER A 45 -3.74 1.63 0.38
CA SER A 45 -3.78 0.15 0.36
C SER A 45 -3.29 -0.45 1.72
N VAL A 46 -2.07 -0.06 2.18
CA VAL A 46 -1.51 -0.56 3.46
C VAL A 46 -2.28 0.03 4.66
N VAL A 47 -2.71 1.30 4.52
CA VAL A 47 -3.43 2.05 5.55
C VAL A 47 -4.78 1.37 5.88
N ASP A 48 -5.49 0.98 4.81
CA ASP A 48 -6.81 0.31 4.91
C ASP A 48 -6.67 -1.05 5.59
N HIS A 49 -5.74 -1.88 5.09
CA HIS A 49 -5.53 -3.25 5.57
C HIS A 49 -5.07 -3.26 7.05
N MET A 50 -4.15 -2.34 7.39
CA MET A 50 -3.63 -2.20 8.77
C MET A 50 -4.72 -1.70 9.72
N ALA A 51 -5.60 -0.81 9.22
CA ALA A 51 -6.76 -0.28 9.98
C ALA A 51 -7.76 -1.40 10.30
N THR A 52 -8.04 -2.25 9.29
CA THR A 52 -8.96 -3.39 9.41
C THR A 52 -8.37 -4.47 10.34
N HIS A 53 -7.03 -4.63 10.29
CA HIS A 53 -6.29 -5.62 11.08
C HIS A 53 -6.30 -5.24 12.58
N LEU A 54 -5.95 -3.96 12.85
CA LEU A 54 -5.80 -3.42 14.21
C LEU A 54 -7.16 -2.96 14.79
N GLY A 55 -8.19 -2.88 13.93
CA GLY A 55 -9.54 -2.48 14.35
C GLY A 55 -9.65 -0.99 14.68
N VAL A 56 -8.94 -0.17 13.90
CA VAL A 56 -8.93 1.30 14.03
C VAL A 56 -9.35 1.97 12.71
N SER A 57 -9.44 3.30 12.70
CA SER A 57 -9.72 4.09 11.49
C SER A 57 -8.46 4.23 10.61
N PRO A 58 -8.60 4.30 9.24
CA PRO A 58 -7.48 4.60 8.31
C PRO A 58 -6.79 5.95 8.64
N SER A 59 -7.56 6.89 9.23
CA SER A 59 -7.07 8.24 9.62
C SER A 59 -6.05 8.17 10.78
N ARG A 60 -6.05 7.04 11.50
CA ARG A 60 -5.18 6.81 12.67
C ARG A 60 -3.83 6.19 12.25
N ILE A 61 -3.83 5.44 11.14
CA ILE A 61 -2.63 4.76 10.62
C ILE A 61 -1.67 5.80 9.99
N LEU A 62 -0.46 5.95 10.55
CA LEU A 62 0.56 6.87 10.02
C LEU A 62 1.85 6.09 9.75
N LEU A 63 2.24 6.00 8.47
CA LEU A 63 3.44 5.27 8.04
C LEU A 63 4.66 6.17 8.19
N LEU A 64 5.63 5.72 8.99
CA LEU A 64 6.85 6.47 9.32
C LEU A 64 8.06 5.57 9.07
N PHE A 65 8.94 5.94 8.13
CA PHE A 65 10.20 5.19 7.92
C PHE A 65 11.30 5.85 8.78
N GLY A 66 11.53 5.28 9.98
CA GLY A 66 12.57 5.75 10.87
C GLY A 66 12.20 7.06 11.57
N GLU A 67 12.41 8.19 10.89
CA GLU A 67 12.12 9.53 11.43
C GLU A 67 11.33 10.38 10.41
N THR A 68 11.13 9.87 9.17
CA THR A 68 10.41 10.61 8.11
C THR A 68 8.92 10.25 8.14
N GLU A 69 8.06 11.22 7.78
CA GLU A 69 6.60 11.03 7.72
C GLU A 69 6.16 10.77 6.28
N LEU A 70 5.36 9.72 6.09
CA LEU A 70 4.86 9.31 4.76
C LEU A 70 3.34 9.51 4.69
N SER A 71 2.86 10.18 3.62
CA SER A 71 1.42 10.43 3.38
C SER A 71 0.70 9.15 2.88
N PRO A 72 -0.57 8.89 3.32
CA PRO A 72 -1.40 7.76 2.80
C PRO A 72 -1.70 7.91 1.29
N THR A 73 -1.64 9.15 0.81
CA THR A 73 -1.87 9.50 -0.59
C THR A 73 -0.61 9.23 -1.46
N ALA A 74 0.57 9.20 -0.81
CA ALA A 74 1.87 8.98 -1.49
C ALA A 74 2.02 7.52 -1.97
N THR A 75 2.85 7.32 -3.01
CA THR A 75 3.05 6.00 -3.65
C THR A 75 4.43 5.44 -3.25
N PRO A 76 4.60 4.08 -3.16
CA PRO A 76 5.89 3.44 -2.76
C PRO A 76 6.99 3.61 -3.81
N ARG A 77 6.62 4.09 -5.01
CA ARG A 77 7.58 4.36 -6.10
C ARG A 77 8.46 5.55 -5.73
N THR A 78 7.80 6.70 -5.43
CA THR A 78 8.48 7.96 -5.08
C THR A 78 9.14 7.86 -3.69
N LEU A 79 8.61 6.97 -2.83
CA LEU A 79 9.18 6.71 -1.49
C LEU A 79 10.30 5.64 -1.56
N LYS A 80 10.36 4.91 -2.69
CA LYS A 80 11.38 3.87 -2.99
C LYS A 80 11.23 2.62 -2.07
N LEU A 81 9.98 2.37 -1.60
CA LEU A 81 9.65 1.21 -0.74
C LEU A 81 9.78 -0.11 -1.54
N GLY A 82 9.94 -1.23 -0.81
CA GLY A 82 10.25 -2.53 -1.40
C GLY A 82 9.92 -3.68 -0.45
N VAL A 83 10.21 -4.91 -0.92
CA VAL A 83 9.97 -6.16 -0.15
C VAL A 83 10.95 -6.31 1.04
N ALA A 84 12.07 -5.57 0.98
CA ALA A 84 13.10 -5.51 2.05
C ALA A 84 12.89 -4.27 2.94
N ASP A 85 12.10 -3.29 2.46
CA ASP A 85 11.86 -2.03 3.18
C ASP A 85 10.73 -2.23 4.21
N ILE A 86 10.86 -1.56 5.38
CA ILE A 86 9.87 -1.69 6.47
C ILE A 86 9.44 -0.30 6.97
N ILE A 87 8.12 0.01 6.88
CA ILE A 87 7.55 1.30 7.34
C ILE A 87 6.63 1.08 8.55
N ASP A 88 6.81 1.90 9.60
CA ASP A 88 6.12 1.75 10.90
C ASP A 88 4.66 2.25 10.84
N CYS A 89 3.71 1.33 11.08
CA CYS A 89 2.28 1.65 11.25
C CYS A 89 2.02 2.18 12.68
N VAL A 90 2.04 3.50 12.82
CA VAL A 90 1.78 4.17 14.11
C VAL A 90 0.31 4.62 14.19
N VAL A 91 -0.46 4.00 15.08
CA VAL A 91 -1.86 4.36 15.33
C VAL A 91 -1.90 5.55 16.32
N LEU A 92 -2.58 6.63 15.91
CA LEU A 92 -2.70 7.88 16.69
C LEU A 92 -4.05 8.57 16.42
N THR A 93 -4.35 9.63 17.16
CA THR A 93 -5.59 10.43 16.97
C THR A 93 -5.26 11.75 16.26
N SER A 94 -4.40 12.57 16.91
CA SER A 94 -3.93 13.88 16.44
C SER A 94 -5.08 14.92 16.35
N SER A 95 -5.97 14.76 15.34
CA SER A 95 -7.15 15.62 15.08
C SER A 95 -6.70 17.08 14.75
N GLN A 1 15.30 -5.51 -22.78
CA GLN A 1 14.29 -5.15 -21.75
C GLN A 1 13.76 -3.74 -22.02
N GLY A 2 12.46 -3.63 -22.32
CA GLY A 2 11.78 -2.36 -22.47
C GLY A 2 10.52 -2.44 -23.33
N GLN A 3 9.51 -1.63 -22.98
CA GLN A 3 8.28 -1.46 -23.79
C GLN A 3 7.88 0.03 -23.73
N GLU A 4 8.40 0.80 -24.69
CA GLU A 4 8.12 2.25 -24.81
C GLU A 4 7.03 2.47 -25.90
N ASP A 5 6.30 1.38 -26.23
CA ASP A 5 5.26 1.37 -27.25
C ASP A 5 3.98 2.05 -26.72
N GLU A 6 3.98 3.40 -26.82
CA GLU A 6 2.87 4.27 -26.39
C GLU A 6 1.87 4.46 -27.54
N VAL A 7 1.47 3.34 -28.16
CA VAL A 7 0.57 3.31 -29.32
C VAL A 7 -0.90 3.29 -28.88
N VAL A 8 -1.81 3.80 -29.75
CA VAL A 8 -3.26 3.83 -29.46
C VAL A 8 -3.87 2.41 -29.52
N LEU A 9 -3.12 1.45 -30.10
CA LEU A 9 -3.45 0.03 -30.07
C LEU A 9 -3.06 -0.56 -28.70
N VAL A 10 -4.01 -0.54 -27.76
CA VAL A 10 -3.86 -1.19 -26.45
C VAL A 10 -4.36 -2.66 -26.57
N GLU A 11 -3.39 -3.59 -26.67
CA GLU A 11 -3.66 -5.02 -26.86
C GLU A 11 -3.49 -5.79 -25.54
N GLY A 12 -4.29 -6.84 -25.35
CA GLY A 12 -4.24 -7.70 -24.18
C GLY A 12 -5.60 -7.84 -23.51
N PRO A 13 -6.58 -8.60 -24.13
CA PRO A 13 -7.93 -8.83 -23.55
C PRO A 13 -7.86 -9.71 -22.30
N THR A 14 -8.70 -9.38 -21.29
CA THR A 14 -8.71 -10.03 -19.96
C THR A 14 -7.42 -9.68 -19.15
N LEU A 15 -7.44 -9.87 -17.81
CA LEU A 15 -6.24 -9.75 -16.95
C LEU A 15 -5.88 -11.14 -16.38
N PRO A 16 -5.21 -12.05 -17.17
CA PRO A 16 -4.78 -13.38 -16.67
C PRO A 16 -3.58 -13.24 -15.70
N GLU A 17 -2.64 -12.36 -16.09
CA GLU A 17 -1.53 -11.91 -15.27
C GLU A 17 -1.86 -10.49 -14.75
N THR A 18 -2.40 -10.43 -13.52
CA THR A 18 -2.65 -9.19 -12.77
C THR A 18 -1.33 -8.38 -12.62
N PRO A 19 -1.34 -7.00 -12.86
CA PRO A 19 -0.14 -6.12 -12.72
C PRO A 19 0.69 -6.49 -11.45
N ARG A 20 1.93 -6.97 -11.68
CA ARG A 20 2.72 -7.70 -10.68
C ARG A 20 2.94 -6.92 -9.38
N LEU A 21 2.19 -7.32 -8.33
CA LEU A 21 2.30 -6.73 -6.99
C LEU A 21 3.57 -7.28 -6.29
N PHE A 22 3.95 -6.67 -5.15
CA PHE A 22 5.11 -7.12 -4.36
C PHE A 22 4.75 -7.06 -2.86
N PRO A 23 5.26 -8.02 -2.00
CA PRO A 23 5.06 -8.00 -0.53
C PRO A 23 5.63 -6.72 0.15
N LEU A 24 4.81 -5.66 0.22
CA LEU A 24 5.11 -4.45 0.99
C LEU A 24 5.10 -4.85 2.47
N LYS A 25 6.23 -4.62 3.16
CA LYS A 25 6.36 -4.98 4.59
C LYS A 25 6.10 -3.75 5.48
N ILE A 26 5.13 -3.90 6.38
CA ILE A 26 4.68 -2.86 7.32
C ILE A 26 4.90 -3.37 8.74
N ARG A 27 5.52 -2.54 9.59
CA ARG A 27 5.76 -2.88 11.00
C ARG A 27 4.64 -2.30 11.88
N CYS A 28 3.78 -3.20 12.37
CA CYS A 28 2.79 -2.91 13.41
C CYS A 28 3.51 -2.68 14.78
N ARG A 29 2.72 -2.48 15.85
CA ARG A 29 3.23 -2.27 17.21
C ARG A 29 4.08 -3.48 17.71
N ALA A 30 3.73 -4.70 17.23
CA ALA A 30 4.40 -5.95 17.61
C ALA A 30 4.16 -7.06 16.57
N ASP A 31 4.09 -6.68 15.28
CA ASP A 31 3.78 -7.61 14.18
C ASP A 31 4.33 -7.07 12.85
N LEU A 32 4.65 -8.00 11.92
CA LEU A 32 5.09 -7.68 10.54
C LEU A 32 4.06 -8.23 9.54
N VAL A 33 3.38 -7.33 8.82
CA VAL A 33 2.47 -7.67 7.72
C VAL A 33 3.20 -7.48 6.37
N ARG A 34 3.15 -8.49 5.51
CA ARG A 34 3.73 -8.43 4.16
C ARG A 34 2.62 -8.64 3.13
N LEU A 35 1.92 -7.53 2.75
CA LEU A 35 0.77 -7.60 1.84
C LEU A 35 1.24 -7.27 0.40
N PRO A 36 0.69 -7.97 -0.65
CA PRO A 36 0.98 -7.62 -2.06
C PRO A 36 0.32 -6.27 -2.44
N LEU A 37 1.15 -5.30 -2.84
CA LEU A 37 0.73 -3.93 -3.21
C LEU A 37 1.42 -3.50 -4.51
N ARG A 38 0.78 -2.55 -5.23
CA ARG A 38 1.30 -1.95 -6.47
C ARG A 38 2.08 -0.66 -6.14
N MET A 39 3.18 -0.37 -6.87
CA MET A 39 3.96 0.89 -6.65
C MET A 39 3.12 2.11 -7.12
N SER A 40 2.18 1.84 -8.06
CA SER A 40 1.21 2.81 -8.59
C SER A 40 0.09 3.11 -7.57
N GLU A 41 -0.29 2.07 -6.80
CA GLU A 41 -1.23 2.18 -5.68
C GLU A 41 -0.56 2.96 -4.54
N PRO A 42 -1.19 4.07 -4.02
CA PRO A 42 -0.67 4.81 -2.83
C PRO A 42 -0.67 3.95 -1.55
N LEU A 43 -0.14 4.54 -0.47
CA LEU A 43 -0.07 3.88 0.84
C LEU A 43 -1.45 3.59 1.42
N GLN A 44 -2.50 4.27 0.89
CA GLN A 44 -3.91 4.09 1.33
C GLN A 44 -4.32 2.60 1.39
N SER A 45 -3.66 1.76 0.55
CA SER A 45 -3.75 0.30 0.60
C SER A 45 -3.35 -0.25 1.98
N VAL A 46 -2.07 0.00 2.37
CA VAL A 46 -1.48 -0.50 3.64
C VAL A 46 -2.12 0.20 4.85
N VAL A 47 -2.61 1.43 4.63
CA VAL A 47 -3.32 2.22 5.64
C VAL A 47 -4.61 1.51 6.06
N ASP A 48 -5.42 1.15 5.05
CA ASP A 48 -6.73 0.48 5.26
C ASP A 48 -6.52 -0.93 5.83
N HIS A 49 -5.50 -1.63 5.33
CA HIS A 49 -5.22 -3.03 5.71
C HIS A 49 -4.76 -3.11 7.17
N MET A 50 -3.85 -2.21 7.57
CA MET A 50 -3.33 -2.13 8.94
C MET A 50 -4.41 -1.61 9.90
N ALA A 51 -5.32 -0.77 9.37
CA ALA A 51 -6.49 -0.29 10.12
C ALA A 51 -7.45 -1.45 10.44
N THR A 52 -7.65 -2.34 9.45
CA THR A 52 -8.47 -3.56 9.59
C THR A 52 -7.77 -4.58 10.54
N HIS A 53 -6.43 -4.60 10.48
CA HIS A 53 -5.57 -5.51 11.28
C HIS A 53 -5.59 -5.13 12.77
N LEU A 54 -5.68 -3.82 13.04
CA LEU A 54 -5.68 -3.24 14.40
C LEU A 54 -7.11 -2.86 14.84
N GLY A 55 -8.08 -2.97 13.92
CA GLY A 55 -9.50 -2.68 14.19
C GLY A 55 -9.83 -1.19 14.24
N VAL A 56 -8.84 -0.35 13.91
CA VAL A 56 -8.95 1.13 13.97
C VAL A 56 -9.34 1.71 12.59
N SER A 57 -9.41 3.06 12.49
CA SER A 57 -9.78 3.75 11.26
C SER A 57 -8.52 4.00 10.40
N PRO A 58 -8.64 3.99 9.02
CA PRO A 58 -7.53 4.42 8.11
C PRO A 58 -7.03 5.86 8.43
N SER A 59 -7.92 6.71 8.95
CA SER A 59 -7.58 8.11 9.33
C SER A 59 -6.51 8.14 10.46
N ARG A 60 -6.49 7.06 11.27
CA ARG A 60 -5.61 6.94 12.44
C ARG A 60 -4.23 6.34 12.09
N ILE A 61 -4.12 5.65 10.93
CA ILE A 61 -2.87 4.99 10.51
C ILE A 61 -1.92 6.00 9.81
N LEU A 62 -0.68 6.08 10.33
CA LEU A 62 0.39 6.93 9.76
C LEU A 62 1.64 6.08 9.54
N LEU A 63 2.11 6.02 8.29
CA LEU A 63 3.32 5.23 7.93
C LEU A 63 4.56 6.11 8.10
N LEU A 64 5.59 5.55 8.74
CA LEU A 64 6.85 6.25 9.04
C LEU A 64 8.03 5.32 8.73
N PHE A 65 8.73 5.57 7.59
CA PHE A 65 9.87 4.71 7.19
C PHE A 65 11.11 5.09 8.03
N GLY A 66 11.30 4.37 9.15
CA GLY A 66 12.42 4.61 10.06
C GLY A 66 12.26 5.93 10.82
N GLU A 67 12.58 7.06 10.14
CA GLU A 67 12.49 8.41 10.71
C GLU A 67 12.09 9.44 9.63
N THR A 68 10.96 9.17 8.95
CA THR A 68 10.37 10.11 7.96
C THR A 68 8.85 10.01 7.96
N GLU A 69 8.18 11.12 7.62
CA GLU A 69 6.71 11.22 7.58
C GLU A 69 6.19 10.79 6.19
N LEU A 70 5.35 9.74 6.17
CA LEU A 70 4.74 9.25 4.91
C LEU A 70 3.20 9.39 4.99
N SER A 71 2.63 10.12 4.04
CA SER A 71 1.18 10.35 3.95
C SER A 71 0.48 9.12 3.30
N PRO A 72 -0.82 8.83 3.65
CA PRO A 72 -1.65 7.81 2.94
C PRO A 72 -1.74 8.10 1.42
N THR A 73 -1.72 9.40 1.09
CA THR A 73 -1.83 9.92 -0.27
C THR A 73 -0.51 9.76 -1.07
N ALA A 74 0.61 9.50 -0.34
CA ALA A 74 1.94 9.28 -0.96
C ALA A 74 2.02 7.86 -1.54
N THR A 75 2.72 7.70 -2.67
CA THR A 75 2.90 6.41 -3.35
C THR A 75 4.28 5.82 -3.00
N PRO A 76 4.36 4.47 -2.74
CA PRO A 76 5.63 3.76 -2.39
C PRO A 76 6.75 3.94 -3.44
N ARG A 77 6.40 4.33 -4.67
CA ARG A 77 7.36 4.54 -5.76
C ARG A 77 8.28 5.74 -5.48
N THR A 78 7.68 6.90 -5.14
CA THR A 78 8.43 8.14 -4.86
C THR A 78 9.15 8.05 -3.49
N LEU A 79 8.69 7.13 -2.63
CA LEU A 79 9.29 6.86 -1.33
C LEU A 79 10.45 5.85 -1.48
N LYS A 80 10.45 5.14 -2.63
CA LYS A 80 11.43 4.10 -2.98
C LYS A 80 11.38 2.94 -1.96
N LEU A 81 10.19 2.34 -1.85
CA LEU A 81 9.92 1.22 -0.94
C LEU A 81 10.04 -0.11 -1.70
N GLY A 82 10.00 -1.21 -0.95
CA GLY A 82 10.21 -2.54 -1.49
C GLY A 82 9.83 -3.62 -0.50
N VAL A 83 10.15 -4.88 -0.87
CA VAL A 83 9.91 -6.07 -0.04
C VAL A 83 10.82 -6.06 1.21
N ALA A 84 11.99 -5.42 1.09
CA ALA A 84 13.00 -5.34 2.15
C ALA A 84 12.83 -4.04 2.98
N ASP A 85 12.07 -3.08 2.45
CA ASP A 85 11.84 -1.78 3.10
C ASP A 85 10.60 -1.86 4.00
N ILE A 86 10.78 -1.54 5.29
CA ILE A 86 9.72 -1.66 6.31
C ILE A 86 9.25 -0.26 6.74
N ILE A 87 7.93 -0.02 6.70
CA ILE A 87 7.32 1.24 7.12
C ILE A 87 6.48 1.04 8.39
N ASP A 88 6.74 1.87 9.40
CA ASP A 88 6.11 1.77 10.74
C ASP A 88 4.67 2.30 10.75
N CYS A 89 3.70 1.37 10.89
CA CYS A 89 2.28 1.70 11.08
C CYS A 89 2.02 2.20 12.51
N VAL A 90 1.82 3.52 12.65
CA VAL A 90 1.59 4.17 13.95
C VAL A 90 0.13 4.69 14.03
N VAL A 91 -0.61 4.21 15.05
CA VAL A 91 -2.00 4.63 15.30
C VAL A 91 -2.01 5.91 16.16
N LEU A 92 -2.17 7.06 15.49
CA LEU A 92 -2.38 8.37 16.15
C LEU A 92 -3.88 8.70 16.11
N THR A 93 -4.39 9.22 17.24
CA THR A 93 -5.82 9.54 17.40
C THR A 93 -6.20 10.80 16.58
N SER A 94 -6.44 10.60 15.28
CA SER A 94 -6.76 11.68 14.32
C SER A 94 -8.27 11.97 14.31
N SER A 95 -8.63 13.26 14.16
CA SER A 95 -10.03 13.72 14.13
C SER A 95 -10.23 14.68 12.92
N GLN A 1 -32.49 -17.44 -15.31
CA GLN A 1 -32.89 -16.05 -15.00
C GLN A 1 -34.42 -15.94 -14.84
N GLY A 2 -34.88 -14.73 -14.44
CA GLY A 2 -36.31 -14.46 -14.25
C GLY A 2 -36.59 -13.00 -13.93
N GLN A 3 -37.29 -12.76 -12.80
CA GLN A 3 -37.72 -11.41 -12.36
C GLN A 3 -36.54 -10.61 -11.74
N GLU A 4 -35.38 -11.27 -11.56
CA GLU A 4 -34.14 -10.64 -11.09
C GLU A 4 -33.56 -9.68 -12.18
N ASP A 5 -34.10 -9.77 -13.42
CA ASP A 5 -33.69 -8.94 -14.57
C ASP A 5 -33.97 -7.46 -14.26
N GLU A 6 -32.92 -6.80 -13.76
CA GLU A 6 -32.92 -5.37 -13.42
C GLU A 6 -31.70 -4.70 -14.06
N VAL A 7 -31.45 -3.43 -13.69
CA VAL A 7 -30.33 -2.63 -14.21
C VAL A 7 -28.95 -3.29 -13.89
N VAL A 8 -28.06 -3.33 -14.90
CA VAL A 8 -26.73 -3.94 -14.78
C VAL A 8 -25.77 -2.95 -14.09
N LEU A 9 -25.67 -3.09 -12.76
CA LEU A 9 -24.87 -2.19 -11.89
C LEU A 9 -23.46 -2.76 -11.62
N VAL A 10 -23.13 -3.89 -12.27
CA VAL A 10 -21.85 -4.60 -12.06
C VAL A 10 -21.45 -5.30 -13.38
N GLU A 11 -20.13 -5.36 -13.65
CA GLU A 11 -19.57 -6.06 -14.83
C GLU A 11 -18.63 -7.18 -14.35
N GLY A 12 -18.12 -7.97 -15.32
CA GLY A 12 -17.19 -9.06 -15.05
C GLY A 12 -15.96 -8.98 -15.96
N PRO A 13 -14.95 -8.10 -15.61
CA PRO A 13 -13.71 -7.98 -16.40
C PRO A 13 -12.83 -9.25 -16.26
N THR A 14 -12.87 -10.09 -17.30
CA THR A 14 -12.11 -11.34 -17.35
C THR A 14 -10.62 -11.06 -17.60
N LEU A 15 -9.89 -10.82 -16.51
CA LEU A 15 -8.45 -10.49 -16.51
C LEU A 15 -7.70 -11.55 -15.67
N PRO A 16 -7.19 -12.64 -16.30
CA PRO A 16 -6.33 -13.63 -15.60
C PRO A 16 -4.92 -13.05 -15.32
N GLU A 17 -4.50 -12.08 -16.15
CA GLU A 17 -3.23 -11.37 -16.02
C GLU A 17 -3.35 -10.34 -14.87
N THR A 18 -2.93 -10.77 -13.68
CA THR A 18 -2.90 -9.95 -12.47
C THR A 18 -1.72 -8.94 -12.56
N PRO A 19 -1.88 -7.65 -12.08
CA PRO A 19 -0.75 -6.68 -11.99
C PRO A 19 0.40 -7.20 -11.09
N ARG A 20 1.55 -6.53 -11.13
CA ARG A 20 2.73 -6.93 -10.35
C ARG A 20 2.69 -6.28 -8.96
N LEU A 21 2.10 -7.03 -8.01
CA LEU A 21 2.12 -6.69 -6.58
C LEU A 21 3.38 -7.31 -5.95
N PHE A 22 3.86 -6.69 -4.87
CA PHE A 22 5.03 -7.17 -4.12
C PHE A 22 4.73 -7.04 -2.62
N PRO A 23 5.32 -7.92 -1.73
CA PRO A 23 5.07 -7.86 -0.27
C PRO A 23 5.67 -6.58 0.37
N LEU A 24 4.84 -5.52 0.42
CA LEU A 24 5.13 -4.30 1.18
C LEU A 24 5.12 -4.69 2.66
N LYS A 25 6.30 -4.61 3.29
CA LYS A 25 6.48 -5.02 4.70
C LYS A 25 6.28 -3.82 5.63
N ILE A 26 5.18 -3.88 6.41
CA ILE A 26 4.82 -2.82 7.37
C ILE A 26 5.09 -3.32 8.80
N ARG A 27 5.81 -2.51 9.60
CA ARG A 27 6.07 -2.82 11.00
C ARG A 27 4.90 -2.34 11.86
N CYS A 28 4.02 -3.28 12.20
CA CYS A 28 2.94 -3.06 13.17
C CYS A 28 3.52 -2.90 14.59
N ARG A 29 2.63 -2.60 15.55
CA ARG A 29 2.98 -2.43 16.98
C ARG A 29 3.73 -3.67 17.55
N ALA A 30 3.43 -4.88 16.99
CA ALA A 30 4.01 -6.16 17.45
C ALA A 30 3.89 -7.24 16.36
N ASP A 31 4.09 -6.84 15.08
CA ASP A 31 3.92 -7.74 13.91
C ASP A 31 4.54 -7.13 12.63
N LEU A 32 4.85 -7.98 11.63
CA LEU A 32 5.32 -7.57 10.29
C LEU A 32 4.28 -7.99 9.24
N VAL A 33 3.42 -7.04 8.86
CA VAL A 33 2.35 -7.26 7.86
C VAL A 33 2.95 -7.04 6.46
N ARG A 34 3.29 -8.13 5.79
CA ARG A 34 3.92 -8.09 4.46
C ARG A 34 2.81 -8.31 3.40
N LEU A 35 2.06 -7.24 3.09
CA LEU A 35 0.87 -7.35 2.20
C LEU A 35 1.26 -7.08 0.74
N PRO A 36 0.67 -7.81 -0.26
CA PRO A 36 0.95 -7.57 -1.69
C PRO A 36 0.25 -6.28 -2.16
N LEU A 37 1.06 -5.26 -2.44
CA LEU A 37 0.60 -3.94 -2.94
C LEU A 37 1.30 -3.61 -4.27
N ARG A 38 0.64 -2.80 -5.10
CA ARG A 38 1.18 -2.33 -6.40
C ARG A 38 1.99 -1.03 -6.21
N MET A 39 3.05 -0.84 -7.02
CA MET A 39 3.83 0.42 -7.05
C MET A 39 2.94 1.60 -7.48
N SER A 40 1.99 1.30 -8.39
CA SER A 40 0.97 2.25 -8.88
C SER A 40 -0.03 2.65 -7.76
N GLU A 41 -0.27 1.71 -6.84
CA GLU A 41 -1.21 1.87 -5.72
C GLU A 41 -0.57 2.82 -4.67
N PRO A 42 -1.31 3.87 -4.15
CA PRO A 42 -0.78 4.74 -3.07
C PRO A 42 -0.71 3.99 -1.71
N LEU A 43 -0.21 4.69 -0.68
CA LEU A 43 -0.08 4.12 0.67
C LEU A 43 -1.44 3.85 1.31
N GLN A 44 -2.52 4.48 0.79
CA GLN A 44 -3.91 4.29 1.29
C GLN A 44 -4.31 2.79 1.32
N SER A 45 -3.62 1.95 0.50
CA SER A 45 -3.77 0.49 0.52
C SER A 45 -3.28 -0.10 1.86
N VAL A 46 -2.03 0.22 2.25
CA VAL A 46 -1.44 -0.27 3.51
C VAL A 46 -2.10 0.41 4.72
N VAL A 47 -2.58 1.65 4.54
CA VAL A 47 -3.31 2.40 5.57
C VAL A 47 -4.63 1.69 5.92
N ASP A 48 -5.38 1.33 4.87
CA ASP A 48 -6.68 0.65 4.99
C ASP A 48 -6.51 -0.74 5.62
N HIS A 49 -5.52 -1.49 5.12
CA HIS A 49 -5.28 -2.87 5.51
C HIS A 49 -4.83 -2.97 6.98
N MET A 50 -3.92 -2.04 7.39
CA MET A 50 -3.42 -1.99 8.78
C MET A 50 -4.53 -1.56 9.75
N ALA A 51 -5.48 -0.74 9.25
CA ALA A 51 -6.67 -0.32 10.02
C ALA A 51 -7.59 -1.51 10.27
N THR A 52 -7.79 -2.33 9.22
CA THR A 52 -8.58 -3.57 9.28
C THR A 52 -7.86 -4.66 10.13
N HIS A 53 -6.51 -4.59 10.14
CA HIS A 53 -5.65 -5.54 10.85
C HIS A 53 -5.66 -5.29 12.36
N LEU A 54 -5.77 -4.02 12.75
CA LEU A 54 -5.71 -3.57 14.16
C LEU A 54 -7.09 -3.18 14.71
N GLY A 55 -8.10 -3.12 13.81
CA GLY A 55 -9.48 -2.80 14.20
C GLY A 55 -9.67 -1.31 14.54
N VAL A 56 -8.88 -0.46 13.88
CA VAL A 56 -8.91 1.00 14.05
C VAL A 56 -9.31 1.69 12.73
N SER A 57 -9.33 3.04 12.72
CA SER A 57 -9.65 3.83 11.53
C SER A 57 -8.40 3.97 10.62
N PRO A 58 -8.59 4.03 9.25
CA PRO A 58 -7.50 4.39 8.31
C PRO A 58 -6.94 5.81 8.62
N SER A 59 -7.80 6.67 9.19
CA SER A 59 -7.43 8.06 9.55
C SER A 59 -6.39 8.09 10.70
N ARG A 60 -6.24 6.93 11.40
CA ARG A 60 -5.32 6.77 12.54
C ARG A 60 -3.95 6.20 12.10
N ILE A 61 -3.94 5.44 10.99
CA ILE A 61 -2.73 4.75 10.50
C ILE A 61 -1.78 5.74 9.79
N LEU A 62 -0.70 6.13 10.50
CA LEU A 62 0.37 6.97 9.93
C LEU A 62 1.61 6.10 9.66
N LEU A 63 2.09 6.11 8.40
CA LEU A 63 3.29 5.37 7.99
C LEU A 63 4.52 6.26 8.18
N LEU A 64 5.53 5.72 8.89
CA LEU A 64 6.78 6.42 9.22
C LEU A 64 7.95 5.48 8.94
N PHE A 65 8.82 5.81 7.96
CA PHE A 65 10.02 4.99 7.69
C PHE A 65 11.11 5.32 8.74
N GLY A 66 10.97 4.69 9.93
CA GLY A 66 11.86 4.94 11.05
C GLY A 66 11.71 6.37 11.60
N GLU A 67 12.46 7.32 10.99
CA GLU A 67 12.41 8.75 11.33
C GLU A 67 12.16 9.57 10.05
N THR A 68 10.89 9.55 9.59
CA THR A 68 10.37 10.44 8.52
C THR A 68 8.86 10.22 8.38
N GLU A 69 8.11 11.28 8.03
CA GLU A 69 6.64 11.20 7.89
C GLU A 69 6.26 10.90 6.44
N LEU A 70 5.41 9.87 6.25
CA LEU A 70 4.91 9.48 4.91
C LEU A 70 3.39 9.75 4.83
N SER A 71 2.98 10.49 3.78
CA SER A 71 1.58 10.83 3.53
C SER A 71 0.82 9.62 2.92
N PRO A 72 -0.48 9.35 3.32
CA PRO A 72 -1.27 8.20 2.78
C PRO A 72 -1.56 8.33 1.25
N THR A 73 -1.53 9.58 0.75
CA THR A 73 -1.77 9.88 -0.67
C THR A 73 -0.50 9.67 -1.52
N ALA A 74 0.68 9.63 -0.84
CA ALA A 74 1.98 9.36 -1.50
C ALA A 74 2.04 7.90 -1.95
N THR A 75 2.79 7.63 -3.02
CA THR A 75 2.94 6.27 -3.56
C THR A 75 4.27 5.66 -3.06
N PRO A 76 4.31 4.33 -2.79
CA PRO A 76 5.58 3.60 -2.49
C PRO A 76 6.60 3.71 -3.64
N ARG A 77 6.14 4.12 -4.84
CA ARG A 77 6.99 4.27 -6.03
C ARG A 77 7.92 5.49 -5.87
N THR A 78 7.34 6.64 -5.47
CA THR A 78 8.11 7.88 -5.25
C THR A 78 9.01 7.75 -3.99
N LEU A 79 8.54 6.94 -3.03
CA LEU A 79 9.28 6.64 -1.79
C LEU A 79 10.36 5.55 -2.01
N LYS A 80 10.25 4.83 -3.15
CA LYS A 80 11.15 3.70 -3.51
C LYS A 80 11.13 2.56 -2.47
N LEU A 81 9.93 2.31 -1.90
CA LEU A 81 9.68 1.19 -0.98
C LEU A 81 9.73 -0.14 -1.75
N GLY A 82 10.23 -1.18 -1.08
CA GLY A 82 10.47 -2.48 -1.69
C GLY A 82 10.10 -3.62 -0.75
N VAL A 83 10.48 -4.83 -1.14
CA VAL A 83 10.13 -6.07 -0.42
C VAL A 83 10.94 -6.23 0.89
N ALA A 84 12.14 -5.62 0.92
CA ALA A 84 13.04 -5.64 2.09
C ALA A 84 12.95 -4.33 2.88
N ASP A 85 12.15 -3.36 2.38
CA ASP A 85 11.90 -2.09 3.06
C ASP A 85 10.77 -2.29 4.09
N ILE A 86 10.87 -1.59 5.23
CA ILE A 86 9.90 -1.70 6.33
C ILE A 86 9.47 -0.29 6.77
N ILE A 87 8.16 -0.02 6.78
CA ILE A 87 7.59 1.27 7.26
C ILE A 87 6.68 1.03 8.49
N ASP A 88 6.89 1.85 9.54
CA ASP A 88 6.14 1.76 10.82
C ASP A 88 4.67 2.17 10.63
N CYS A 89 3.76 1.40 11.22
CA CYS A 89 2.32 1.72 11.31
C CYS A 89 2.01 2.19 12.74
N VAL A 90 1.93 3.52 12.91
CA VAL A 90 1.66 4.14 14.22
C VAL A 90 0.20 4.62 14.26
N VAL A 91 -0.60 3.97 15.12
CA VAL A 91 -2.02 4.30 15.30
C VAL A 91 -2.17 5.51 16.24
N LEU A 92 -2.36 6.68 15.65
CA LEU A 92 -2.60 7.94 16.38
C LEU A 92 -4.09 8.06 16.75
N THR A 93 -4.41 8.90 17.73
CA THR A 93 -5.80 9.26 18.07
C THR A 93 -6.17 10.60 17.39
N SER A 94 -5.14 11.39 17.06
CA SER A 94 -5.29 12.70 16.40
C SER A 94 -4.70 12.62 14.98
N SER A 95 -5.46 13.12 14.00
CA SER A 95 -5.04 13.19 12.59
C SER A 95 -4.54 14.62 12.27
N GLN A 1 7.40 -5.84 -42.92
CA GLN A 1 7.01 -4.43 -43.09
C GLN A 1 5.68 -4.11 -42.38
N GLY A 2 4.83 -5.16 -42.18
CA GLY A 2 3.50 -4.99 -41.57
C GLY A 2 3.49 -5.48 -40.12
N GLN A 3 4.14 -4.69 -39.24
CA GLN A 3 4.25 -5.00 -37.80
C GLN A 3 2.90 -4.72 -37.10
N GLU A 4 2.19 -5.79 -36.72
CA GLU A 4 0.81 -5.71 -36.17
C GLU A 4 0.78 -5.86 -34.64
N ASP A 5 1.93 -6.24 -34.03
CA ASP A 5 2.00 -6.53 -32.59
C ASP A 5 1.81 -5.24 -31.79
N GLU A 6 0.55 -4.97 -31.42
CA GLU A 6 0.19 -3.86 -30.52
C GLU A 6 0.82 -4.07 -29.14
N VAL A 7 2.03 -3.49 -28.96
CA VAL A 7 2.90 -3.74 -27.80
C VAL A 7 2.25 -3.25 -26.48
N VAL A 8 2.15 -4.18 -25.51
CA VAL A 8 1.56 -3.94 -24.17
C VAL A 8 0.15 -3.32 -24.28
N LEU A 9 -0.81 -4.14 -24.70
CA LEU A 9 -2.22 -3.74 -24.87
C LEU A 9 -3.12 -4.95 -24.65
N VAL A 10 -3.46 -5.21 -23.38
CA VAL A 10 -4.38 -6.29 -22.96
C VAL A 10 -5.53 -5.64 -22.16
N GLU A 11 -6.66 -5.39 -22.86
CA GLU A 11 -7.79 -4.62 -22.30
C GLU A 11 -9.05 -4.87 -23.17
N GLY A 12 -10.23 -4.83 -22.54
CA GLY A 12 -11.51 -5.09 -23.21
C GLY A 12 -12.28 -6.24 -22.55
N PRO A 13 -11.89 -7.54 -22.82
CA PRO A 13 -12.50 -8.73 -22.18
C PRO A 13 -12.02 -8.91 -20.72
N THR A 14 -12.33 -10.10 -20.15
CA THR A 14 -11.83 -10.52 -18.84
C THR A 14 -10.30 -10.65 -18.87
N LEU A 15 -9.63 -9.99 -17.91
CA LEU A 15 -8.17 -10.07 -17.74
C LEU A 15 -7.86 -10.96 -16.52
N PRO A 16 -7.63 -12.30 -16.72
CA PRO A 16 -7.25 -13.21 -15.60
C PRO A 16 -5.83 -12.92 -15.08
N GLU A 17 -5.02 -12.27 -15.94
CA GLU A 17 -3.63 -11.93 -15.68
C GLU A 17 -3.55 -10.79 -14.64
N THR A 18 -3.20 -11.14 -13.40
CA THR A 18 -3.01 -10.17 -12.31
C THR A 18 -1.73 -9.34 -12.55
N PRO A 19 -1.70 -8.03 -12.14
CA PRO A 19 -0.52 -7.14 -12.34
C PRO A 19 0.72 -7.60 -11.53
N ARG A 20 1.83 -6.85 -11.65
CA ARG A 20 3.04 -7.11 -10.85
C ARG A 20 2.93 -6.39 -9.50
N LEU A 21 2.60 -7.15 -8.46
CA LEU A 21 2.61 -6.70 -7.06
C LEU A 21 3.89 -7.20 -6.38
N PHE A 22 4.12 -6.73 -5.16
CA PHE A 22 5.22 -7.20 -4.31
C PHE A 22 4.73 -7.16 -2.85
N PRO A 23 5.19 -8.09 -1.95
CA PRO A 23 4.85 -8.04 -0.52
C PRO A 23 5.51 -6.82 0.16
N LEU A 24 4.74 -5.71 0.22
CA LEU A 24 5.14 -4.48 0.94
C LEU A 24 5.38 -4.86 2.41
N LYS A 25 6.54 -4.43 2.93
CA LYS A 25 6.94 -4.69 4.32
C LYS A 25 6.44 -3.58 5.25
N ILE A 26 5.47 -3.91 6.08
CA ILE A 26 4.93 -3.03 7.13
C ILE A 26 5.34 -3.61 8.50
N ARG A 27 5.41 -2.75 9.52
CA ARG A 27 5.42 -3.18 10.92
C ARG A 27 4.14 -2.70 11.60
N CYS A 28 3.48 -3.62 12.30
CA CYS A 28 2.38 -3.33 13.22
C CYS A 28 2.96 -2.68 14.52
N ARG A 29 2.18 -2.71 15.62
CA ARG A 29 2.64 -2.28 16.95
C ARG A 29 3.89 -3.08 17.43
N ALA A 30 4.11 -4.27 16.81
CA ALA A 30 5.28 -5.12 17.10
C ALA A 30 5.62 -6.00 15.88
N ASP A 31 4.61 -6.77 15.44
CA ASP A 31 4.75 -7.84 14.42
C ASP A 31 5.06 -7.28 13.01
N LEU A 32 5.55 -8.15 12.13
CA LEU A 32 5.72 -7.87 10.69
C LEU A 32 4.44 -8.24 9.93
N VAL A 33 3.94 -7.29 9.15
CA VAL A 33 2.80 -7.49 8.24
C VAL A 33 3.29 -7.32 6.81
N ARG A 34 2.94 -8.26 5.92
CA ARG A 34 3.29 -8.21 4.49
C ARG A 34 2.01 -8.33 3.66
N LEU A 35 1.79 -7.39 2.72
CA LEU A 35 0.61 -7.44 1.82
C LEU A 35 1.03 -7.13 0.37
N PRO A 36 0.39 -7.79 -0.65
CA PRO A 36 0.70 -7.52 -2.07
C PRO A 36 0.16 -6.14 -2.50
N LEU A 37 1.08 -5.25 -2.87
CA LEU A 37 0.81 -3.85 -3.28
C LEU A 37 1.63 -3.51 -4.54
N ARG A 38 1.12 -2.59 -5.38
CA ARG A 38 1.81 -2.13 -6.61
C ARG A 38 2.58 -0.82 -6.33
N MET A 39 3.64 -0.56 -7.10
CA MET A 39 4.43 0.70 -6.99
C MET A 39 3.57 1.94 -7.33
N SER A 40 2.57 1.74 -8.21
CA SER A 40 1.60 2.78 -8.60
C SER A 40 0.49 2.95 -7.53
N GLU A 41 0.19 1.85 -6.80
CA GLU A 41 -0.87 1.80 -5.77
C GLU A 41 -0.47 2.70 -4.57
N PRO A 42 -1.32 3.72 -4.17
CA PRO A 42 -1.01 4.59 -3.00
C PRO A 42 -0.99 3.81 -1.68
N LEU A 43 -0.47 4.44 -0.61
CA LEU A 43 -0.34 3.80 0.71
C LEU A 43 -1.71 3.45 1.31
N GLN A 44 -2.82 4.04 0.78
CA GLN A 44 -4.20 3.74 1.23
C GLN A 44 -4.50 2.21 1.29
N SER A 45 -3.77 1.43 0.43
CA SER A 45 -3.80 -0.04 0.45
C SER A 45 -3.29 -0.59 1.81
N VAL A 46 -2.06 -0.19 2.22
CA VAL A 46 -1.48 -0.65 3.50
C VAL A 46 -2.22 -0.04 4.70
N VAL A 47 -2.73 1.18 4.50
CA VAL A 47 -3.46 1.97 5.50
C VAL A 47 -4.75 1.25 5.94
N ASP A 48 -5.60 0.94 4.95
CA ASP A 48 -6.91 0.33 5.18
C ASP A 48 -6.76 -1.11 5.71
N HIS A 49 -5.73 -1.83 5.20
CA HIS A 49 -5.38 -3.19 5.63
C HIS A 49 -5.03 -3.21 7.13
N MET A 50 -4.12 -2.28 7.51
CA MET A 50 -3.66 -2.14 8.90
C MET A 50 -4.77 -1.60 9.80
N ALA A 51 -5.69 -0.80 9.23
CA ALA A 51 -6.85 -0.23 9.96
C ALA A 51 -7.86 -1.33 10.33
N THR A 52 -8.04 -2.29 9.41
CA THR A 52 -8.90 -3.46 9.62
C THR A 52 -8.23 -4.45 10.61
N HIS A 53 -6.90 -4.57 10.49
CA HIS A 53 -6.06 -5.43 11.34
C HIS A 53 -6.12 -4.96 12.81
N LEU A 54 -5.95 -3.65 13.01
CA LEU A 54 -5.85 -3.00 14.34
C LEU A 54 -7.23 -2.59 14.88
N GLY A 55 -8.27 -2.63 14.02
CA GLY A 55 -9.64 -2.24 14.39
C GLY A 55 -9.80 -0.73 14.53
N VAL A 56 -8.86 0.04 13.95
CA VAL A 56 -8.82 1.51 14.02
C VAL A 56 -9.28 2.14 12.68
N SER A 57 -9.30 3.48 12.62
CA SER A 57 -9.68 4.22 11.40
C SER A 57 -8.48 4.33 10.45
N PRO A 58 -8.69 4.35 9.09
CA PRO A 58 -7.60 4.55 8.11
C PRO A 58 -6.87 5.91 8.29
N SER A 59 -7.61 6.94 8.79
CA SER A 59 -7.03 8.29 8.99
C SER A 59 -6.05 8.30 10.19
N ARG A 60 -6.16 7.26 11.06
CA ARG A 60 -5.31 7.10 12.26
C ARG A 60 -4.05 6.28 11.94
N ILE A 61 -3.95 5.71 10.72
CA ILE A 61 -2.74 4.95 10.30
C ILE A 61 -1.66 5.92 9.75
N LEU A 62 -0.58 6.10 10.51
CA LEU A 62 0.57 6.94 10.12
C LEU A 62 1.77 6.04 9.81
N LEU A 63 2.17 5.99 8.54
CA LEU A 63 3.31 5.17 8.08
C LEU A 63 4.60 5.96 8.28
N LEU A 64 5.63 5.31 8.85
CA LEU A 64 6.92 5.95 9.17
C LEU A 64 8.08 5.07 8.69
N PHE A 65 8.71 5.44 7.55
CA PHE A 65 9.82 4.66 6.96
C PHE A 65 11.10 4.94 7.76
N GLY A 66 11.33 4.09 8.77
CA GLY A 66 12.44 4.28 9.70
C GLY A 66 12.18 5.44 10.64
N GLU A 67 12.44 6.68 10.15
CA GLU A 67 12.27 7.93 10.93
C GLU A 67 11.49 9.01 10.15
N THR A 68 11.28 8.81 8.84
CA THR A 68 10.58 9.82 7.99
C THR A 68 9.05 9.62 8.03
N GLU A 69 8.30 10.73 7.90
CA GLU A 69 6.83 10.71 8.00
C GLU A 69 6.20 10.56 6.61
N LEU A 70 5.37 9.53 6.45
CA LEU A 70 4.71 9.22 5.17
C LEU A 70 3.19 9.48 5.30
N SER A 71 2.65 10.28 4.38
CA SER A 71 1.20 10.52 4.25
C SER A 71 0.49 9.26 3.71
N PRO A 72 -0.77 8.95 4.16
CA PRO A 72 -1.57 7.79 3.65
C PRO A 72 -1.91 7.93 2.13
N THR A 73 -1.81 9.16 1.63
CA THR A 73 -2.08 9.51 0.22
C THR A 73 -0.81 9.41 -0.66
N ALA A 74 0.36 9.20 -0.03
CA ALA A 74 1.65 9.08 -0.74
C ALA A 74 1.75 7.74 -1.48
N THR A 75 2.53 7.69 -2.58
CA THR A 75 2.76 6.46 -3.36
C THR A 75 4.17 5.90 -3.03
N PRO A 76 4.33 4.54 -2.97
CA PRO A 76 5.62 3.89 -2.61
C PRO A 76 6.74 4.11 -3.65
N ARG A 77 6.35 4.59 -4.85
CA ARG A 77 7.29 4.80 -5.96
C ARG A 77 8.24 5.98 -5.64
N THR A 78 7.65 7.14 -5.29
CA THR A 78 8.41 8.36 -4.91
C THR A 78 9.18 8.16 -3.59
N LEU A 79 8.62 7.31 -2.71
CA LEU A 79 9.22 6.99 -1.40
C LEU A 79 10.31 5.92 -1.54
N LYS A 80 10.27 5.17 -2.68
CA LYS A 80 11.09 3.97 -2.95
C LYS A 80 10.90 2.95 -1.78
N LEU A 81 9.75 2.27 -1.79
CA LEU A 81 9.40 1.22 -0.82
C LEU A 81 9.47 -0.15 -1.51
N GLY A 82 9.51 -1.22 -0.70
CA GLY A 82 9.77 -2.55 -1.20
C GLY A 82 9.52 -3.64 -0.17
N VAL A 83 10.12 -4.81 -0.44
CA VAL A 83 10.03 -6.00 0.41
C VAL A 83 11.00 -5.91 1.60
N ALA A 84 12.07 -5.12 1.44
CA ALA A 84 13.09 -4.87 2.47
C ALA A 84 12.85 -3.50 3.13
N ASP A 85 12.22 -2.57 2.37
CA ASP A 85 11.89 -1.23 2.88
C ASP A 85 10.68 -1.31 3.83
N ILE A 86 10.93 -1.05 5.13
CA ILE A 86 9.92 -1.22 6.19
C ILE A 86 9.29 0.13 6.56
N ILE A 87 7.94 0.16 6.65
CA ILE A 87 7.20 1.34 7.11
C ILE A 87 6.40 0.99 8.38
N ASP A 88 6.56 1.81 9.42
CA ASP A 88 5.93 1.58 10.72
C ASP A 88 4.50 2.15 10.74
N CYS A 89 3.51 1.26 10.77
CA CYS A 89 2.11 1.62 11.00
C CYS A 89 1.91 1.99 12.47
N VAL A 90 1.97 3.28 12.77
CA VAL A 90 1.77 3.84 14.12
C VAL A 90 0.41 4.54 14.15
N VAL A 91 -0.48 4.11 15.07
CA VAL A 91 -1.84 4.65 15.16
C VAL A 91 -1.83 6.02 15.88
N LEU A 92 -1.93 7.07 15.06
CA LEU A 92 -2.14 8.47 15.49
C LEU A 92 -3.48 8.57 16.27
N THR A 93 -3.48 9.32 17.38
CA THR A 93 -4.65 9.48 18.24
C THR A 93 -5.76 10.31 17.54
N SER A 94 -5.51 11.64 17.41
CA SER A 94 -6.47 12.59 16.80
C SER A 94 -5.70 13.66 16.01
N SER A 95 -6.42 14.47 15.22
CA SER A 95 -5.82 15.52 14.41
C SER A 95 -6.86 16.65 14.17
N GLN A 1 14.67 8.56 -17.27
CA GLN A 1 14.89 8.57 -18.73
C GLN A 1 13.58 8.17 -19.44
N GLY A 2 13.27 8.89 -20.54
CA GLY A 2 12.13 8.55 -21.41
C GLY A 2 10.79 8.44 -20.69
N GLN A 3 10.53 9.39 -19.76
CA GLN A 3 9.26 9.46 -19.02
C GLN A 3 8.12 9.83 -19.97
N GLU A 4 7.42 8.81 -20.46
CA GLU A 4 6.23 8.97 -21.30
C GLU A 4 5.27 7.85 -20.90
N ASP A 5 4.05 8.25 -20.49
CA ASP A 5 3.06 7.35 -19.91
C ASP A 5 1.65 7.90 -20.11
N GLU A 6 1.51 9.21 -19.90
CA GLU A 6 0.22 9.91 -19.92
C GLU A 6 -0.21 10.20 -21.37
N VAL A 7 -0.61 9.15 -22.07
CA VAL A 7 -1.13 9.20 -23.44
C VAL A 7 -2.62 9.57 -23.39
N VAL A 8 -3.05 10.56 -24.18
CA VAL A 8 -4.48 10.95 -24.29
C VAL A 8 -5.24 9.85 -25.05
N LEU A 9 -5.62 8.81 -24.28
CA LEU A 9 -6.32 7.60 -24.76
C LEU A 9 -6.57 6.73 -23.51
N VAL A 10 -7.84 6.53 -23.14
CA VAL A 10 -8.24 5.72 -21.97
C VAL A 10 -9.39 4.77 -22.35
N GLU A 11 -9.27 3.51 -21.90
CA GLU A 11 -10.26 2.45 -22.14
C GLU A 11 -10.07 1.35 -21.08
N GLY A 12 -10.92 0.31 -21.15
CA GLY A 12 -10.84 -0.83 -20.24
C GLY A 12 -10.77 -2.16 -20.99
N PRO A 13 -9.56 -2.55 -21.53
CA PRO A 13 -9.38 -3.86 -22.17
C PRO A 13 -9.11 -4.97 -21.13
N THR A 14 -9.37 -6.22 -21.53
CA THR A 14 -9.09 -7.40 -20.70
C THR A 14 -7.58 -7.66 -20.70
N LEU A 15 -6.91 -7.28 -19.61
CA LEU A 15 -5.47 -7.53 -19.41
C LEU A 15 -5.30 -8.74 -18.47
N PRO A 16 -5.08 -9.98 -19.02
CA PRO A 16 -4.83 -11.18 -18.19
C PRO A 16 -3.53 -11.04 -17.38
N GLU A 17 -2.53 -10.38 -17.98
CA GLU A 17 -1.23 -10.12 -17.36
C GLU A 17 -1.37 -8.97 -16.36
N THR A 18 -1.54 -9.34 -15.07
CA THR A 18 -1.73 -8.40 -13.96
C THR A 18 -0.41 -7.65 -13.64
N PRO A 19 -0.46 -6.29 -13.40
CA PRO A 19 0.74 -5.51 -12.95
C PRO A 19 1.38 -6.12 -11.69
N ARG A 20 2.71 -6.31 -11.73
CA ARG A 20 3.48 -7.01 -10.70
C ARG A 20 3.41 -6.28 -9.35
N LEU A 21 2.75 -6.94 -8.38
CA LEU A 21 2.69 -6.48 -6.99
C LEU A 21 3.94 -6.98 -6.25
N PHE A 22 4.17 -6.46 -5.05
CA PHE A 22 5.28 -6.89 -4.18
C PHE A 22 4.80 -6.83 -2.71
N PRO A 23 5.27 -7.75 -1.81
CA PRO A 23 4.92 -7.71 -0.37
C PRO A 23 5.50 -6.46 0.34
N LEU A 24 4.69 -5.38 0.36
CA LEU A 24 4.94 -4.17 1.14
C LEU A 24 4.93 -4.57 2.63
N LYS A 25 6.08 -4.44 3.31
CA LYS A 25 6.19 -4.80 4.73
C LYS A 25 5.89 -3.58 5.60
N ILE A 26 4.83 -3.69 6.42
CA ILE A 26 4.42 -2.65 7.36
C ILE A 26 4.61 -3.15 8.81
N ARG A 27 5.16 -2.29 9.67
CA ARG A 27 5.47 -2.65 11.06
C ARG A 27 4.23 -2.44 11.96
N CYS A 28 3.60 -3.54 12.36
CA CYS A 28 2.58 -3.56 13.43
C CYS A 28 3.26 -3.41 14.81
N ARG A 29 2.46 -3.39 15.88
CA ARG A 29 2.93 -3.29 17.28
C ARG A 29 3.99 -4.36 17.64
N ALA A 30 3.82 -5.58 17.09
CA ALA A 30 4.75 -6.71 17.30
C ALA A 30 4.56 -7.74 16.17
N ASP A 31 4.57 -7.24 14.92
CA ASP A 31 4.28 -8.04 13.70
C ASP A 31 4.71 -7.27 12.44
N LEU A 32 4.83 -8.00 11.32
CA LEU A 32 5.18 -7.44 9.99
C LEU A 32 4.20 -7.99 8.94
N VAL A 33 3.25 -7.12 8.51
CA VAL A 33 2.28 -7.44 7.46
C VAL A 33 2.92 -7.20 6.10
N ARG A 34 3.09 -8.27 5.32
CA ARG A 34 3.72 -8.21 4.00
C ARG A 34 2.63 -8.40 2.93
N LEU A 35 1.88 -7.31 2.62
CA LEU A 35 0.71 -7.41 1.71
C LEU A 35 1.12 -7.10 0.25
N PRO A 36 0.54 -7.82 -0.76
CA PRO A 36 0.81 -7.56 -2.20
C PRO A 36 0.25 -6.19 -2.63
N LEU A 37 1.15 -5.24 -2.88
CA LEU A 37 0.81 -3.85 -3.27
C LEU A 37 1.57 -3.48 -4.55
N ARG A 38 0.88 -2.77 -5.46
CA ARG A 38 1.45 -2.31 -6.75
C ARG A 38 2.29 -1.03 -6.55
N MET A 39 3.27 -0.80 -7.42
CA MET A 39 4.13 0.42 -7.38
C MET A 39 3.31 1.69 -7.68
N SER A 40 2.17 1.51 -8.40
CA SER A 40 1.26 2.61 -8.78
C SER A 40 0.14 2.81 -7.73
N GLU A 41 0.14 1.98 -6.67
CA GLU A 41 -0.88 2.02 -5.61
C GLU A 41 -0.48 3.07 -4.55
N PRO A 42 -1.40 3.96 -4.09
CA PRO A 42 -1.14 4.84 -2.92
C PRO A 42 -1.02 4.00 -1.62
N LEU A 43 -0.47 4.62 -0.55
CA LEU A 43 -0.33 3.96 0.75
C LEU A 43 -1.69 3.70 1.41
N GLN A 44 -2.75 4.34 0.88
CA GLN A 44 -4.14 4.18 1.36
C GLN A 44 -4.55 2.69 1.45
N SER A 45 -3.92 1.86 0.60
CA SER A 45 -4.02 0.40 0.65
C SER A 45 -3.55 -0.15 2.02
N VAL A 46 -2.27 0.14 2.38
CA VAL A 46 -1.67 -0.34 3.65
C VAL A 46 -2.31 0.38 4.85
N VAL A 47 -2.82 1.59 4.62
CA VAL A 47 -3.48 2.40 5.65
C VAL A 47 -4.77 1.72 6.11
N ASP A 48 -5.61 1.35 5.14
CA ASP A 48 -6.92 0.70 5.41
C ASP A 48 -6.72 -0.74 5.92
N HIS A 49 -5.72 -1.44 5.35
CA HIS A 49 -5.42 -2.85 5.70
C HIS A 49 -4.91 -2.94 7.16
N MET A 50 -3.94 -2.07 7.50
CA MET A 50 -3.36 -2.02 8.86
C MET A 50 -4.39 -1.52 9.88
N ALA A 51 -5.30 -0.66 9.43
CA ALA A 51 -6.43 -0.21 10.25
C ALA A 51 -7.30 -1.41 10.67
N THR A 52 -7.59 -2.28 9.69
CA THR A 52 -8.38 -3.51 9.92
C THR A 52 -7.58 -4.54 10.77
N HIS A 53 -6.24 -4.50 10.61
CA HIS A 53 -5.31 -5.40 11.33
C HIS A 53 -5.17 -5.00 12.81
N LEU A 54 -5.35 -3.69 13.10
CA LEU A 54 -5.18 -3.10 14.45
C LEU A 54 -6.53 -2.69 15.07
N GLY A 55 -7.62 -2.88 14.30
CA GLY A 55 -9.01 -2.69 14.78
C GLY A 55 -9.44 -1.23 14.89
N VAL A 56 -8.71 -0.35 14.18
CA VAL A 56 -8.91 1.12 14.20
C VAL A 56 -9.34 1.65 12.82
N SER A 57 -9.47 2.98 12.71
CA SER A 57 -9.86 3.65 11.46
C SER A 57 -8.62 3.93 10.59
N PRO A 58 -8.74 3.88 9.21
CA PRO A 58 -7.63 4.21 8.28
C PRO A 58 -7.01 5.59 8.57
N SER A 59 -7.85 6.55 8.98
CA SER A 59 -7.44 7.96 9.18
C SER A 59 -6.34 8.10 10.27
N ARG A 60 -6.29 7.11 11.19
CA ARG A 60 -5.37 7.10 12.35
C ARG A 60 -3.95 6.58 11.96
N ILE A 61 -3.89 5.77 10.89
CA ILE A 61 -2.66 5.08 10.47
C ILE A 61 -1.66 6.07 9.80
N LEU A 62 -0.62 6.44 10.57
CA LEU A 62 0.50 7.26 10.08
C LEU A 62 1.70 6.36 9.79
N LEU A 63 2.09 6.25 8.52
CA LEU A 63 3.25 5.47 8.11
C LEU A 63 4.50 6.34 8.23
N LEU A 64 5.55 5.80 8.87
CA LEU A 64 6.83 6.48 9.06
C LEU A 64 7.94 5.51 8.65
N PHE A 65 8.65 5.80 7.52
CA PHE A 65 9.75 4.93 7.09
C PHE A 65 10.99 5.25 7.93
N GLY A 66 11.10 4.55 9.07
CA GLY A 66 12.15 4.80 10.05
C GLY A 66 11.91 6.09 10.82
N GLU A 67 12.32 7.22 10.21
CA GLU A 67 12.24 8.56 10.82
C GLU A 67 11.38 9.51 9.96
N THR A 68 11.32 9.26 8.63
CA THR A 68 10.67 10.16 7.67
C THR A 68 9.13 9.98 7.71
N GLU A 69 8.39 11.08 7.50
CA GLU A 69 6.92 11.08 7.56
C GLU A 69 6.34 10.76 6.19
N LEU A 70 5.50 9.73 6.12
CA LEU A 70 4.81 9.34 4.87
C LEU A 70 3.32 9.72 4.94
N SER A 71 2.71 9.92 3.77
CA SER A 71 1.29 10.30 3.64
C SER A 71 0.46 9.11 3.11
N PRO A 72 -0.87 9.00 3.46
CA PRO A 72 -1.76 7.94 2.89
C PRO A 72 -1.92 8.05 1.36
N THR A 73 -1.77 9.28 0.84
CA THR A 73 -1.84 9.57 -0.60
C THR A 73 -0.53 9.20 -1.34
N ALA A 74 0.59 9.11 -0.58
CA ALA A 74 1.93 8.86 -1.14
C ALA A 74 2.04 7.45 -1.76
N THR A 75 2.81 7.33 -2.85
CA THR A 75 3.03 6.05 -3.56
C THR A 75 4.40 5.46 -3.16
N PRO A 76 4.59 4.09 -3.23
CA PRO A 76 5.86 3.44 -2.81
C PRO A 76 7.00 3.68 -3.82
N ARG A 77 6.65 4.23 -4.99
CA ARG A 77 7.59 4.54 -6.07
C ARG A 77 8.52 5.70 -5.66
N THR A 78 7.91 6.83 -5.25
CA THR A 78 8.64 8.03 -4.79
C THR A 78 9.36 7.76 -3.44
N LEU A 79 8.87 6.75 -2.68
CA LEU A 79 9.42 6.39 -1.37
C LEU A 79 10.41 5.20 -1.46
N LYS A 80 10.51 4.58 -2.66
CA LYS A 80 11.40 3.41 -2.91
C LYS A 80 11.09 2.20 -2.01
N LEU A 81 9.82 2.07 -1.59
CA LEU A 81 9.37 0.97 -0.72
C LEU A 81 9.33 -0.35 -1.51
N GLY A 82 9.90 -1.40 -0.91
CA GLY A 82 9.94 -2.74 -1.49
C GLY A 82 9.67 -3.79 -0.43
N VAL A 83 10.30 -4.96 -0.58
CA VAL A 83 10.07 -6.11 0.33
C VAL A 83 10.90 -5.95 1.63
N ALA A 84 12.02 -5.21 1.53
CA ALA A 84 12.95 -5.00 2.66
C ALA A 84 12.69 -3.66 3.39
N ASP A 85 11.88 -2.78 2.76
CA ASP A 85 11.54 -1.47 3.33
C ASP A 85 10.33 -1.60 4.25
N ILE A 86 10.59 -1.47 5.56
CA ILE A 86 9.55 -1.52 6.59
C ILE A 86 9.08 -0.09 6.90
N ILE A 87 7.77 0.13 6.87
CA ILE A 87 7.17 1.42 7.25
C ILE A 87 6.34 1.25 8.53
N ASP A 88 6.69 2.02 9.56
CA ASP A 88 6.11 1.93 10.90
C ASP A 88 4.67 2.45 10.93
N CYS A 89 3.71 1.54 11.19
CA CYS A 89 2.29 1.86 11.31
C CYS A 89 1.97 2.39 12.70
N VAL A 90 1.91 3.73 12.83
CA VAL A 90 1.67 4.42 14.11
C VAL A 90 0.20 4.84 14.18
N VAL A 91 -0.56 4.21 15.10
CA VAL A 91 -1.97 4.53 15.31
C VAL A 91 -2.10 5.78 16.19
N LEU A 92 -2.42 6.90 15.55
CA LEU A 92 -2.72 8.16 16.22
C LEU A 92 -4.23 8.26 16.54
N THR A 93 -4.63 9.42 17.06
CA THR A 93 -6.05 9.77 17.21
C THR A 93 -6.54 10.41 15.90
N SER A 94 -5.68 11.31 15.35
CA SER A 94 -5.92 12.05 14.10
C SER A 94 -7.22 12.90 14.17
N SER A 95 -7.61 13.24 15.41
CA SER A 95 -8.84 13.98 15.69
C SER A 95 -8.62 15.48 15.39
N GLN A 1 4.95 4.04 -13.93
CA GLN A 1 4.26 2.98 -14.70
C GLN A 1 3.11 3.59 -15.51
N GLY A 2 3.09 3.34 -16.83
CA GLY A 2 2.07 3.84 -17.74
C GLY A 2 1.41 2.69 -18.49
N GLN A 3 1.11 2.91 -19.80
CA GLN A 3 0.45 1.94 -20.73
C GLN A 3 -1.08 1.83 -20.48
N GLU A 4 -1.49 1.90 -19.20
CA GLU A 4 -2.90 1.89 -18.77
C GLU A 4 -3.45 3.34 -18.73
N ASP A 5 -3.16 4.11 -19.80
CA ASP A 5 -3.67 5.49 -19.99
C ASP A 5 -5.19 5.46 -20.23
N GLU A 6 -5.63 4.40 -20.93
CA GLU A 6 -7.05 4.10 -21.14
C GLU A 6 -7.73 3.81 -19.79
N VAL A 7 -8.69 4.68 -19.43
CA VAL A 7 -9.40 4.61 -18.14
C VAL A 7 -10.59 3.61 -18.21
N VAL A 8 -10.24 2.35 -18.48
CA VAL A 8 -11.20 1.23 -18.61
C VAL A 8 -11.73 0.82 -17.21
N LEU A 9 -12.89 1.37 -16.85
CA LEU A 9 -13.55 1.12 -15.56
C LEU A 9 -14.59 0.00 -15.75
N VAL A 10 -14.11 -1.25 -15.59
CA VAL A 10 -14.92 -2.49 -15.69
C VAL A 10 -15.62 -2.60 -17.07
N GLU A 11 -14.83 -2.96 -18.09
CA GLU A 11 -15.33 -3.29 -19.42
C GLU A 11 -14.73 -4.64 -19.79
N GLY A 12 -15.59 -5.67 -19.87
CA GLY A 12 -15.13 -7.05 -20.00
C GLY A 12 -14.45 -7.53 -18.72
N PRO A 13 -15.23 -7.77 -17.60
CA PRO A 13 -14.68 -8.19 -16.28
C PRO A 13 -13.92 -9.53 -16.37
N THR A 14 -12.63 -9.42 -16.66
CA THR A 14 -11.67 -10.52 -16.77
C THR A 14 -10.29 -9.94 -16.45
N LEU A 15 -9.40 -10.74 -15.83
CA LEU A 15 -8.00 -10.33 -15.60
C LEU A 15 -7.10 -11.02 -16.65
N PRO A 16 -6.72 -10.32 -17.77
CA PRO A 16 -5.78 -10.88 -18.77
C PRO A 16 -4.35 -10.93 -18.18
N GLU A 17 -4.04 -9.94 -17.32
CA GLU A 17 -2.83 -9.89 -16.51
C GLU A 17 -3.18 -9.19 -15.20
N THR A 18 -2.99 -9.89 -14.08
CA THR A 18 -3.07 -9.30 -12.73
C THR A 18 -1.81 -8.42 -12.49
N PRO A 19 -1.97 -7.15 -11.97
CA PRO A 19 -0.82 -6.23 -11.67
C PRO A 19 0.24 -6.87 -10.74
N ARG A 20 1.43 -6.24 -10.70
CA ARG A 20 2.54 -6.68 -9.82
C ARG A 20 2.34 -6.13 -8.41
N LEU A 21 1.74 -6.95 -7.55
CA LEU A 21 1.59 -6.67 -6.13
C LEU A 21 2.74 -7.34 -5.35
N PHE A 22 3.72 -6.54 -4.92
CA PHE A 22 4.87 -7.02 -4.14
C PHE A 22 4.55 -6.88 -2.63
N PRO A 23 5.08 -7.79 -1.73
CA PRO A 23 4.81 -7.73 -0.28
C PRO A 23 5.52 -6.52 0.38
N LEU A 24 4.79 -5.40 0.46
CA LEU A 24 5.21 -4.19 1.20
C LEU A 24 5.28 -4.58 2.69
N LYS A 25 6.42 -4.33 3.33
CA LYS A 25 6.63 -4.68 4.75
C LYS A 25 6.33 -3.47 5.67
N ILE A 26 5.28 -3.63 6.49
CA ILE A 26 4.81 -2.62 7.44
C ILE A 26 5.04 -3.15 8.88
N ARG A 27 5.74 -2.37 9.71
CA ARG A 27 5.96 -2.69 11.13
C ARG A 27 4.88 -2.03 11.99
N CYS A 28 3.95 -2.83 12.49
CA CYS A 28 2.86 -2.39 13.35
C CYS A 28 3.31 -2.25 14.82
N ARG A 29 2.34 -1.99 15.72
CA ARG A 29 2.54 -1.90 17.17
C ARG A 29 3.16 -3.20 17.77
N ALA A 30 2.79 -4.37 17.22
CA ALA A 30 3.25 -5.69 17.71
C ALA A 30 3.23 -6.73 16.58
N ASP A 31 3.38 -6.25 15.32
CA ASP A 31 3.28 -7.10 14.10
C ASP A 31 4.34 -6.64 13.08
N LEU A 32 4.68 -7.56 12.15
CA LEU A 32 5.49 -7.23 10.96
C LEU A 32 4.80 -7.84 9.73
N VAL A 33 3.86 -7.08 9.15
CA VAL A 33 3.01 -7.54 8.04
C VAL A 33 3.73 -7.31 6.70
N ARG A 34 3.56 -8.22 5.73
CA ARG A 34 4.05 -8.05 4.36
C ARG A 34 2.89 -8.30 3.39
N LEU A 35 2.10 -7.24 3.09
CA LEU A 35 0.89 -7.38 2.24
C LEU A 35 1.23 -7.02 0.77
N PRO A 36 0.63 -7.75 -0.23
CA PRO A 36 0.81 -7.44 -1.66
C PRO A 36 0.20 -6.06 -2.03
N LEU A 37 1.02 -5.18 -2.62
CA LEU A 37 0.63 -3.80 -3.00
C LEU A 37 1.23 -3.42 -4.37
N ARG A 38 0.51 -2.57 -5.12
CA ARG A 38 0.93 -2.06 -6.45
C ARG A 38 1.78 -0.79 -6.31
N MET A 39 2.81 -0.63 -7.17
CA MET A 39 3.65 0.58 -7.24
C MET A 39 2.82 1.83 -7.62
N SER A 40 1.81 1.62 -8.49
CA SER A 40 0.91 2.68 -8.98
C SER A 40 -0.12 3.09 -7.90
N GLU A 41 -0.33 2.20 -6.92
CA GLU A 41 -1.27 2.39 -5.81
C GLU A 41 -0.54 3.14 -4.68
N PRO A 42 -1.13 4.25 -4.11
CA PRO A 42 -0.56 4.95 -2.93
C PRO A 42 -0.58 4.06 -1.65
N LEU A 43 -0.03 4.63 -0.55
CA LEU A 43 0.05 3.94 0.74
C LEU A 43 -1.33 3.66 1.34
N GLN A 44 -2.39 4.35 0.85
CA GLN A 44 -3.78 4.16 1.31
C GLN A 44 -4.22 2.67 1.25
N SER A 45 -3.54 1.88 0.39
CA SER A 45 -3.70 0.41 0.33
C SER A 45 -3.24 -0.25 1.65
N VAL A 46 -1.97 -0.01 2.07
CA VAL A 46 -1.42 -0.58 3.32
C VAL A 46 -2.16 0.00 4.54
N VAL A 47 -2.55 1.28 4.45
CA VAL A 47 -3.30 2.00 5.50
C VAL A 47 -4.60 1.26 5.85
N ASP A 48 -5.41 0.98 4.81
CA ASP A 48 -6.73 0.33 4.93
C ASP A 48 -6.60 -1.09 5.50
N HIS A 49 -5.59 -1.83 5.00
CA HIS A 49 -5.39 -3.24 5.36
C HIS A 49 -4.84 -3.37 6.81
N MET A 50 -3.95 -2.43 7.21
CA MET A 50 -3.38 -2.38 8.59
C MET A 50 -4.48 -1.98 9.60
N ALA A 51 -5.39 -1.11 9.15
CA ALA A 51 -6.51 -0.62 9.96
C ALA A 51 -7.49 -1.74 10.30
N THR A 52 -7.80 -2.58 9.31
CA THR A 52 -8.68 -3.75 9.47
C THR A 52 -7.98 -4.84 10.32
N HIS A 53 -6.64 -4.92 10.17
CA HIS A 53 -5.79 -5.86 10.91
C HIS A 53 -5.82 -5.58 12.43
N LEU A 54 -5.92 -4.31 12.80
CA LEU A 54 -5.92 -3.85 14.21
C LEU A 54 -7.35 -3.58 14.73
N GLY A 55 -8.27 -3.30 13.79
CA GLY A 55 -9.64 -2.89 14.15
C GLY A 55 -9.75 -1.40 14.46
N VAL A 56 -8.82 -0.61 13.90
CA VAL A 56 -8.79 0.87 14.01
C VAL A 56 -9.20 1.51 12.66
N SER A 57 -9.25 2.85 12.63
CA SER A 57 -9.61 3.60 11.42
C SER A 57 -8.38 3.78 10.52
N PRO A 58 -8.55 3.75 9.14
CA PRO A 58 -7.48 4.11 8.17
C PRO A 58 -6.91 5.52 8.42
N SER A 59 -7.77 6.43 8.91
CA SER A 59 -7.39 7.83 9.17
C SER A 59 -6.42 7.95 10.40
N ARG A 60 -6.20 6.81 11.10
CA ARG A 60 -5.30 6.72 12.27
C ARG A 60 -3.99 5.99 11.94
N ILE A 61 -3.94 5.25 10.81
CA ILE A 61 -2.71 4.54 10.36
C ILE A 61 -1.77 5.52 9.65
N LEU A 62 -0.65 5.87 10.30
CA LEU A 62 0.41 6.70 9.70
C LEU A 62 1.66 5.85 9.48
N LEU A 63 2.21 5.92 8.25
CA LEU A 63 3.41 5.16 7.87
C LEU A 63 4.63 6.05 8.03
N LEU A 64 5.67 5.51 8.70
CA LEU A 64 6.89 6.27 9.04
C LEU A 64 8.13 5.42 8.68
N PHE A 65 8.85 5.75 7.59
CA PHE A 65 10.01 4.94 7.14
C PHE A 65 11.22 5.27 8.03
N GLY A 66 11.42 4.46 9.07
CA GLY A 66 12.48 4.68 10.04
C GLY A 66 12.16 5.85 10.96
N GLU A 67 12.49 7.08 10.50
CA GLU A 67 12.27 8.33 11.27
C GLU A 67 11.76 9.47 10.38
N THR A 68 11.32 9.14 9.14
CA THR A 68 10.72 10.14 8.21
C THR A 68 9.20 9.94 8.15
N GLU A 69 8.44 11.04 7.96
CA GLU A 69 6.97 11.01 7.98
C GLU A 69 6.43 10.84 6.54
N LEU A 70 5.63 9.78 6.33
CA LEU A 70 5.04 9.47 5.01
C LEU A 70 3.53 9.71 5.03
N SER A 71 3.03 10.45 4.04
CA SER A 71 1.58 10.67 3.85
C SER A 71 0.91 9.38 3.31
N PRO A 72 -0.35 9.04 3.76
CA PRO A 72 -1.13 7.89 3.18
C PRO A 72 -1.47 8.12 1.69
N THR A 73 -1.52 9.40 1.30
CA THR A 73 -1.76 9.85 -0.08
C THR A 73 -0.49 9.73 -0.95
N ALA A 74 0.69 9.64 -0.31
CA ALA A 74 1.98 9.45 -1.01
C ALA A 74 2.10 8.00 -1.53
N THR A 75 2.82 7.83 -2.64
CA THR A 75 2.97 6.53 -3.32
C THR A 75 4.32 5.89 -2.93
N PRO A 76 4.36 4.52 -2.75
CA PRO A 76 5.62 3.77 -2.49
C PRO A 76 6.63 3.87 -3.65
N ARG A 77 6.13 4.31 -4.84
CA ARG A 77 6.97 4.55 -6.03
C ARG A 77 8.03 5.62 -5.76
N THR A 78 7.57 6.83 -5.36
CA THR A 78 8.48 7.98 -5.12
C THR A 78 9.33 7.77 -3.85
N LEU A 79 8.82 6.95 -2.93
CA LEU A 79 9.52 6.60 -1.68
C LEU A 79 10.58 5.53 -1.94
N LYS A 80 10.43 4.81 -3.09
CA LYS A 80 11.30 3.69 -3.50
C LYS A 80 11.28 2.58 -2.43
N LEU A 81 10.06 2.10 -2.15
CA LEU A 81 9.81 1.00 -1.21
C LEU A 81 9.77 -0.32 -1.99
N GLY A 82 10.35 -1.35 -1.38
CA GLY A 82 10.40 -2.68 -1.95
C GLY A 82 9.92 -3.72 -0.94
N VAL A 83 10.34 -4.97 -1.14
CA VAL A 83 9.89 -6.12 -0.33
C VAL A 83 10.56 -6.13 1.07
N ALA A 84 11.75 -5.52 1.16
CA ALA A 84 12.57 -5.47 2.39
C ALA A 84 12.39 -4.15 3.16
N ASP A 85 11.83 -3.13 2.49
CA ASP A 85 11.66 -1.78 3.09
C ASP A 85 10.53 -1.78 4.12
N ILE A 86 10.85 -1.37 5.36
CA ILE A 86 9.94 -1.40 6.50
C ILE A 86 9.46 0.02 6.84
N ILE A 87 8.13 0.22 6.78
CA ILE A 87 7.48 1.47 7.17
C ILE A 87 6.61 1.22 8.42
N ASP A 88 6.77 2.07 9.44
CA ASP A 88 6.13 1.89 10.76
C ASP A 88 4.65 2.33 10.72
N CYS A 89 3.73 1.35 10.85
CA CYS A 89 2.29 1.60 11.11
C CYS A 89 2.11 2.06 12.56
N VAL A 90 2.04 3.39 12.75
CA VAL A 90 1.81 4.01 14.05
C VAL A 90 0.38 4.52 14.09
N VAL A 91 -0.44 3.92 14.99
CA VAL A 91 -1.85 4.28 15.14
C VAL A 91 -1.97 5.57 15.98
N LEU A 92 -1.95 6.70 15.27
CA LEU A 92 -2.17 8.01 15.86
C LEU A 92 -3.65 8.33 15.84
N THR A 93 -4.24 8.41 17.04
CA THR A 93 -5.66 8.70 17.27
C THR A 93 -6.07 10.03 16.59
N SER A 94 -5.11 10.99 16.54
CA SER A 94 -5.21 12.30 15.86
C SER A 94 -6.02 13.32 16.69
N SER A 95 -7.22 12.92 17.12
CA SER A 95 -8.11 13.71 17.98
C SER A 95 -8.82 12.77 18.98
N GLN A 1 9.38 -26.62 -29.09
CA GLN A 1 8.67 -27.81 -28.55
C GLN A 1 7.29 -27.88 -29.21
N GLY A 2 6.51 -26.80 -29.07
CA GLY A 2 5.18 -26.68 -29.64
C GLY A 2 4.58 -25.32 -29.36
N GLN A 3 3.45 -25.00 -30.03
CA GLN A 3 2.77 -23.71 -29.87
C GLN A 3 2.11 -23.62 -28.48
N GLU A 4 2.23 -22.44 -27.85
CA GLU A 4 1.77 -22.18 -26.47
C GLU A 4 0.30 -21.66 -26.46
N ASP A 5 -0.46 -22.01 -27.53
CA ASP A 5 -1.86 -21.60 -27.73
C ASP A 5 -1.99 -20.06 -27.68
N GLU A 6 -1.46 -19.41 -28.73
CA GLU A 6 -1.35 -17.95 -28.81
C GLU A 6 -1.77 -17.45 -30.21
N VAL A 7 -2.96 -17.90 -30.68
CA VAL A 7 -3.51 -17.45 -31.98
C VAL A 7 -3.89 -15.96 -31.91
N VAL A 8 -3.64 -15.21 -33.00
CA VAL A 8 -3.99 -13.79 -33.10
C VAL A 8 -5.53 -13.63 -33.20
N LEU A 9 -6.17 -13.55 -32.01
CA LEU A 9 -7.62 -13.31 -31.87
C LEU A 9 -7.77 -11.86 -31.36
N VAL A 10 -7.64 -10.92 -32.30
CA VAL A 10 -7.69 -9.48 -32.01
C VAL A 10 -9.16 -9.02 -31.91
N GLU A 11 -9.62 -8.80 -30.66
CA GLU A 11 -10.99 -8.40 -30.36
C GLU A 11 -10.99 -7.58 -29.06
N GLY A 12 -10.80 -8.27 -27.93
CA GLY A 12 -10.81 -7.68 -26.60
C GLY A 12 -10.71 -8.78 -25.56
N PRO A 13 -9.53 -9.51 -25.49
CA PRO A 13 -9.35 -10.72 -24.63
C PRO A 13 -9.48 -10.41 -23.13
N THR A 14 -10.24 -11.27 -22.41
CA THR A 14 -10.44 -11.19 -20.95
C THR A 14 -9.09 -11.19 -20.21
N LEU A 15 -9.00 -10.44 -19.10
CA LEU A 15 -7.77 -10.31 -18.30
C LEU A 15 -7.85 -11.15 -17.01
N PRO A 16 -7.29 -12.41 -17.00
CA PRO A 16 -7.00 -13.14 -15.74
C PRO A 16 -5.63 -12.73 -15.17
N GLU A 17 -4.83 -12.05 -16.01
CA GLU A 17 -3.44 -11.67 -15.74
C GLU A 17 -3.40 -10.50 -14.75
N THR A 18 -3.29 -10.82 -13.46
CA THR A 18 -3.08 -9.82 -12.41
C THR A 18 -1.64 -9.27 -12.48
N PRO A 19 -1.41 -7.98 -12.08
CA PRO A 19 -0.06 -7.37 -12.10
C PRO A 19 0.85 -7.96 -10.98
N ARG A 20 2.12 -7.53 -10.93
CA ARG A 20 3.08 -7.99 -9.91
C ARG A 20 2.97 -7.09 -8.67
N LEU A 21 2.10 -7.50 -7.76
CA LEU A 21 1.95 -6.85 -6.46
C LEU A 21 3.08 -7.35 -5.54
N PHE A 22 4.03 -6.48 -5.22
CA PHE A 22 5.17 -6.84 -4.38
C PHE A 22 4.73 -6.83 -2.90
N PRO A 23 5.22 -7.80 -2.05
CA PRO A 23 4.93 -7.80 -0.61
C PRO A 23 5.59 -6.58 0.09
N LEU A 24 4.76 -5.57 0.37
CA LEU A 24 5.16 -4.40 1.16
C LEU A 24 5.38 -4.89 2.62
N LYS A 25 6.55 -4.58 3.20
CA LYS A 25 6.88 -4.93 4.60
C LYS A 25 6.44 -3.79 5.56
N ILE A 26 5.39 -4.05 6.33
CA ILE A 26 4.84 -3.11 7.32
C ILE A 26 5.29 -3.56 8.73
N ARG A 27 5.91 -2.64 9.48
CA ARG A 27 6.27 -2.84 10.88
C ARG A 27 5.19 -2.23 11.78
N CYS A 28 4.23 -3.07 12.21
CA CYS A 28 3.11 -2.66 13.09
C CYS A 28 3.62 -2.39 14.53
N ARG A 29 2.69 -2.15 15.46
CA ARG A 29 2.96 -1.98 16.90
C ARG A 29 3.72 -3.18 17.50
N ALA A 30 3.46 -4.37 16.94
CA ALA A 30 4.05 -5.65 17.39
C ALA A 30 4.30 -6.57 16.19
N ASP A 31 3.37 -6.55 15.23
CA ASP A 31 3.34 -7.46 14.07
C ASP A 31 4.32 -7.01 12.97
N LEU A 32 4.78 -7.96 12.17
CA LEU A 32 5.61 -7.70 10.98
C LEU A 32 4.86 -8.22 9.75
N VAL A 33 3.96 -7.37 9.23
CA VAL A 33 2.95 -7.74 8.24
C VAL A 33 3.53 -7.56 6.83
N ARG A 34 3.09 -8.41 5.90
CA ARG A 34 3.39 -8.27 4.46
C ARG A 34 2.07 -8.33 3.70
N LEU A 35 1.79 -7.35 2.84
CA LEU A 35 0.59 -7.38 1.98
C LEU A 35 0.96 -7.12 0.50
N PRO A 36 0.27 -7.80 -0.48
CA PRO A 36 0.47 -7.55 -1.92
C PRO A 36 -0.03 -6.13 -2.31
N LEU A 37 0.88 -5.33 -2.87
CA LEU A 37 0.62 -3.93 -3.27
C LEU A 37 1.47 -3.55 -4.49
N ARG A 38 0.97 -2.62 -5.32
CA ARG A 38 1.67 -2.14 -6.53
C ARG A 38 2.41 -0.81 -6.23
N MET A 39 3.45 -0.51 -7.02
CA MET A 39 4.27 0.71 -6.87
C MET A 39 3.42 1.98 -7.09
N SER A 40 2.50 1.89 -8.08
CA SER A 40 1.62 3.01 -8.46
C SER A 40 0.43 3.14 -7.47
N GLU A 41 0.09 2.03 -6.79
CA GLU A 41 -0.94 2.00 -5.74
C GLU A 41 -0.40 2.76 -4.52
N PRO A 42 -1.10 3.84 -4.02
CA PRO A 42 -0.63 4.62 -2.85
C PRO A 42 -0.63 3.81 -1.55
N LEU A 43 -0.13 4.42 -0.47
CA LEU A 43 -0.07 3.80 0.85
C LEU A 43 -1.47 3.53 1.40
N GLN A 44 -2.51 4.19 0.85
CA GLN A 44 -3.91 4.01 1.29
C GLN A 44 -4.32 2.52 1.31
N SER A 45 -3.68 1.71 0.45
CA SER A 45 -3.80 0.25 0.46
C SER A 45 -3.32 -0.33 1.81
N VAL A 46 -2.05 -0.01 2.22
CA VAL A 46 -1.47 -0.49 3.50
C VAL A 46 -2.16 0.17 4.71
N VAL A 47 -2.67 1.39 4.51
CA VAL A 47 -3.30 2.20 5.56
C VAL A 47 -4.64 1.57 5.96
N ASP A 48 -5.50 1.31 4.97
CA ASP A 48 -6.85 0.74 5.20
C ASP A 48 -6.75 -0.74 5.61
N HIS A 49 -5.74 -1.44 5.07
CA HIS A 49 -5.48 -2.86 5.38
C HIS A 49 -5.11 -3.02 6.87
N MET A 50 -4.12 -2.22 7.31
CA MET A 50 -3.63 -2.22 8.71
C MET A 50 -4.69 -1.66 9.66
N ALA A 51 -5.54 -0.74 9.15
CA ALA A 51 -6.65 -0.16 9.91
C ALA A 51 -7.65 -1.24 10.32
N THR A 52 -8.10 -2.01 9.32
CA THR A 52 -9.05 -3.11 9.52
C THR A 52 -8.40 -4.24 10.36
N HIS A 53 -7.08 -4.45 10.15
CA HIS A 53 -6.28 -5.49 10.84
C HIS A 53 -6.14 -5.19 12.35
N LEU A 54 -6.08 -3.88 12.69
CA LEU A 54 -5.97 -3.40 14.09
C LEU A 54 -7.33 -2.91 14.63
N GLY A 55 -8.36 -2.91 13.74
CA GLY A 55 -9.75 -2.54 14.11
C GLY A 55 -9.97 -1.03 14.24
N VAL A 56 -8.97 -0.24 13.83
CA VAL A 56 -8.99 1.24 13.95
C VAL A 56 -9.30 1.91 12.60
N SER A 57 -9.35 3.25 12.58
CA SER A 57 -9.60 4.05 11.38
C SER A 57 -8.33 4.13 10.50
N PRO A 58 -8.48 4.21 9.12
CA PRO A 58 -7.35 4.54 8.22
C PRO A 58 -6.74 5.93 8.55
N SER A 59 -7.57 6.80 9.12
CA SER A 59 -7.19 8.16 9.54
C SER A 59 -6.12 8.12 10.67
N ARG A 60 -6.13 7.02 11.45
CA ARG A 60 -5.20 6.79 12.56
C ARG A 60 -3.86 6.19 12.08
N ILE A 61 -3.91 5.36 11.02
CA ILE A 61 -2.72 4.64 10.51
C ILE A 61 -1.77 5.62 9.78
N LEU A 62 -0.66 5.96 10.44
CA LEU A 62 0.43 6.75 9.86
C LEU A 62 1.63 5.83 9.61
N LEU A 63 2.18 5.88 8.38
CA LEU A 63 3.41 5.14 8.04
C LEU A 63 4.61 6.07 8.26
N LEU A 64 5.69 5.52 8.84
CA LEU A 64 6.91 6.28 9.18
C LEU A 64 8.15 5.49 8.70
N PHE A 65 8.89 6.03 7.73
CA PHE A 65 10.09 5.38 7.21
C PHE A 65 11.30 5.81 8.08
N GLY A 66 11.51 5.03 9.17
CA GLY A 66 12.58 5.32 10.13
C GLY A 66 12.24 6.50 11.02
N GLU A 67 12.42 7.71 10.47
CA GLU A 67 12.14 8.97 11.19
C GLU A 67 11.08 9.80 10.44
N THR A 68 11.09 9.69 9.10
CA THR A 68 10.30 10.58 8.23
C THR A 68 8.82 10.19 8.22
N GLU A 69 7.96 11.20 8.06
CA GLU A 69 6.51 11.01 8.00
C GLU A 69 6.09 10.67 6.57
N LEU A 70 5.29 9.61 6.41
CA LEU A 70 4.75 9.19 5.10
C LEU A 70 3.24 9.40 5.07
N SER A 71 2.76 10.13 4.05
CA SER A 71 1.33 10.43 3.87
C SER A 71 0.58 9.21 3.29
N PRO A 72 -0.72 8.97 3.69
CA PRO A 72 -1.54 7.84 3.16
C PRO A 72 -1.75 7.93 1.62
N THR A 73 -1.81 9.17 1.11
CA THR A 73 -2.01 9.44 -0.33
C THR A 73 -0.70 9.27 -1.13
N ALA A 74 0.46 9.33 -0.42
CA ALA A 74 1.80 9.16 -1.03
C ALA A 74 2.00 7.70 -1.49
N THR A 75 2.70 7.52 -2.61
CA THR A 75 2.91 6.20 -3.24
C THR A 75 4.30 5.64 -2.85
N PRO A 76 4.42 4.30 -2.62
CA PRO A 76 5.73 3.63 -2.38
C PRO A 76 6.73 3.86 -3.53
N ARG A 77 6.21 4.24 -4.72
CA ARG A 77 7.02 4.69 -5.87
C ARG A 77 7.83 5.95 -5.49
N THR A 78 7.14 7.01 -5.03
CA THR A 78 7.78 8.31 -4.72
C THR A 78 8.64 8.23 -3.43
N LEU A 79 8.39 7.20 -2.60
CA LEU A 79 9.13 6.96 -1.35
C LEU A 79 10.32 6.04 -1.58
N LYS A 80 10.29 5.29 -2.71
CA LYS A 80 11.22 4.20 -3.02
C LYS A 80 11.12 3.12 -1.89
N LEU A 81 10.07 2.30 -1.96
CA LEU A 81 9.86 1.14 -1.05
C LEU A 81 9.90 -0.15 -1.87
N GLY A 82 10.04 -1.31 -1.20
CA GLY A 82 10.28 -2.59 -1.87
C GLY A 82 9.90 -3.79 -1.01
N VAL A 83 10.26 -4.99 -1.49
CA VAL A 83 9.91 -6.28 -0.87
C VAL A 83 10.57 -6.46 0.52
N ALA A 84 11.78 -5.89 0.68
CA ALA A 84 12.56 -5.97 1.93
C ALA A 84 12.66 -4.61 2.63
N ASP A 85 11.98 -3.58 2.09
CA ASP A 85 12.03 -2.21 2.64
C ASP A 85 10.82 -2.01 3.58
N ILE A 86 11.10 -1.55 4.83
CA ILE A 86 10.14 -1.60 5.95
C ILE A 86 9.66 -0.19 6.36
N ILE A 87 8.37 -0.05 6.73
CA ILE A 87 7.78 1.22 7.21
C ILE A 87 6.86 0.99 8.43
N ASP A 88 7.02 1.83 9.46
CA ASP A 88 6.32 1.74 10.76
C ASP A 88 4.83 2.15 10.66
N CYS A 89 3.92 1.17 10.82
CA CYS A 89 2.49 1.44 11.06
C CYS A 89 2.28 1.91 12.50
N VAL A 90 1.83 3.16 12.67
CA VAL A 90 1.63 3.79 13.98
C VAL A 90 0.20 4.32 14.06
N VAL A 91 -0.58 3.78 15.02
CA VAL A 91 -1.97 4.18 15.25
C VAL A 91 -2.02 5.43 16.16
N LEU A 92 -2.19 6.60 15.54
CA LEU A 92 -2.31 7.89 16.22
C LEU A 92 -3.67 8.01 16.92
N THR A 93 -3.76 8.93 17.90
CA THR A 93 -5.00 9.20 18.66
C THR A 93 -5.87 10.25 17.91
N SER A 94 -6.21 9.92 16.64
CA SER A 94 -6.97 10.80 15.74
C SER A 94 -8.44 10.88 16.17
N SER A 95 -8.71 11.76 17.16
CA SER A 95 -10.04 11.94 17.77
C SER A 95 -10.02 13.23 18.63
#